data_8C1R
#
_entry.id   8C1R
#
_cell.length_a   1.00
_cell.length_b   1.00
_cell.length_c   1.00
_cell.angle_alpha   90.00
_cell.angle_beta   90.00
_cell.angle_gamma   90.00
#
_symmetry.space_group_name_H-M   'P 1'
#
loop_
_entity.id
_entity.type
_entity.pdbx_description
1 polymer 'Glutamate receptor 2'
2 polymer 'Voltage-dependent calcium channel gamma-2 subunit'
3 non-polymer '{[7-morpholin-4-yl-2,3-dioxo-6-(trifluoromethyl)-3,4-dihydroquinoxalin-1(2H)-yl]methyl}phosphonic acid'
4 non-polymer 'PALMITIC ACID'
5 non-polymer '(2R)-2,3-dihydroxypropyl (9Z)-octadec-9-enoate'
6 non-polymer '(2S)-3-(hexadecanoyloxy)-2-[(9Z)-octadec-9-enoyloxy]propyl 2-(trimethylammonio)ethyl phosphate'
7 water water
#
loop_
_entity_poly.entity_id
_entity_poly.type
_entity_poly.pdbx_seq_one_letter_code
_entity_poly.pdbx_strand_id
1 'polypeptide(L)'
;MQKIMHISVLLSPVLWGLIFGDYKDDDDKVSSNSIQIGGLFPRGADQEYSAFRVGMVQFSTSEFRLTPHIDNLEVANSFA
VTNAFCSQFSRGVYAIFGFYDKKSVNTITSFCGTLHVSFITPSFPTDGTHPFVIQMRPDLKGALLSLIEYYQWDKFAYLY
DSDRGLSTLQAVLDSAAEKKWQVTAINVGNINNDKKDETYRSLFQDLELKKERRVILDCERDKVNDIVDQVITIGKHVKG
YHYIIANLGFTDGDLLKIQFGGANVSGFQIVDYDDSLVSKFIERWSTLEEKEYPGAHTATIKYTSALTYDAVQVMTEAFR
NLRKQRIEISRRGNAGDCLANPAVPWGQGVEIERALKQVQVEGLSGNIKFDQNGKRINYTINIMELKTNGPRKIGYWSEV
DKMVVTLTELPSGNDTSGLENKTVVVTTILESPYVMMKKNHEMLEGNERYEGYCVDLAAEIAKHCGFKYKLTIVGDGKYG
ARDADTKIWNGMVGELVYGKADIAIAPLTITLVREEVIDFSKPFMSLGISIMIKKPQKSKPGVFSFLDPLAYEIWMCIVF
AYIGVSVVLFLVSRFSPYEWHTEEFEDGRETQSSESTNEFGIFNSLWFSLGAFMRQGCDISPRSLSGRIVGGVWWFFTLI
IISSYTANLAAFLTVERMVSPIESAEDLSKQTEIAYGTLDSGSTKEFFRRSKIAVFDKMWTYMRSAEPSVFVRTTAEGVA
RVRKSKGKYAYLLESTMNEYIEQRKPCDTMKVGGNLDSKGYGIATPKGSSLGTPVNLAVLKLSEQGVLDKLKNKWWYDKG
ECGAKDSGSKEKTSALSLSNVAGVFYILVGGLGLAMLVALIEFCYKSRAEAKRMKVAKNPQNINPSSSQNSQNFATYKEG
YNVYGIESVKI
;
A,B,C,D
2 'polypeptide(L)'
;GLFDRGVQMLLTTVGAFAAFSLMTIAVGTDYWLYSRGVCKTKSVSENETSKKNEEVMTHSGLWRTCCLEGNFKGLCKQID
HFPEDADYEADTAEYFLRAVRASSIFPILSVILLFMGGLCIAASEFYKTRHNIILSAGIFFVSAGLSNIIGIIVYISANA
GDPSKSDSKKNSYSYGWSFYFGALSFIIAEMVGVLAVHMFIDRHKQLRATARATDYLQASAITRIPSYRYRYQRRSRSSS
RSTEPSHSRDASPVGVKGFNTLPSTEISMYTLSRDPLKAATTPTATYNSDRDNSFLQVHNCIQKDSKDSLHANTANRRTT
PV
;
E,F,G,H
#
# COMPACT_ATOMS: atom_id res chain seq x y z
N THR A 423 10.50 -59.70 36.93
CA THR A 423 11.12 -58.46 36.38
C THR A 423 10.53 -58.17 35.00
N VAL A 424 10.38 -56.87 34.69
CA VAL A 424 9.76 -56.42 33.46
C VAL A 424 10.83 -55.78 32.57
N VAL A 425 10.86 -56.24 31.32
CA VAL A 425 11.80 -55.71 30.35
C VAL A 425 11.09 -54.63 29.53
N VAL A 426 11.64 -53.41 29.57
CA VAL A 426 11.00 -52.25 28.98
C VAL A 426 11.76 -51.87 27.72
N THR A 427 11.17 -52.14 26.57
CA THR A 427 11.81 -51.84 25.30
C THR A 427 11.57 -50.39 24.93
N THR A 428 12.59 -49.76 24.37
CA THR A 428 12.50 -48.38 23.90
C THR A 428 13.32 -48.25 22.63
N ILE A 429 13.56 -47.01 22.18
CA ILE A 429 14.38 -46.75 21.02
C ILE A 429 15.11 -45.44 21.25
N LEU A 430 16.27 -45.32 20.60
CA LEU A 430 17.11 -44.14 20.72
C LEU A 430 16.49 -42.96 19.97
N GLU A 431 16.05 -41.95 20.73
CA GLU A 431 15.52 -40.73 20.13
C GLU A 431 15.55 -39.62 21.16
N SER A 432 16.29 -38.56 20.86
CA SER A 432 16.36 -37.42 21.76
C SER A 432 15.09 -36.61 21.63
N PRO A 433 14.48 -36.11 22.72
CA PRO A 433 14.87 -36.34 24.11
C PRO A 433 14.20 -37.53 24.76
N TYR A 434 13.59 -38.41 23.97
CA TYR A 434 12.84 -39.52 24.54
C TYR A 434 13.78 -40.48 25.26
N VAL A 435 14.84 -40.91 24.58
CA VAL A 435 15.83 -41.80 25.16
C VAL A 435 17.19 -41.43 24.59
N MET A 436 18.09 -40.95 25.46
CA MET A 436 19.43 -40.57 25.05
C MET A 436 20.41 -41.25 25.99
N MET A 437 21.55 -41.68 25.42
CA MET A 437 22.66 -42.19 26.22
C MET A 437 23.19 -41.08 27.12
N LYS A 438 23.35 -41.37 28.41
CA LYS A 438 23.88 -40.39 29.34
C LYS A 438 25.30 -39.99 28.93
N LYS A 439 25.82 -38.93 29.54
CA LYS A 439 27.10 -38.35 29.14
C LYS A 439 28.23 -39.39 29.18
N ASN A 440 28.31 -40.18 30.27
CA ASN A 440 29.41 -41.10 30.47
C ASN A 440 28.87 -42.53 30.60
N HIS A 441 28.00 -42.94 29.70
CA HIS A 441 27.41 -44.29 29.76
C HIS A 441 28.46 -45.41 29.74
N GLU A 442 29.60 -45.16 29.07
CA GLU A 442 30.69 -46.11 28.99
C GLU A 442 31.21 -46.50 30.38
N MET A 443 31.02 -45.62 31.38
CA MET A 443 31.44 -45.89 32.75
C MET A 443 30.24 -45.82 33.71
N LEU A 444 29.12 -46.42 33.31
CA LEU A 444 27.93 -46.46 34.16
C LEU A 444 27.25 -47.82 34.01
N GLU A 445 26.39 -48.11 34.99
CA GLU A 445 25.66 -49.38 35.07
C GLU A 445 24.52 -49.40 34.05
N GLY A 446 23.84 -50.55 33.96
CA GLY A 446 22.85 -50.82 32.93
C GLY A 446 21.86 -49.68 32.68
N ASN A 447 20.96 -49.45 33.64
CA ASN A 447 19.91 -48.46 33.46
C ASN A 447 20.44 -47.03 33.29
N GLU A 448 21.48 -46.69 34.05
CA GLU A 448 21.97 -45.31 34.06
C GLU A 448 22.57 -44.90 32.71
N ARG A 449 22.83 -45.85 31.82
CA ARG A 449 23.32 -45.51 30.49
C ARG A 449 22.33 -44.63 29.73
N TYR A 450 21.02 -44.79 30.02
CA TYR A 450 19.97 -44.13 29.26
C TYR A 450 19.41 -42.94 30.03
N GLU A 451 19.10 -41.87 29.29
CA GLU A 451 18.47 -40.69 29.88
C GLU A 451 17.59 -40.01 28.84
N GLY A 452 16.45 -39.49 29.28
CA GLY A 452 15.54 -38.79 28.39
C GLY A 452 14.17 -38.65 29.01
N TYR A 453 13.18 -38.37 28.15
CA TYR A 453 11.80 -38.22 28.58
C TYR A 453 11.22 -39.57 28.95
N CYS A 454 11.46 -40.56 28.09
CA CYS A 454 10.80 -41.86 28.24
C CYS A 454 11.33 -42.60 29.45
N VAL A 455 12.60 -42.43 29.79
CA VAL A 455 13.15 -43.11 30.94
C VAL A 455 12.48 -42.59 32.21
N ASP A 456 12.27 -41.28 32.31
CA ASP A 456 11.61 -40.72 33.47
C ASP A 456 10.14 -41.13 33.50
N LEU A 457 9.52 -41.23 32.32
CA LEU A 457 8.14 -41.73 32.26
C LEU A 457 8.08 -43.17 32.76
N ALA A 458 9.05 -43.99 32.36
CA ALA A 458 9.12 -45.37 32.83
C ALA A 458 9.30 -45.41 34.35
N ALA A 459 10.16 -44.55 34.87
CA ALA A 459 10.36 -44.46 36.30
C ALA A 459 9.04 -44.16 37.02
N GLU A 460 8.29 -43.19 36.50
CA GLU A 460 7.02 -42.79 37.11
C GLU A 460 6.01 -43.95 37.04
N ILE A 461 5.98 -44.65 35.90
CA ILE A 461 5.05 -45.76 35.72
C ILE A 461 5.37 -46.84 36.74
N ALA A 462 6.66 -47.15 36.89
CA ALA A 462 7.07 -48.18 37.83
C ALA A 462 6.69 -47.77 39.25
N LYS A 463 6.97 -46.51 39.60
CA LYS A 463 6.67 -46.03 40.93
C LYS A 463 5.18 -46.16 41.23
N HIS A 464 4.33 -45.91 40.23
CA HIS A 464 2.90 -46.10 40.39
C HIS A 464 2.56 -47.58 40.60
N CYS A 465 3.05 -48.43 39.71
CA CYS A 465 2.69 -49.84 39.73
C CYS A 465 3.55 -50.65 40.71
N GLY A 466 4.74 -50.14 41.05
CA GLY A 466 5.63 -50.82 41.99
C GLY A 466 6.19 -52.13 41.43
N PHE A 467 7.12 -52.02 40.48
CA PHE A 467 7.84 -53.18 39.99
C PHE A 467 9.24 -52.79 39.56
N LYS A 468 10.13 -53.79 39.51
CA LYS A 468 11.51 -53.57 39.09
C LYS A 468 11.61 -53.87 37.60
N TYR A 469 12.32 -52.99 36.89
CA TYR A 469 12.32 -53.01 35.44
C TYR A 469 13.74 -52.83 34.88
N LYS A 470 13.92 -53.33 33.67
CA LYS A 470 15.18 -53.22 32.95
C LYS A 470 14.92 -52.58 31.61
N LEU A 471 15.50 -51.39 31.41
CA LEU A 471 15.41 -50.73 30.10
C LEU A 471 16.25 -51.47 29.09
N THR A 472 15.75 -51.52 27.86
CA THR A 472 16.45 -52.15 26.77
C THR A 472 16.20 -51.35 25.51
N ILE A 473 17.06 -51.57 24.51
CA ILE A 473 16.91 -50.96 23.20
C ILE A 473 16.45 -52.03 22.23
N VAL A 474 15.46 -51.69 21.42
CA VAL A 474 15.05 -52.55 20.33
C VAL A 474 16.27 -52.93 19.48
N GLY A 475 16.25 -54.17 18.98
CA GLY A 475 17.34 -54.67 18.16
C GLY A 475 17.61 -53.79 16.93
N ASP A 476 16.64 -53.74 16.03
CA ASP A 476 16.86 -53.14 14.71
C ASP A 476 16.54 -51.64 14.67
N GLY A 477 16.17 -51.05 15.82
CA GLY A 477 15.90 -49.62 15.86
C GLY A 477 14.75 -49.18 14.95
N LYS A 478 13.69 -50.00 14.89
CA LYS A 478 12.51 -49.68 14.09
C LYS A 478 11.29 -49.70 15.01
N TYR A 479 10.36 -48.76 14.80
CA TYR A 479 9.19 -48.66 15.64
C TYR A 479 8.29 -49.87 15.46
N GLY A 480 8.01 -50.23 14.20
CA GLY A 480 7.20 -51.40 13.93
C GLY A 480 6.49 -51.33 12.59
N ALA A 481 6.28 -52.48 11.98
CA ALA A 481 5.55 -52.59 10.73
C ALA A 481 5.35 -54.08 10.43
N ARG A 482 4.21 -54.39 9.79
CA ARG A 482 3.90 -55.75 9.39
C ARG A 482 4.28 -55.91 7.92
N ASP A 483 5.17 -56.87 7.65
CA ASP A 483 5.55 -57.21 6.29
C ASP A 483 4.34 -57.73 5.53
N ALA A 484 3.88 -56.96 4.53
CA ALA A 484 2.73 -57.35 3.74
C ALA A 484 2.90 -58.74 3.10
N ASP A 485 4.16 -59.14 2.85
CA ASP A 485 4.46 -60.42 2.25
C ASP A 485 4.61 -61.50 3.33
N THR A 486 5.55 -61.31 4.25
CA THR A 486 5.84 -62.30 5.27
C THR A 486 4.86 -62.22 6.42
N LYS A 487 4.10 -61.11 6.53
CA LYS A 487 3.10 -60.93 7.59
C LYS A 487 3.74 -61.04 8.97
N ILE A 488 4.96 -60.49 9.10
CA ILE A 488 5.69 -60.50 10.35
C ILE A 488 5.86 -59.05 10.80
N TRP A 489 5.47 -58.79 12.04
CA TRP A 489 5.78 -57.51 12.69
C TRP A 489 7.27 -57.44 12.96
N ASN A 490 7.83 -56.24 12.81
CA ASN A 490 9.22 -55.98 13.12
C ASN A 490 9.32 -54.93 14.23
N GLY A 491 10.56 -54.61 14.59
CA GLY A 491 10.79 -53.53 15.53
C GLY A 491 10.12 -53.80 16.89
N MET A 492 9.67 -52.71 17.51
CA MET A 492 9.11 -52.81 18.84
C MET A 492 7.79 -53.57 18.82
N VAL A 493 6.97 -53.36 17.80
CA VAL A 493 5.69 -54.06 17.73
C VAL A 493 5.93 -55.57 17.64
N GLY A 494 6.95 -55.97 16.87
CA GLY A 494 7.34 -57.37 16.83
C GLY A 494 7.79 -57.87 18.19
N GLU A 495 8.67 -57.11 18.83
CA GLU A 495 9.22 -57.52 20.11
C GLU A 495 8.16 -57.57 21.20
N LEU A 496 7.00 -56.94 20.96
CA LEU A 496 5.90 -57.04 21.90
C LEU A 496 5.01 -58.22 21.58
N VAL A 497 4.61 -58.33 20.31
CA VAL A 497 3.66 -59.37 19.92
C VAL A 497 4.27 -60.77 20.07
N TYR A 498 5.57 -60.90 19.80
CA TYR A 498 6.25 -62.19 19.86
C TYR A 498 6.87 -62.47 21.21
N GLY A 499 6.64 -61.62 22.21
CA GLY A 499 6.99 -61.94 23.60
C GLY A 499 8.41 -61.56 23.99
N LYS A 500 9.19 -60.94 23.07
CA LYS A 500 10.56 -60.56 23.40
C LYS A 500 10.60 -59.50 24.51
N ALA A 501 9.54 -58.68 24.62
CA ALA A 501 9.48 -57.62 25.61
C ALA A 501 8.10 -57.57 26.25
N ASP A 502 8.02 -57.02 27.46
CA ASP A 502 6.80 -57.01 28.25
C ASP A 502 6.12 -55.64 28.31
N ILE A 503 6.80 -54.59 27.86
CA ILE A 503 6.19 -53.27 27.74
C ILE A 503 7.09 -52.39 26.89
N ALA A 504 6.52 -51.49 26.10
CA ALA A 504 7.27 -50.57 25.27
C ALA A 504 6.88 -49.15 25.62
N ILE A 505 7.85 -48.34 26.06
CA ILE A 505 7.62 -47.02 26.59
C ILE A 505 8.45 -46.03 25.79
N ALA A 506 8.52 -46.23 24.48
CA ALA A 506 9.12 -45.24 23.58
C ALA A 506 8.01 -44.42 22.95
N PRO A 507 8.30 -43.36 22.16
CA PRO A 507 7.25 -42.59 21.50
C PRO A 507 6.67 -43.36 20.33
N LEU A 508 5.51 -44.00 20.55
CA LEU A 508 4.97 -44.97 19.60
C LEU A 508 3.59 -44.50 19.19
N THR A 509 3.42 -44.27 17.88
CA THR A 509 2.17 -43.75 17.39
C THR A 509 1.05 -44.76 17.63
N ILE A 510 -0.16 -44.26 17.86
CA ILE A 510 -1.33 -45.07 18.01
C ILE A 510 -1.99 -45.16 16.65
N THR A 511 -2.01 -46.37 16.07
CA THR A 511 -2.55 -46.57 14.74
C THR A 511 -3.45 -47.80 14.76
N LEU A 512 -4.31 -47.88 13.75
CA LEU A 512 -5.27 -48.98 13.64
C LEU A 512 -4.55 -50.31 13.45
N VAL A 513 -3.53 -50.33 12.58
CA VAL A 513 -2.78 -51.53 12.31
C VAL A 513 -2.08 -52.03 13.58
N ARG A 514 -1.46 -51.11 14.32
CA ARG A 514 -0.78 -51.50 15.54
C ARG A 514 -1.79 -51.85 16.63
N GLU A 515 -2.90 -51.13 16.69
CA GLU A 515 -3.88 -51.35 17.75
C GLU A 515 -4.54 -52.73 17.62
N GLU A 516 -4.50 -53.32 16.41
CA GLU A 516 -5.14 -54.61 16.21
C GLU A 516 -4.45 -55.74 16.98
N VAL A 517 -3.12 -55.68 17.11
CA VAL A 517 -2.35 -56.79 17.63
C VAL A 517 -1.82 -56.58 19.04
N ILE A 518 -1.81 -55.34 19.55
CA ILE A 518 -1.30 -55.02 20.88
C ILE A 518 -2.31 -54.13 21.58
N ASP A 519 -1.97 -53.67 22.79
CA ASP A 519 -2.81 -52.76 23.55
C ASP A 519 -2.05 -51.45 23.76
N PHE A 520 -2.77 -50.34 23.56
CA PHE A 520 -2.25 -49.01 23.79
C PHE A 520 -2.93 -48.41 25.00
N SER A 521 -2.16 -47.72 25.84
CA SER A 521 -2.74 -46.84 26.84
C SER A 521 -3.31 -45.61 26.16
N LYS A 522 -3.98 -44.77 26.93
CA LYS A 522 -4.43 -43.50 26.38
C LYS A 522 -3.20 -42.67 26.08
N PRO A 523 -3.28 -41.73 25.12
CA PRO A 523 -2.08 -41.00 24.73
C PRO A 523 -1.46 -40.27 25.92
N PHE A 524 -0.13 -40.35 26.03
CA PHE A 524 0.60 -39.52 26.96
C PHE A 524 1.21 -38.30 26.28
N MET A 525 1.04 -38.16 24.96
CA MET A 525 1.53 -36.98 24.26
C MET A 525 0.77 -36.88 22.95
N SER A 526 0.03 -35.78 22.79
CA SER A 526 -0.68 -35.47 21.57
C SER A 526 0.17 -34.57 20.68
N LEU A 527 0.12 -34.82 19.37
CA LEU A 527 0.98 -34.14 18.44
C LEU A 527 0.42 -34.27 17.04
N GLY A 528 1.19 -33.80 16.05
CA GLY A 528 0.74 -33.87 14.68
C GLY A 528 1.81 -33.38 13.72
N ILE A 529 1.46 -33.31 12.44
CA ILE A 529 2.31 -32.69 11.44
C ILE A 529 2.27 -31.18 11.63
N SER A 530 3.41 -30.55 11.36
CA SER A 530 3.55 -29.13 11.56
C SER A 530 4.63 -28.60 10.65
N ILE A 531 4.57 -27.27 10.42
CA ILE A 531 5.46 -26.57 9.52
C ILE A 531 6.65 -26.05 10.30
N MET A 532 7.80 -26.02 9.61
CA MET A 532 9.04 -25.55 10.19
C MET A 532 9.73 -24.65 9.19
N ILE A 533 10.17 -23.48 9.65
CA ILE A 533 10.90 -22.54 8.80
C ILE A 533 12.04 -21.94 9.60
N LYS A 534 12.88 -21.16 8.90
CA LYS A 534 13.94 -20.42 9.55
C LYS A 534 13.34 -19.22 10.28
N LYS A 535 14.03 -18.78 11.34
CA LYS A 535 13.58 -17.63 12.09
C LYS A 535 13.55 -16.43 11.15
N PRO A 536 12.63 -15.46 11.36
CA PRO A 536 12.49 -14.36 10.42
C PRO A 536 13.75 -13.51 10.20
N GLN A 537 14.69 -13.50 11.16
CA GLN A 537 16.00 -12.89 10.99
C GLN A 537 15.83 -11.40 10.67
N LYS A 538 15.34 -10.66 11.67
CA LYS A 538 15.19 -9.21 11.58
C LYS A 538 16.42 -8.58 10.94
N SER A 539 16.19 -7.68 9.97
CA SER A 539 17.27 -7.06 9.22
C SER A 539 17.90 -5.93 10.04
N LYS A 540 19.23 -5.81 9.96
CA LYS A 540 19.92 -4.67 10.55
C LYS A 540 20.08 -3.63 9.45
N PRO A 541 19.50 -2.42 9.57
CA PRO A 541 19.68 -1.40 8.54
C PRO A 541 21.14 -0.97 8.44
N GLY A 542 21.56 -0.66 7.21
CA GLY A 542 22.86 -0.04 6.98
C GLY A 542 22.98 1.31 7.67
N VAL A 543 24.18 1.77 7.90
CA VAL A 543 24.38 3.08 8.48
C VAL A 543 23.90 4.15 7.51
N PHE A 544 24.36 4.05 6.27
CA PHE A 544 23.95 5.01 5.24
C PHE A 544 22.80 4.41 4.44
N SER A 545 21.76 4.01 5.14
CA SER A 545 20.58 3.43 4.53
C SER A 545 19.61 4.53 4.11
N PHE A 546 19.82 5.77 4.54
CA PHE A 546 18.97 6.85 4.11
C PHE A 546 19.20 7.18 2.63
N LEU A 547 20.26 6.63 2.02
CA LEU A 547 20.44 6.80 0.60
C LEU A 547 19.75 5.74 -0.26
N ASP A 548 19.04 4.79 0.35
CA ASP A 548 18.49 3.68 -0.37
C ASP A 548 17.40 4.06 -1.36
N PRO A 549 16.52 5.01 -1.06
CA PRO A 549 15.47 5.35 -2.01
C PRO A 549 15.93 5.69 -3.42
N LEU A 550 17.14 6.20 -3.61
CA LEU A 550 17.62 6.51 -4.96
C LEU A 550 18.83 5.62 -5.23
N ALA A 551 18.92 5.18 -6.48
CA ALA A 551 20.07 4.41 -6.94
C ALA A 551 21.36 5.18 -6.74
N TYR A 552 22.46 4.44 -6.74
CA TYR A 552 23.80 5.03 -6.58
C TYR A 552 24.07 6.00 -7.71
N GLU A 553 23.67 5.66 -8.92
CA GLU A 553 23.97 6.51 -10.05
C GLU A 553 23.19 7.84 -9.99
N ILE A 554 22.01 7.85 -9.39
CA ILE A 554 21.31 9.12 -9.22
C ILE A 554 22.07 10.04 -8.29
N TRP A 555 22.59 9.51 -7.17
CA TRP A 555 23.40 10.35 -6.28
C TRP A 555 24.65 10.87 -7.00
N MET A 556 25.32 9.99 -7.75
CA MET A 556 26.50 10.40 -8.44
C MET A 556 26.18 11.54 -9.43
N CYS A 557 25.12 11.38 -10.20
CA CYS A 557 24.77 12.38 -11.18
C CYS A 557 24.24 13.66 -10.53
N ILE A 558 23.62 13.55 -9.35
CA ILE A 558 23.23 14.74 -8.63
C ILE A 558 24.47 15.55 -8.26
N VAL A 559 25.52 14.88 -7.80
CA VAL A 559 26.75 15.59 -7.47
C VAL A 559 27.36 16.26 -8.68
N PHE A 560 27.43 15.54 -9.80
CA PHE A 560 27.95 16.15 -11.01
C PHE A 560 27.12 17.32 -11.47
N ALA A 561 25.81 17.18 -11.43
CA ALA A 561 24.91 18.26 -11.80
C ALA A 561 25.11 19.46 -10.90
N TYR A 562 25.34 19.24 -9.61
CA TYR A 562 25.57 20.35 -8.70
C TYR A 562 26.82 21.12 -9.06
N ILE A 563 27.91 20.40 -9.35
CA ILE A 563 29.13 21.07 -9.76
C ILE A 563 28.91 21.83 -11.09
N GLY A 564 28.23 21.20 -12.05
CA GLY A 564 27.98 21.85 -13.31
C GLY A 564 27.18 23.13 -13.15
N VAL A 565 26.08 23.04 -12.40
CA VAL A 565 25.20 24.19 -12.25
C VAL A 565 25.96 25.31 -11.56
N SER A 566 26.72 25.00 -10.50
CA SER A 566 27.46 26.04 -9.78
C SER A 566 28.47 26.73 -10.71
N VAL A 567 29.20 25.93 -11.49
CA VAL A 567 30.16 26.51 -12.41
C VAL A 567 29.47 27.38 -13.47
N VAL A 568 28.40 26.93 -14.06
CA VAL A 568 27.77 27.69 -15.12
C VAL A 568 27.14 28.96 -14.55
N LEU A 569 26.57 28.88 -13.36
CA LEU A 569 26.00 30.08 -12.74
C LEU A 569 27.11 31.10 -12.48
N PHE A 570 28.27 30.64 -12.01
CA PHE A 570 29.40 31.53 -11.83
C PHE A 570 29.81 32.15 -13.14
N LEU A 571 29.90 31.34 -14.19
CA LEU A 571 30.34 31.86 -15.48
C LEU A 571 29.37 32.92 -16.02
N VAL A 572 28.10 32.58 -16.21
CA VAL A 572 27.19 33.50 -16.88
C VAL A 572 26.98 34.77 -16.05
N SER A 573 27.07 34.67 -14.73
CA SER A 573 26.78 35.78 -13.86
C SER A 573 27.94 36.74 -13.74
N ARG A 574 29.12 36.36 -14.21
CA ARG A 574 30.33 37.04 -13.73
C ARG A 574 31.37 37.28 -14.81
N PHE A 575 31.27 36.75 -16.03
CA PHE A 575 32.39 36.92 -16.94
C PHE A 575 32.34 38.26 -17.65
N SER A 576 31.16 38.69 -18.10
CA SER A 576 31.08 39.80 -19.04
C SER A 576 31.52 41.08 -18.35
N PRO A 577 32.50 41.84 -18.90
CA PRO A 577 32.94 43.07 -18.27
C PRO A 577 31.85 44.13 -18.11
N TYR A 578 30.75 43.97 -18.87
CA TYR A 578 29.69 44.96 -18.90
C TYR A 578 28.75 44.86 -17.70
N GLU A 579 28.89 43.81 -16.88
CA GLU A 579 28.10 43.66 -15.67
C GLU A 579 28.75 44.28 -14.44
N TRP A 580 29.99 44.76 -14.54
CA TRP A 580 30.64 45.45 -13.43
C TRP A 580 30.23 46.92 -13.42
N ASN A 598 27.31 39.23 -2.01
CA ASN A 598 26.01 39.68 -2.58
C ASN A 598 25.89 39.35 -4.07
N GLU A 599 26.97 38.91 -4.69
CA GLU A 599 27.02 38.65 -6.10
C GLU A 599 27.61 37.25 -6.27
N PHE A 600 27.38 36.64 -7.44
CA PHE A 600 27.64 35.23 -7.58
C PHE A 600 29.06 34.96 -8.02
N GLY A 601 29.97 34.91 -7.06
CA GLY A 601 31.29 34.38 -7.34
C GLY A 601 31.25 32.88 -7.34
N ILE A 602 32.39 32.22 -7.41
CA ILE A 602 32.35 30.77 -7.44
C ILE A 602 31.82 30.22 -6.12
N PHE A 603 32.32 30.75 -5.01
N PHE A 603 32.28 30.77 -5.01
CA PHE A 603 31.91 30.24 -3.71
CA PHE A 603 31.91 30.19 -3.73
C PHE A 603 30.45 30.54 -3.45
C PHE A 603 30.46 30.56 -3.39
N ASN A 604 30.00 31.73 -3.82
CA ASN A 604 28.61 32.07 -3.62
C ASN A 604 27.72 31.29 -4.57
N SER A 605 28.21 31.02 -5.78
CA SER A 605 27.47 30.16 -6.71
C SER A 605 27.26 28.76 -6.10
N LEU A 606 28.31 28.19 -5.54
CA LEU A 606 28.20 26.89 -4.90
C LEU A 606 27.21 26.95 -3.73
N TRP A 607 27.25 27.99 -2.94
CA TRP A 607 26.36 28.07 -1.81
C TRP A 607 24.92 28.19 -2.29
N PHE A 608 24.69 29.00 -3.31
CA PHE A 608 23.34 29.18 -3.82
C PHE A 608 22.80 27.82 -4.30
N SER A 609 23.59 27.10 -5.06
CA SER A 609 23.16 25.83 -5.57
C SER A 609 22.84 24.87 -4.44
N LEU A 610 23.72 24.78 -3.45
CA LEU A 610 23.52 23.85 -2.36
C LEU A 610 22.24 24.22 -1.65
N GLY A 611 22.05 25.45 -1.36
CA GLY A 611 20.87 25.79 -0.61
C GLY A 611 19.64 25.57 -1.43
N ALA A 612 19.69 25.77 -2.73
CA ALA A 612 18.54 25.51 -3.57
C ALA A 612 18.19 24.04 -3.56
N PHE A 613 19.18 23.16 -3.52
CA PHE A 613 18.91 21.74 -3.45
C PHE A 613 18.24 21.34 -2.15
N MET A 614 18.64 21.88 -1.02
CA MET A 614 18.06 21.52 0.26
C MET A 614 16.78 22.29 0.53
N ARG A 615 16.27 23.05 -0.47
CA ARG A 615 15.03 23.81 -0.31
C ARG A 615 15.16 24.75 0.88
N GLN A 616 16.37 25.26 1.11
CA GLN A 616 16.67 26.06 2.28
C GLN A 616 16.86 27.52 1.93
N GLY A 617 16.00 28.01 1.02
CA GLY A 617 15.88 29.45 0.83
C GLY A 617 17.22 30.08 0.47
N CYS A 618 17.13 31.32 0.00
CA CYS A 618 18.28 31.99 -0.56
C CYS A 618 18.49 33.32 0.14
N ASP A 619 19.75 33.66 0.25
CA ASP A 619 20.15 34.95 0.77
C ASP A 619 20.26 35.89 -0.42
N ILE A 620 20.46 35.33 -1.61
CA ILE A 620 20.67 36.08 -2.84
C ILE A 620 20.16 35.21 -3.96
N SER A 621 19.53 35.78 -4.98
CA SER A 621 19.16 34.99 -6.15
C SER A 621 19.61 35.73 -7.39
N PRO A 622 19.82 35.06 -8.52
CA PRO A 622 20.31 35.73 -9.72
C PRO A 622 19.35 36.82 -10.17
N ARG A 623 19.90 37.85 -10.84
CA ARG A 623 19.10 38.95 -11.34
C ARG A 623 19.07 39.04 -12.85
N SER A 624 20.03 38.41 -13.53
CA SER A 624 20.13 38.46 -14.98
C SER A 624 19.28 37.38 -15.60
N LEU A 625 19.06 37.51 -16.90
CA LEU A 625 18.29 36.51 -17.63
C LEU A 625 19.01 35.17 -17.58
N SER A 626 20.34 35.14 -17.79
CA SER A 626 21.06 33.89 -17.84
C SER A 626 21.10 33.24 -16.46
N GLY A 627 21.42 34.03 -15.46
CA GLY A 627 21.42 33.52 -14.12
C GLY A 627 20.07 32.98 -13.74
N ARG A 628 19.00 33.66 -14.16
CA ARG A 628 17.67 33.21 -13.82
C ARG A 628 17.27 31.95 -14.58
N ILE A 629 17.76 31.76 -15.79
CA ILE A 629 17.51 30.51 -16.48
C ILE A 629 18.15 29.37 -15.71
N VAL A 630 19.41 29.56 -15.32
CA VAL A 630 20.12 28.53 -14.59
C VAL A 630 19.42 28.23 -13.27
N GLY A 631 19.07 29.27 -12.55
CA GLY A 631 18.42 29.09 -11.28
C GLY A 631 17.09 28.36 -11.41
N GLY A 632 16.30 28.73 -12.41
CA GLY A 632 15.00 28.13 -12.57
C GLY A 632 15.08 26.67 -12.91
N VAL A 633 15.97 26.33 -13.80
CA VAL A 633 16.13 24.93 -14.19
C VAL A 633 16.63 24.14 -12.98
N TRP A 634 17.58 24.65 -12.22
CA TRP A 634 18.06 23.94 -11.06
C TRP A 634 16.97 23.78 -10.02
N TRP A 635 16.10 24.77 -9.87
CA TRP A 635 14.95 24.64 -8.98
C TRP A 635 13.96 23.56 -9.42
N PHE A 636 13.74 23.45 -10.72
CA PHE A 636 12.92 22.38 -11.23
C PHE A 636 13.54 21.02 -10.92
N PHE A 637 14.82 20.90 -11.19
CA PHE A 637 15.52 19.65 -10.95
C PHE A 637 15.38 19.26 -9.50
N THR A 638 15.64 20.20 -8.62
CA THR A 638 15.59 19.95 -7.20
C THR A 638 14.18 19.49 -6.81
N LEU A 639 13.14 20.18 -7.27
CA LEU A 639 11.78 19.83 -6.89
C LEU A 639 11.44 18.39 -7.28
N ILE A 640 11.77 18.02 -8.51
CA ILE A 640 11.47 16.67 -8.94
C ILE A 640 12.28 15.66 -8.13
N ILE A 641 13.57 15.89 -7.93
CA ILE A 641 14.41 14.89 -7.29
C ILE A 641 14.02 14.72 -5.82
N ILE A 642 13.70 15.80 -5.11
CA ILE A 642 13.37 15.66 -3.71
C ILE A 642 12.02 15.03 -3.54
N SER A 643 11.06 15.42 -4.38
CA SER A 643 9.74 14.78 -4.34
C SER A 643 9.89 13.28 -4.58
N SER A 644 10.75 12.91 -5.51
CA SER A 644 10.95 11.53 -5.85
C SER A 644 11.60 10.77 -4.71
N TYR A 645 12.52 11.38 -4.03
CA TYR A 645 13.12 10.76 -2.85
C TYR A 645 12.08 10.48 -1.77
N THR A 646 11.25 11.44 -1.47
CA THR A 646 10.25 11.23 -0.45
C THR A 646 9.25 10.16 -0.89
N ALA A 647 8.82 10.21 -2.14
CA ALA A 647 7.81 9.27 -2.59
C ALA A 647 8.37 7.85 -2.57
N ASN A 648 9.60 7.65 -3.03
CA ASN A 648 10.15 6.31 -3.02
C ASN A 648 10.44 5.81 -1.61
N LEU A 649 10.79 6.68 -0.69
CA LEU A 649 10.93 6.25 0.69
C LEU A 649 9.58 5.81 1.21
N ALA A 650 8.52 6.55 0.90
CA ALA A 650 7.19 6.16 1.36
C ALA A 650 6.82 4.80 0.79
N ALA A 651 7.13 4.57 -0.48
CA ALA A 651 6.88 3.28 -1.09
C ALA A 651 7.66 2.17 -0.37
N PHE A 652 8.94 2.39 -0.10
N PHE A 652 8.94 2.38 -0.12
CA PHE A 652 9.72 1.44 0.68
CA PHE A 652 9.69 1.41 0.64
C PHE A 652 9.05 1.05 1.98
C PHE A 652 9.07 1.07 1.98
N LEU A 653 8.69 2.05 2.76
CA LEU A 653 8.18 1.76 4.10
C LEU A 653 6.79 1.14 4.00
N THR A 654 5.99 1.57 3.04
CA THR A 654 4.63 1.07 2.95
C THR A 654 4.64 -0.39 2.53
N VAL A 655 5.47 -0.73 1.56
CA VAL A 655 5.53 -2.11 1.12
C VAL A 655 6.12 -2.96 2.23
N GLU A 656 7.18 -2.51 2.87
CA GLU A 656 7.76 -3.29 3.95
C GLU A 656 6.79 -3.45 5.13
N ARG A 657 5.76 -2.64 5.20
CA ARG A 657 4.81 -2.71 6.30
C ARG A 657 3.67 -3.68 6.03
N MET A 658 3.41 -4.04 4.77
CA MET A 658 2.32 -4.93 4.45
C MET A 658 2.79 -6.36 4.19
N VAL A 659 4.06 -6.68 4.45
CA VAL A 659 4.54 -8.05 4.35
C VAL A 659 3.88 -8.90 5.42
N SER A 660 3.31 -10.03 4.98
CA SER A 660 2.66 -10.98 5.88
C SER A 660 3.42 -12.30 5.82
N PRO A 661 4.01 -12.80 6.93
CA PRO A 661 4.71 -14.07 6.88
C PRO A 661 3.75 -15.26 6.79
N ILE A 662 4.31 -16.44 6.53
CA ILE A 662 3.54 -17.68 6.56
C ILE A 662 3.21 -17.99 8.02
N GLU A 663 1.94 -18.25 8.30
CA GLU A 663 1.51 -18.60 9.65
C GLU A 663 0.45 -19.70 9.64
N SER A 664 0.42 -20.53 8.58
CA SER A 664 -0.56 -21.59 8.48
C SER A 664 -0.24 -22.42 7.25
N ALA A 665 -0.92 -23.57 7.12
CA ALA A 665 -0.72 -24.46 6.00
C ALA A 665 -1.34 -23.88 4.73
N GLU A 666 -2.51 -23.25 4.85
CA GLU A 666 -3.15 -22.64 3.69
C GLU A 666 -2.22 -21.60 3.06
N ASP A 667 -1.50 -20.84 3.90
CA ASP A 667 -0.56 -19.86 3.40
C ASP A 667 0.50 -20.50 2.50
N LEU A 668 1.05 -21.64 2.93
CA LEU A 668 1.99 -22.35 2.08
C LEU A 668 1.29 -22.82 0.81
N SER A 669 0.08 -23.33 0.93
CA SER A 669 -0.63 -23.87 -0.24
C SER A 669 -0.81 -22.81 -1.31
N LYS A 670 -1.04 -21.55 -0.91
CA LYS A 670 -1.25 -20.50 -1.89
C LYS A 670 0.08 -20.06 -2.50
N GLN A 671 0.95 -19.44 -1.69
CA GLN A 671 2.15 -18.82 -2.21
C GLN A 671 3.18 -19.90 -2.56
N THR A 672 3.90 -19.70 -3.66
CA THR A 672 4.87 -20.66 -4.16
C THR A 672 6.28 -20.09 -4.22
N GLU A 673 6.54 -19.04 -3.43
CA GLU A 673 7.90 -18.50 -3.32
C GLU A 673 8.80 -19.36 -2.44
N ILE A 674 8.21 -20.31 -1.68
CA ILE A 674 8.95 -21.20 -0.80
C ILE A 674 8.63 -22.64 -1.18
N ALA A 675 9.63 -23.51 -0.94
CA ALA A 675 9.48 -24.94 -1.15
C ALA A 675 9.29 -25.65 0.19
N TYR A 676 8.28 -26.52 0.27
CA TYR A 676 8.00 -27.26 1.48
C TYR A 676 7.95 -28.74 1.16
N GLY A 677 8.79 -29.52 1.84
CA GLY A 677 8.90 -30.95 1.58
C GLY A 677 8.89 -31.77 2.86
N THR A 678 8.41 -33.00 2.76
CA THR A 678 8.42 -33.95 3.86
C THR A 678 9.64 -34.85 3.76
N LEU A 679 9.66 -35.88 4.59
CA LEU A 679 10.71 -36.89 4.51
C LEU A 679 10.41 -37.85 3.36
N ASP A 680 11.45 -38.59 2.95
CA ASP A 680 11.32 -39.53 1.84
C ASP A 680 10.20 -40.55 2.10
N SER A 681 10.14 -41.06 3.33
CA SER A 681 9.18 -42.07 3.74
C SER A 681 8.66 -41.66 5.12
N GLY A 682 7.67 -42.42 5.58
CA GLY A 682 7.08 -42.27 6.90
C GLY A 682 5.65 -41.74 6.82
N SER A 683 5.01 -41.75 7.99
CA SER A 683 3.59 -41.49 8.09
C SER A 683 3.22 -40.08 7.66
N THR A 684 4.17 -39.13 7.70
CA THR A 684 3.88 -37.78 7.21
C THR A 684 3.58 -37.82 5.72
N LYS A 685 4.49 -38.44 4.97
CA LYS A 685 4.33 -38.54 3.52
C LYS A 685 3.05 -39.30 3.17
N GLU A 686 2.80 -40.40 3.86
CA GLU A 686 1.63 -41.20 3.57
C GLU A 686 0.36 -40.44 3.92
N PHE A 687 0.38 -39.65 4.99
CA PHE A 687 -0.75 -38.82 5.34
C PHE A 687 -1.06 -37.87 4.19
N PHE A 688 0.00 -37.27 3.62
CA PHE A 688 -0.20 -36.36 2.50
C PHE A 688 -0.74 -37.10 1.28
N ARG A 689 -0.12 -38.24 0.94
CA ARG A 689 -0.46 -38.94 -0.30
C ARG A 689 -1.93 -39.33 -0.29
N ARG A 690 -2.37 -39.99 0.77
CA ARG A 690 -3.75 -40.42 0.88
C ARG A 690 -4.67 -39.30 1.35
N SER A 691 -4.19 -38.04 1.32
CA SER A 691 -4.94 -36.94 1.89
C SER A 691 -6.21 -36.69 1.09
N LYS A 692 -7.32 -36.53 1.80
CA LYS A 692 -8.62 -36.31 1.17
C LYS A 692 -9.14 -34.90 1.50
N ILE A 693 -8.21 -33.94 1.60
CA ILE A 693 -8.55 -32.54 1.81
C ILE A 693 -7.81 -31.73 0.74
N ALA A 694 -8.40 -30.59 0.38
CA ALA A 694 -7.87 -29.74 -0.69
C ALA A 694 -6.42 -29.33 -0.41
N VAL A 695 -6.18 -28.75 0.76
CA VAL A 695 -4.93 -28.05 1.00
C VAL A 695 -3.76 -29.03 1.03
N PHE A 696 -3.95 -30.11 1.78
CA PHE A 696 -2.87 -31.08 1.97
C PHE A 696 -2.62 -31.83 0.66
N ASP A 697 -3.69 -32.16 -0.08
CA ASP A 697 -3.52 -32.83 -1.35
C ASP A 697 -2.76 -31.92 -2.32
N LYS A 698 -3.11 -30.63 -2.35
CA LYS A 698 -2.42 -29.70 -3.22
C LYS A 698 -0.93 -29.63 -2.87
N MET A 699 -0.62 -29.60 -1.58
CA MET A 699 0.76 -29.60 -1.14
C MET A 699 1.49 -30.86 -1.61
N TRP A 700 0.82 -32.00 -1.51
CA TRP A 700 1.38 -33.27 -1.99
C TRP A 700 1.68 -33.20 -3.49
N THR A 701 0.70 -32.71 -4.26
CA THR A 701 0.86 -32.63 -5.70
C THR A 701 2.05 -31.74 -6.04
N TYR A 702 2.17 -30.59 -5.37
CA TYR A 702 3.33 -29.73 -5.57
C TYR A 702 4.62 -30.50 -5.27
N MET A 703 4.69 -31.14 -4.10
CA MET A 703 5.93 -31.76 -3.64
C MET A 703 6.37 -32.87 -4.60
N ARG A 704 5.41 -33.67 -5.09
CA ARG A 704 5.72 -34.67 -6.10
C ARG A 704 6.15 -34.00 -7.41
N SER A 705 5.54 -32.84 -7.72
CA SER A 705 5.78 -32.15 -8.98
C SER A 705 6.80 -31.01 -8.80
N ALA A 706 7.83 -31.25 -7.97
CA ALA A 706 8.82 -30.24 -7.63
C ALA A 706 10.20 -30.68 -8.11
N GLU A 707 10.94 -29.73 -8.69
CA GLU A 707 12.30 -29.94 -9.18
C GLU A 707 13.09 -28.65 -8.92
N PRO A 708 14.18 -28.64 -8.12
CA PRO A 708 14.81 -29.81 -7.49
C PRO A 708 13.96 -30.51 -6.44
N SER A 709 14.54 -31.52 -5.76
CA SER A 709 13.80 -32.39 -4.88
C SER A 709 13.54 -31.71 -3.54
N VAL A 710 12.27 -31.46 -3.23
CA VAL A 710 11.86 -30.90 -1.95
C VAL A 710 12.09 -31.92 -0.83
N PHE A 711 11.81 -33.20 -1.14
CA PHE A 711 11.91 -34.25 -0.14
C PHE A 711 13.35 -34.36 0.34
N VAL A 712 13.52 -35.13 1.42
CA VAL A 712 14.84 -35.48 1.93
C VAL A 712 14.80 -36.93 2.39
N ARG A 713 15.97 -37.47 2.69
CA ARG A 713 16.10 -38.85 3.16
C ARG A 713 16.14 -38.94 4.69
N THR A 714 16.44 -37.84 5.38
CA THR A 714 16.56 -37.89 6.83
C THR A 714 16.11 -36.57 7.45
N THR A 715 15.65 -36.64 8.70
CA THR A 715 15.25 -35.44 9.42
C THR A 715 16.43 -34.46 9.54
N ALA A 716 17.61 -34.99 9.87
CA ALA A 716 18.76 -34.15 10.14
C ALA A 716 19.09 -33.31 8.90
N GLU A 717 19.09 -33.94 7.73
CA GLU A 717 19.36 -33.23 6.49
C GLU A 717 18.22 -32.26 6.19
N GLY A 718 16.97 -32.59 6.52
CA GLY A 718 15.87 -31.66 6.33
C GLY A 718 16.04 -30.37 7.14
N VAL A 719 16.41 -30.51 8.41
CA VAL A 719 16.64 -29.36 9.25
C VAL A 719 17.84 -28.57 8.71
N ALA A 720 18.90 -29.28 8.32
CA ALA A 720 20.08 -28.64 7.77
C ALA A 720 19.71 -27.84 6.51
N ARG A 721 18.82 -28.39 5.69
CA ARG A 721 18.44 -27.75 4.44
C ARG A 721 17.60 -26.51 4.72
N VAL A 722 16.59 -26.63 5.59
CA VAL A 722 15.78 -25.47 5.92
C VAL A 722 16.65 -24.36 6.51
N ARG A 723 17.72 -24.73 7.21
CA ARG A 723 18.69 -23.72 7.62
C ARG A 723 19.48 -23.17 6.43
N LYS A 724 19.85 -24.04 5.48
CA LYS A 724 20.68 -23.63 4.36
C LYS A 724 19.96 -22.60 3.47
N SER A 725 18.73 -22.93 3.05
CA SER A 725 17.90 -21.98 2.31
C SER A 725 17.60 -20.80 3.22
N LYS A 726 17.75 -19.59 2.68
CA LYS A 726 17.59 -18.38 3.49
C LYS A 726 16.18 -18.35 4.10
N GLY A 727 15.16 -18.35 3.26
CA GLY A 727 13.80 -18.66 3.69
C GLY A 727 13.06 -19.44 2.61
N LYS A 728 13.83 -20.10 1.74
CA LYS A 728 13.31 -20.68 0.52
C LYS A 728 12.89 -22.14 0.74
N TYR A 729 13.08 -22.70 1.95
CA TYR A 729 12.65 -24.05 2.25
C TYR A 729 11.88 -24.07 3.56
N ALA A 730 10.84 -24.92 3.61
CA ALA A 730 10.11 -25.24 4.81
C ALA A 730 10.01 -26.76 4.93
N TYR A 731 9.98 -27.26 6.16
CA TYR A 731 9.97 -28.68 6.42
C TYR A 731 8.72 -29.07 7.20
N LEU A 732 8.03 -30.13 6.77
CA LEU A 732 6.85 -30.62 7.46
C LEU A 732 7.22 -31.86 8.25
N LEU A 733 7.03 -31.81 9.56
CA LEU A 733 7.48 -32.89 10.44
C LEU A 733 6.61 -32.92 11.70
N GLU A 734 6.93 -33.87 12.58
CA GLU A 734 6.13 -34.06 13.79
C GLU A 734 6.30 -32.87 14.72
N SER A 735 5.22 -32.48 15.39
CA SER A 735 5.22 -31.30 16.23
C SER A 735 6.28 -31.40 17.32
N THR A 736 6.39 -32.54 17.97
CA THR A 736 7.29 -32.71 19.07
C THR A 736 8.73 -32.53 18.62
N MET A 737 9.07 -33.18 17.51
CA MET A 737 10.42 -33.06 16.97
C MET A 737 10.68 -31.60 16.56
N ASN A 738 9.69 -30.95 15.97
CA ASN A 738 9.84 -29.57 15.54
C ASN A 738 10.14 -28.67 16.73
N GLU A 739 9.41 -28.82 17.83
CA GLU A 739 9.67 -28.02 19.00
C GLU A 739 11.07 -28.30 19.55
N TYR A 740 11.45 -29.58 19.60
CA TYR A 740 12.76 -29.91 20.12
C TYR A 740 13.86 -29.28 19.27
N ILE A 741 13.73 -29.36 17.97
CA ILE A 741 14.72 -28.77 17.08
C ILE A 741 14.75 -27.25 17.26
N GLU A 742 13.59 -26.63 17.43
CA GLU A 742 13.52 -25.20 17.70
C GLU A 742 14.30 -24.85 18.96
N GLN A 743 14.33 -25.75 19.95
CA GLN A 743 14.98 -25.47 21.22
C GLN A 743 16.43 -25.93 21.26
N ARG A 744 17.09 -26.08 20.11
CA ARG A 744 18.46 -26.54 20.06
C ARG A 744 19.26 -25.66 19.13
N LYS A 745 20.56 -25.52 19.45
CA LYS A 745 21.43 -24.64 18.68
C LYS A 745 21.55 -25.14 17.25
N PRO A 746 21.70 -24.26 16.24
CA PRO A 746 21.90 -22.82 16.41
C PRO A 746 20.67 -21.97 16.69
N CYS A 747 19.53 -22.60 16.98
CA CYS A 747 18.31 -21.90 17.34
C CYS A 747 17.86 -20.95 16.22
N ASP A 748 17.99 -21.40 14.97
CA ASP A 748 17.67 -20.58 13.81
C ASP A 748 16.47 -21.17 13.07
N THR A 749 15.49 -21.69 13.81
CA THR A 749 14.26 -22.20 13.22
C THR A 749 13.11 -21.97 14.18
N MET A 750 11.89 -22.03 13.65
CA MET A 750 10.71 -21.94 14.50
C MET A 750 9.55 -22.68 13.85
N LYS A 751 8.53 -22.95 14.67
CA LYS A 751 7.30 -23.60 14.23
C LYS A 751 6.22 -22.53 14.13
N VAL A 752 5.53 -22.50 12.99
CA VAL A 752 4.67 -21.37 12.68
C VAL A 752 3.20 -21.65 13.00
N GLY A 753 2.63 -22.67 12.35
CA GLY A 753 1.19 -22.86 12.41
C GLY A 753 0.83 -23.69 13.63
N GLY A 754 -0.44 -24.13 13.63
CA GLY A 754 -0.88 -25.22 14.46
C GLY A 754 -0.52 -26.56 13.82
N ASN A 755 -0.96 -27.62 14.47
CA ASN A 755 -0.81 -28.95 13.93
C ASN A 755 -1.72 -29.09 12.71
N LEU A 756 -1.21 -29.72 11.66
CA LEU A 756 -2.00 -30.02 10.48
C LEU A 756 -2.98 -31.16 10.74
N ASP A 757 -2.53 -32.18 11.47
CA ASP A 757 -3.39 -33.29 11.85
C ASP A 757 -3.14 -33.64 13.31
N SER A 758 -3.72 -34.76 13.77
CA SER A 758 -3.65 -35.17 15.16
C SER A 758 -3.24 -36.64 15.27
N LYS A 759 -2.56 -36.94 16.35
CA LYS A 759 -2.18 -38.29 16.70
C LYS A 759 -1.57 -38.29 18.08
N GLY A 760 -1.39 -39.48 18.63
CA GLY A 760 -0.94 -39.63 20.01
C GLY A 760 0.15 -40.70 20.13
N TYR A 761 1.02 -40.54 21.11
CA TYR A 761 1.95 -41.57 21.51
C TYR A 761 1.40 -42.29 22.72
N GLY A 762 1.60 -43.62 22.74
CA GLY A 762 1.00 -44.44 23.78
C GLY A 762 1.95 -45.47 24.30
N ILE A 763 1.59 -46.03 25.46
CA ILE A 763 2.38 -47.06 26.10
C ILE A 763 1.88 -48.41 25.61
N ALA A 764 2.62 -48.99 24.68
CA ALA A 764 2.24 -50.27 24.13
C ALA A 764 2.46 -51.37 25.16
N THR A 765 1.73 -52.47 24.97
CA THR A 765 1.84 -53.64 25.82
C THR A 765 1.25 -54.82 25.05
N PRO A 766 1.57 -56.07 25.43
CA PRO A 766 1.06 -57.22 24.68
C PRO A 766 -0.46 -57.32 24.73
N LYS A 767 -1.02 -57.94 23.69
CA LYS A 767 -2.46 -57.95 23.49
C LYS A 767 -3.23 -58.35 24.74
N GLY A 768 -2.81 -59.45 25.38
CA GLY A 768 -3.53 -59.98 26.53
C GLY A 768 -2.73 -59.90 27.82
N SER A 769 -1.98 -58.81 28.00
CA SER A 769 -1.11 -58.68 29.15
C SER A 769 -1.91 -58.33 30.40
N SER A 770 -1.21 -58.33 31.55
CA SER A 770 -1.80 -57.97 32.84
C SER A 770 -1.50 -56.52 33.21
N LEU A 771 -0.46 -55.92 32.62
CA LEU A 771 -0.07 -54.56 32.96
C LEU A 771 -0.91 -53.52 32.24
N GLY A 772 -1.70 -53.90 31.23
CA GLY A 772 -2.37 -52.93 30.38
C GLY A 772 -3.25 -51.95 31.14
N THR A 773 -4.18 -52.49 31.93
CA THR A 773 -5.11 -51.64 32.65
C THR A 773 -4.38 -50.76 33.67
N PRO A 774 -3.49 -51.32 34.52
CA PRO A 774 -2.76 -50.47 35.45
C PRO A 774 -1.95 -49.37 34.75
N VAL A 775 -1.33 -49.67 33.61
CA VAL A 775 -0.55 -48.66 32.91
C VAL A 775 -1.48 -47.57 32.36
N ASN A 776 -2.64 -47.97 31.83
CA ASN A 776 -3.59 -47.00 31.31
C ASN A 776 -4.01 -46.02 32.40
N LEU A 777 -4.37 -46.56 33.56
CA LEU A 777 -4.74 -45.70 34.67
C LEU A 777 -3.56 -44.86 35.13
N ALA A 778 -2.34 -45.40 35.09
CA ALA A 778 -1.16 -44.65 35.51
C ALA A 778 -0.95 -43.46 34.59
N VAL A 779 -1.10 -43.66 33.27
CA VAL A 779 -0.89 -42.56 32.35
C VAL A 779 -1.95 -41.49 32.56
N LEU A 780 -3.21 -41.87 32.74
CA LEU A 780 -4.24 -40.87 33.02
C LEU A 780 -3.95 -40.12 34.32
N LYS A 781 -3.52 -40.84 35.35
CA LYS A 781 -3.18 -40.22 36.63
C LYS A 781 -2.05 -39.21 36.44
N LEU A 782 -0.97 -39.61 35.78
CA LEU A 782 0.15 -38.72 35.58
C LEU A 782 -0.26 -37.51 34.75
N SER A 783 -1.12 -37.69 33.75
CA SER A 783 -1.64 -36.59 32.97
C SER A 783 -2.33 -35.58 33.89
N GLU A 784 -3.22 -36.08 34.76
CA GLU A 784 -3.95 -35.18 35.64
C GLU A 784 -3.03 -34.55 36.69
N GLN A 785 -2.10 -35.33 37.23
CA GLN A 785 -1.19 -34.83 38.27
C GLN A 785 -0.32 -33.69 37.76
N GLY A 786 -0.09 -33.62 36.45
CA GLY A 786 0.79 -32.64 35.87
C GLY A 786 2.21 -33.16 35.66
N VAL A 787 2.45 -34.44 35.95
CA VAL A 787 3.78 -35.00 35.79
C VAL A 787 4.16 -35.03 34.32
N LEU A 788 3.23 -35.47 33.48
CA LEU A 788 3.48 -35.54 32.04
C LEU A 788 3.72 -34.15 31.46
N ASP A 789 2.93 -33.17 31.92
CA ASP A 789 3.10 -31.80 31.47
C ASP A 789 4.48 -31.27 31.87
N LYS A 790 4.94 -31.63 33.07
CA LYS A 790 6.19 -31.15 33.62
C LYS A 790 7.41 -31.78 32.96
N LEU A 791 7.37 -33.09 32.67
CA LEU A 791 8.50 -33.72 31.99
C LEU A 791 8.76 -33.10 30.62
N LYS A 792 7.69 -32.73 29.91
CA LYS A 792 7.81 -32.04 28.65
C LYS A 792 8.58 -30.73 28.85
N ASN A 793 8.16 -29.93 29.84
CA ASN A 793 8.87 -28.70 30.13
C ASN A 793 10.35 -28.97 30.40
N LYS A 794 10.62 -30.00 31.22
CA LYS A 794 12.00 -30.30 31.58
C LYS A 794 12.86 -30.61 30.35
N TRP A 795 12.36 -31.44 29.45
CA TRP A 795 13.19 -32.02 28.40
C TRP A 795 13.18 -31.24 27.10
N TRP A 796 12.21 -30.33 26.90
CA TRP A 796 12.19 -29.47 25.72
C TRP A 796 12.61 -28.03 26.04
N TYR A 797 12.20 -27.50 27.21
CA TYR A 797 12.48 -26.10 27.51
C TYR A 797 13.58 -25.90 28.53
N ASP A 798 13.47 -26.52 29.71
CA ASP A 798 14.46 -26.29 30.75
C ASP A 798 15.85 -26.76 30.32
N LYS A 799 15.92 -27.88 29.63
CA LYS A 799 17.16 -28.34 29.01
C LYS A 799 17.43 -27.63 27.68
N GLY A 800 16.62 -26.63 27.33
CA GLY A 800 16.80 -25.90 26.08
C GLY A 800 18.12 -25.14 26.08
N GLU A 801 18.71 -25.05 24.89
CA GLU A 801 19.89 -24.23 24.69
C GLU A 801 19.51 -22.75 24.49
N CYS A 802 18.22 -22.41 24.43
CA CYS A 802 17.78 -21.05 24.18
C CYS A 802 16.62 -20.69 25.11
N GLY A 803 16.46 -19.38 25.35
CA GLY A 803 15.52 -18.89 26.35
C GLY A 803 14.06 -19.14 25.98
N ALA A 804 13.62 -18.47 24.90
CA ALA A 804 12.29 -18.64 24.31
C ALA A 804 12.14 -17.72 23.10
N THR A 813 8.45 -2.80 16.24
CA THR A 813 7.70 -1.51 16.34
C THR A 813 7.50 -0.94 14.94
N SER A 814 6.56 0.01 14.83
CA SER A 814 6.21 0.60 13.55
C SER A 814 6.98 1.88 13.25
N ALA A 815 7.23 2.69 14.29
CA ALA A 815 8.02 3.89 14.17
C ALA A 815 9.38 3.58 13.60
N LEU A 816 10.03 4.66 13.21
CA LEU A 816 11.33 4.59 12.56
C LEU A 816 12.37 4.74 13.65
N SER A 817 13.35 3.85 13.66
CA SER A 817 14.27 3.72 14.78
C SER A 817 15.52 4.54 14.52
N LEU A 818 16.24 4.87 15.58
CA LEU A 818 17.47 5.62 15.42
C LEU A 818 18.46 4.94 14.51
N SER A 819 18.41 3.60 14.42
CA SER A 819 19.33 2.88 13.55
C SER A 819 19.08 3.22 12.07
N ASN A 820 17.82 3.48 11.72
CA ASN A 820 17.47 3.79 10.35
C ASN A 820 18.02 5.13 9.87
N VAL A 821 18.43 6.00 10.79
CA VAL A 821 18.90 7.32 10.41
C VAL A 821 20.24 7.64 11.05
N ALA A 822 20.87 6.69 11.74
CA ALA A 822 22.10 6.99 12.47
C ALA A 822 23.19 7.55 11.57
N GLY A 823 23.24 7.12 10.33
CA GLY A 823 24.24 7.64 9.42
C GLY A 823 24.16 9.15 9.23
N VAL A 824 22.95 9.68 9.19
CA VAL A 824 22.80 11.09 8.98
C VAL A 824 23.32 11.86 10.22
N PHE A 825 23.12 11.27 11.41
CA PHE A 825 23.69 11.84 12.62
C PHE A 825 25.22 11.81 12.59
N TYR A 826 25.81 10.71 12.12
CA TYR A 826 27.26 10.65 12.02
C TYR A 826 27.77 11.72 11.08
N ILE A 827 27.12 11.87 9.93
CA ILE A 827 27.54 12.92 9.01
C ILE A 827 27.42 14.28 9.68
N LEU A 828 26.33 14.54 10.40
CA LEU A 828 26.12 15.84 11.00
C LEU A 828 27.25 16.17 11.95
N VAL A 829 27.54 15.25 12.86
CA VAL A 829 28.56 15.54 13.86
C VAL A 829 29.94 15.61 13.22
N GLY A 830 30.20 14.78 12.24
CA GLY A 830 31.44 14.90 11.49
C GLY A 830 31.58 16.27 10.83
N GLY A 831 30.52 16.76 10.26
CA GLY A 831 30.55 18.07 9.66
C GLY A 831 30.75 19.18 10.67
N LEU A 832 30.16 19.06 11.86
CA LEU A 832 30.40 20.03 12.91
C LEU A 832 31.87 20.02 13.32
N GLY A 833 32.44 18.83 13.49
CA GLY A 833 33.85 18.76 13.80
C GLY A 833 34.71 19.38 12.70
N LEU A 834 34.39 19.08 11.45
CA LEU A 834 35.16 19.65 10.35
C LEU A 834 35.04 21.18 10.33
N ALA A 835 33.86 21.70 10.61
CA ALA A 835 33.66 23.14 10.63
C ALA A 835 34.51 23.78 11.72
N MET A 836 34.55 23.15 12.90
CA MET A 836 35.38 23.67 13.98
C MET A 836 36.85 23.64 13.57
N LEU A 837 37.26 22.55 12.94
CA LEU A 837 38.66 22.46 12.52
C LEU A 837 39.00 23.56 11.53
N VAL A 838 38.14 23.80 10.55
CA VAL A 838 38.42 24.81 9.55
C VAL A 838 38.49 26.19 10.21
N ALA A 839 37.56 26.48 11.11
CA ALA A 839 37.56 27.77 11.79
C ALA A 839 38.87 27.96 12.53
N LEU A 840 39.31 26.93 13.24
CA LEU A 840 40.53 27.06 14.03
C LEU A 840 41.74 27.18 13.12
N ILE A 841 41.77 26.48 12.01
CA ILE A 841 42.87 26.60 11.05
C ILE A 841 42.95 28.04 10.54
N GLU A 842 41.82 28.62 10.16
CA GLU A 842 41.84 29.98 9.67
C GLU A 842 42.28 30.95 10.77
N PHE A 843 41.82 30.73 12.00
CA PHE A 843 42.20 31.59 13.10
C PHE A 843 43.68 31.50 13.40
N CYS A 844 44.24 30.29 13.41
CA CYS A 844 45.67 30.11 13.62
C CYS A 844 46.44 30.79 12.50
N TYR A 845 45.98 30.65 11.26
CA TYR A 845 46.65 31.27 10.14
C TYR A 845 46.69 32.79 10.31
N LYS A 846 45.54 33.40 10.61
CA LYS A 846 45.50 34.84 10.76
C LYS A 846 46.34 35.30 11.94
N SER A 847 46.23 34.64 13.08
CA SER A 847 46.97 35.05 14.27
C SER A 847 48.47 35.06 13.98
N ARG A 848 48.97 33.96 13.43
CA ARG A 848 50.39 33.83 13.16
C ARG A 848 50.81 34.72 11.99
N ALA A 849 49.86 35.31 11.25
CA ALA A 849 50.21 36.24 10.18
C ALA A 849 50.23 37.68 10.70
N GLU A 850 50.26 37.86 12.02
CA GLU A 850 50.36 39.18 12.59
C GLU A 850 51.77 39.71 12.37
N ALA A 851 51.87 40.91 11.77
CA ALA A 851 53.18 41.51 11.49
C ALA A 851 54.06 41.52 12.74
N LYS A 852 55.24 40.89 12.64
CA LYS A 852 56.16 40.77 13.76
C LYS A 852 57.50 41.42 13.37
N THR B 423 -13.60 -56.65 -24.06
CA THR B 423 -13.12 -55.23 -23.97
C THR B 423 -13.53 -54.48 -25.25
N VAL B 424 -13.10 -53.22 -25.33
CA VAL B 424 -13.47 -52.32 -26.41
C VAL B 424 -12.22 -51.59 -26.87
N VAL B 425 -12.08 -51.41 -28.20
CA VAL B 425 -10.98 -50.66 -28.76
C VAL B 425 -11.33 -49.17 -28.73
N VAL B 426 -10.73 -48.45 -27.78
CA VAL B 426 -11.00 -47.04 -27.59
C VAL B 426 -9.86 -46.25 -28.21
N THR B 427 -10.02 -45.94 -29.50
CA THR B 427 -8.99 -45.20 -30.22
C THR B 427 -8.89 -43.76 -29.68
N THR B 428 -7.69 -43.21 -29.68
CA THR B 428 -7.45 -41.87 -29.15
C THR B 428 -6.32 -41.23 -29.97
N ILE B 429 -5.78 -40.11 -29.47
CA ILE B 429 -4.58 -39.50 -30.01
C ILE B 429 -3.84 -38.80 -28.90
N LEU B 430 -2.54 -38.57 -29.12
CA LEU B 430 -1.65 -38.02 -28.10
C LEU B 430 -1.76 -36.51 -28.09
N GLU B 431 -2.43 -35.96 -27.08
CA GLU B 431 -2.52 -34.51 -26.90
C GLU B 431 -2.68 -34.22 -25.42
N SER B 432 -1.67 -33.57 -24.83
CA SER B 432 -1.71 -33.27 -23.41
C SER B 432 -2.70 -32.14 -23.17
N PRO B 433 -3.42 -32.10 -22.04
CA PRO B 433 -3.39 -33.10 -20.98
C PRO B 433 -4.39 -34.23 -21.16
N TYR B 434 -4.91 -34.39 -22.39
CA TYR B 434 -5.87 -35.45 -22.66
C TYR B 434 -5.18 -36.81 -22.58
N VAL B 435 -4.06 -36.95 -23.31
CA VAL B 435 -3.29 -38.18 -23.36
C VAL B 435 -1.85 -37.86 -22.97
N MET B 436 -1.48 -38.27 -21.76
CA MET B 436 -0.11 -38.09 -21.29
C MET B 436 0.42 -39.44 -20.83
N MET B 437 1.63 -39.79 -21.29
CA MET B 437 2.30 -41.01 -20.87
C MET B 437 2.88 -40.79 -19.48
N LYS B 438 2.68 -41.75 -18.59
CA LYS B 438 3.30 -41.69 -17.27
C LYS B 438 4.82 -41.84 -17.42
N LYS B 439 5.54 -41.38 -16.40
CA LYS B 439 7.00 -41.35 -16.42
C LYS B 439 7.63 -42.70 -16.82
N ASN B 440 7.01 -43.80 -16.35
CA ASN B 440 7.48 -45.15 -16.60
C ASN B 440 6.64 -45.84 -17.66
N HIS B 441 6.26 -45.12 -18.72
CA HIS B 441 5.38 -45.68 -19.74
C HIS B 441 6.08 -46.80 -20.52
N GLU B 442 7.37 -46.62 -20.85
CA GLU B 442 8.01 -47.51 -21.82
C GLU B 442 8.08 -48.94 -21.28
N MET B 443 8.37 -49.07 -19.97
CA MET B 443 8.47 -50.37 -19.32
C MET B 443 7.10 -51.02 -19.10
N LEU B 444 5.99 -50.29 -19.26
CA LEU B 444 4.67 -50.77 -18.94
C LEU B 444 3.90 -51.10 -20.21
N GLU B 445 2.63 -51.52 -20.04
CA GLU B 445 1.70 -51.77 -21.13
C GLU B 445 0.29 -51.84 -20.56
N GLY B 446 -0.67 -51.20 -21.25
CA GLY B 446 -2.08 -51.31 -20.95
C GLY B 446 -2.67 -50.03 -20.36
N ASN B 447 -3.81 -50.19 -19.69
CA ASN B 447 -4.56 -49.06 -19.18
C ASN B 447 -3.81 -48.29 -18.10
N GLU B 448 -3.01 -49.00 -17.28
CA GLU B 448 -2.25 -48.35 -16.22
C GLU B 448 -1.16 -47.41 -16.77
N ARG B 449 -0.83 -47.54 -18.07
CA ARG B 449 0.17 -46.65 -18.66
C ARG B 449 -0.30 -45.20 -18.66
N TYR B 450 -1.42 -44.93 -19.35
CA TYR B 450 -1.77 -43.58 -19.76
C TYR B 450 -2.58 -42.87 -18.69
N GLU B 451 -2.46 -41.54 -18.68
CA GLU B 451 -3.23 -40.68 -17.80
C GLU B 451 -3.58 -39.40 -18.57
N GLY B 452 -4.58 -38.68 -18.04
CA GLY B 452 -4.98 -37.42 -18.63
C GLY B 452 -6.49 -37.21 -18.50
N TYR B 453 -7.02 -36.37 -19.37
CA TYR B 453 -8.44 -36.03 -19.33
C TYR B 453 -9.28 -37.07 -20.06
N CYS B 454 -8.98 -37.30 -21.33
CA CYS B 454 -9.80 -38.19 -22.15
C CYS B 454 -9.75 -39.64 -21.63
N VAL B 455 -8.62 -40.04 -21.07
CA VAL B 455 -8.51 -41.38 -20.53
C VAL B 455 -9.43 -41.53 -19.32
N ASP B 456 -9.46 -40.54 -18.44
CA ASP B 456 -10.35 -40.58 -17.30
C ASP B 456 -11.82 -40.54 -17.74
N LEU B 457 -12.10 -39.81 -18.81
CA LEU B 457 -13.44 -39.82 -19.38
C LEU B 457 -13.81 -41.22 -19.87
N ALA B 458 -12.85 -41.90 -20.53
CA ALA B 458 -13.08 -43.27 -20.98
C ALA B 458 -13.38 -44.19 -19.78
N ALA B 459 -12.58 -44.04 -18.72
CA ALA B 459 -12.78 -44.84 -17.52
C ALA B 459 -14.18 -44.63 -16.95
N GLU B 460 -14.62 -43.37 -16.88
CA GLU B 460 -15.89 -43.07 -16.26
C GLU B 460 -17.04 -43.56 -17.13
N ILE B 461 -16.93 -43.42 -18.45
CA ILE B 461 -18.01 -43.91 -19.29
C ILE B 461 -18.08 -45.43 -19.21
N ALA B 462 -16.93 -46.11 -19.13
CA ALA B 462 -16.94 -47.55 -18.95
C ALA B 462 -17.64 -47.92 -17.63
N LYS B 463 -17.29 -47.21 -16.56
CA LYS B 463 -17.90 -47.48 -15.26
C LYS B 463 -19.43 -47.30 -15.33
N HIS B 464 -19.89 -46.25 -16.01
CA HIS B 464 -21.32 -46.00 -16.13
C HIS B 464 -21.99 -47.11 -16.93
N CYS B 465 -21.46 -47.41 -18.12
CA CYS B 465 -22.07 -48.38 -19.01
C CYS B 465 -21.68 -49.81 -18.64
N GLY B 466 -20.62 -49.99 -17.81
CA GLY B 466 -20.20 -51.32 -17.38
C GLY B 466 -19.69 -52.18 -18.53
N PHE B 467 -18.56 -51.78 -19.12
CA PHE B 467 -17.86 -52.58 -20.10
C PHE B 467 -16.36 -52.45 -19.86
N LYS B 468 -15.57 -53.01 -20.79
CA LYS B 468 -14.12 -53.00 -20.70
C LYS B 468 -13.55 -52.38 -21.97
N TYR B 469 -12.34 -51.81 -21.85
CA TYR B 469 -11.76 -51.02 -22.92
C TYR B 469 -10.27 -51.31 -23.06
N LYS B 470 -9.75 -51.10 -24.26
CA LYS B 470 -8.35 -51.25 -24.57
C LYS B 470 -7.94 -50.08 -25.47
N LEU B 471 -6.83 -49.42 -25.13
CA LEU B 471 -6.44 -48.18 -25.78
C LEU B 471 -5.61 -48.48 -27.02
N THR B 472 -5.89 -47.74 -28.09
CA THR B 472 -5.07 -47.75 -29.29
C THR B 472 -4.91 -46.33 -29.78
N ILE B 473 -3.83 -46.09 -30.54
CA ILE B 473 -3.50 -44.78 -31.05
C ILE B 473 -3.38 -44.88 -32.56
N VAL B 474 -4.10 -43.99 -33.27
CA VAL B 474 -4.13 -44.03 -34.71
C VAL B 474 -2.71 -43.84 -35.27
N GLY B 475 -2.42 -44.55 -36.36
CA GLY B 475 -1.11 -44.50 -36.99
C GLY B 475 -0.85 -43.21 -37.77
N ASP B 476 -1.90 -42.65 -38.39
CA ASP B 476 -1.74 -41.44 -39.18
C ASP B 476 -1.34 -40.23 -38.36
N GLY B 477 -1.48 -40.29 -37.03
CA GLY B 477 -1.19 -39.16 -36.16
C GLY B 477 -2.03 -37.92 -36.49
N LYS B 478 -3.23 -38.14 -37.08
CA LYS B 478 -4.16 -37.08 -37.37
C LYS B 478 -5.49 -37.37 -36.68
N TYR B 479 -6.29 -36.32 -36.51
CA TYR B 479 -7.58 -36.46 -35.86
C TYR B 479 -8.55 -37.12 -36.84
N GLY B 480 -8.75 -36.49 -38.00
CA GLY B 480 -9.67 -37.03 -38.99
C GLY B 480 -9.86 -36.09 -40.17
N ALA B 481 -9.85 -36.64 -41.38
CA ALA B 481 -10.04 -35.83 -42.57
C ALA B 481 -10.36 -36.70 -43.77
N ARG B 482 -11.19 -36.17 -44.66
CA ARG B 482 -11.53 -36.81 -45.92
C ARG B 482 -10.79 -36.09 -47.04
N ASP B 483 -10.04 -36.85 -47.84
CA ASP B 483 -9.34 -36.32 -49.00
C ASP B 483 -10.29 -36.32 -50.19
N ALA B 484 -10.45 -35.15 -50.83
CA ALA B 484 -11.28 -35.05 -52.02
C ALA B 484 -10.69 -35.85 -53.18
N ASP B 485 -9.36 -35.92 -53.26
CA ASP B 485 -8.67 -36.62 -54.34
C ASP B 485 -8.92 -38.13 -54.30
N THR B 486 -9.16 -38.70 -53.10
CA THR B 486 -9.27 -40.14 -52.92
C THR B 486 -10.50 -40.56 -52.14
N LYS B 487 -11.10 -39.68 -51.33
CA LYS B 487 -12.29 -40.02 -50.52
C LYS B 487 -11.99 -41.17 -49.58
N ILE B 488 -10.81 -41.15 -48.96
CA ILE B 488 -10.42 -42.15 -47.97
C ILE B 488 -10.23 -41.43 -46.65
N TRP B 489 -11.19 -41.62 -45.72
CA TRP B 489 -11.09 -41.00 -44.42
C TRP B 489 -9.84 -41.48 -43.68
N ASN B 490 -9.05 -40.54 -43.17
CA ASN B 490 -7.82 -40.88 -42.46
C ASN B 490 -7.83 -40.19 -41.11
N GLY B 491 -7.40 -40.92 -40.08
CA GLY B 491 -7.36 -40.42 -38.72
C GLY B 491 -8.21 -41.26 -37.79
N MET B 492 -8.52 -40.73 -36.61
CA MET B 492 -9.44 -41.40 -35.69
C MET B 492 -10.80 -41.63 -36.34
N VAL B 493 -11.28 -40.63 -37.09
CA VAL B 493 -12.51 -40.78 -37.85
C VAL B 493 -12.36 -41.92 -38.84
N GLY B 494 -11.20 -42.02 -39.49
CA GLY B 494 -10.95 -43.11 -40.43
C GLY B 494 -11.12 -44.49 -39.79
N GLU B 495 -10.49 -44.66 -38.61
CA GLU B 495 -10.58 -45.94 -37.91
C GLU B 495 -12.02 -46.23 -37.50
N LEU B 496 -12.75 -45.20 -37.04
CA LEU B 496 -14.14 -45.41 -36.63
C LEU B 496 -14.99 -45.84 -37.83
N VAL B 497 -14.82 -45.16 -38.96
CA VAL B 497 -15.68 -45.40 -40.12
C VAL B 497 -15.39 -46.78 -40.71
N TYR B 498 -14.10 -47.17 -40.76
CA TYR B 498 -13.72 -48.43 -41.39
C TYR B 498 -13.78 -49.61 -40.43
N GLY B 499 -14.21 -49.39 -39.18
CA GLY B 499 -14.51 -50.47 -38.26
C GLY B 499 -13.30 -51.07 -37.54
N LYS B 500 -12.08 -50.57 -37.81
CA LYS B 500 -10.89 -51.07 -37.13
C LYS B 500 -10.90 -50.68 -35.63
N ALA B 501 -11.69 -49.67 -35.25
CA ALA B 501 -11.80 -49.24 -33.86
C ALA B 501 -13.26 -49.12 -33.45
N ASP B 502 -13.50 -49.21 -32.14
CA ASP B 502 -14.85 -49.32 -31.60
C ASP B 502 -15.42 -47.94 -31.29
N ILE B 503 -14.72 -47.17 -30.46
CA ILE B 503 -15.10 -45.82 -30.07
C ILE B 503 -13.86 -44.94 -30.12
N ALA B 504 -14.07 -43.63 -30.11
CA ALA B 504 -13.00 -42.65 -29.99
C ALA B 504 -13.32 -41.74 -28.81
N ILE B 505 -12.33 -41.53 -27.92
CA ILE B 505 -12.41 -40.55 -26.85
C ILE B 505 -11.18 -39.66 -26.91
N ALA B 506 -11.31 -38.51 -27.55
CA ALA B 506 -10.24 -37.53 -27.63
C ALA B 506 -10.78 -36.26 -28.28
N PRO B 507 -10.02 -35.15 -28.28
CA PRO B 507 -10.45 -33.94 -28.97
C PRO B 507 -10.80 -34.15 -30.45
N LEU B 508 -12.09 -34.11 -30.77
CA LEU B 508 -12.52 -34.30 -32.14
C LEU B 508 -13.66 -33.32 -32.42
N THR B 509 -13.36 -32.25 -33.15
CA THR B 509 -14.34 -31.21 -33.37
C THR B 509 -15.57 -31.77 -34.08
N ILE B 510 -16.74 -31.26 -33.68
CA ILE B 510 -17.99 -31.66 -34.28
C ILE B 510 -18.23 -30.79 -35.50
N THR B 511 -18.06 -31.37 -36.69
CA THR B 511 -18.24 -30.63 -37.92
C THR B 511 -19.30 -31.32 -38.78
N LEU B 512 -19.81 -30.57 -39.75
CA LEU B 512 -20.88 -31.05 -40.61
C LEU B 512 -20.42 -32.24 -41.45
N VAL B 513 -19.21 -32.15 -42.01
CA VAL B 513 -18.67 -33.25 -42.79
C VAL B 513 -18.44 -34.47 -41.90
N ARG B 514 -17.88 -34.25 -40.72
CA ARG B 514 -17.56 -35.36 -39.84
C ARG B 514 -18.82 -36.03 -39.28
N GLU B 515 -19.88 -35.26 -39.05
CA GLU B 515 -21.09 -35.82 -38.46
C GLU B 515 -21.81 -36.74 -39.43
N GLU B 516 -21.58 -36.59 -40.73
CA GLU B 516 -22.25 -37.44 -41.72
C GLU B 516 -21.81 -38.90 -41.64
N VAL B 517 -20.54 -39.13 -41.30
CA VAL B 517 -19.95 -40.47 -41.32
C VAL B 517 -19.92 -41.12 -39.93
N ILE B 518 -19.96 -40.33 -38.85
CA ILE B 518 -19.99 -40.85 -37.50
C ILE B 518 -21.03 -40.07 -36.69
N ASP B 519 -21.42 -40.65 -35.56
CA ASP B 519 -22.45 -40.06 -34.71
C ASP B 519 -21.81 -39.54 -33.43
N PHE B 520 -21.66 -38.21 -33.34
CA PHE B 520 -21.03 -37.58 -32.20
C PHE B 520 -21.98 -37.52 -31.01
N SER B 521 -21.43 -37.74 -29.82
CA SER B 521 -22.20 -37.51 -28.61
C SER B 521 -22.30 -36.01 -28.37
N LYS B 522 -23.19 -35.64 -27.44
CA LYS B 522 -23.32 -34.24 -27.09
C LYS B 522 -21.99 -33.76 -26.52
N PRO B 523 -21.59 -32.50 -26.78
CA PRO B 523 -20.26 -32.05 -26.39
C PRO B 523 -20.01 -32.25 -24.91
N PHE B 524 -18.80 -32.72 -24.60
CA PHE B 524 -18.31 -32.76 -23.22
C PHE B 524 -17.37 -31.60 -22.92
N MET B 525 -17.08 -30.75 -23.91
CA MET B 525 -16.13 -29.66 -23.74
C MET B 525 -16.41 -28.63 -24.83
N SER B 526 -16.77 -27.42 -24.39
CA SER B 526 -17.00 -26.28 -25.25
C SER B 526 -15.73 -25.45 -25.33
N LEU B 527 -15.51 -24.83 -26.48
CA LEU B 527 -14.29 -24.05 -26.68
C LEU B 527 -14.46 -23.16 -27.90
N GLY B 528 -13.37 -22.53 -28.32
CA GLY B 528 -13.37 -21.72 -29.51
C GLY B 528 -12.03 -21.03 -29.69
N ILE B 529 -11.95 -20.19 -30.74
CA ILE B 529 -10.77 -19.39 -30.96
C ILE B 529 -10.62 -18.41 -29.80
N SER B 530 -9.36 -18.14 -29.44
CA SER B 530 -9.06 -17.22 -28.37
C SER B 530 -7.67 -16.63 -28.63
N ILE B 531 -7.43 -15.51 -27.95
CA ILE B 531 -6.24 -14.69 -28.19
C ILE B 531 -5.24 -14.95 -27.06
N MET B 532 -3.98 -15.18 -27.44
CA MET B 532 -2.91 -15.45 -26.51
C MET B 532 -1.86 -14.34 -26.66
N ILE B 533 -1.53 -13.69 -25.56
CA ILE B 533 -0.55 -12.61 -25.59
C ILE B 533 0.40 -12.83 -24.44
N LYS B 534 1.59 -12.26 -24.55
CA LYS B 534 2.55 -12.38 -23.46
C LYS B 534 2.04 -11.52 -22.31
N LYS B 535 2.37 -11.91 -21.08
CA LYS B 535 1.89 -11.17 -19.94
C LYS B 535 2.40 -9.74 -19.98
N PRO B 536 1.71 -8.80 -19.31
CA PRO B 536 2.04 -7.38 -19.38
C PRO B 536 3.49 -6.96 -19.16
N GLN B 537 4.22 -7.59 -18.23
CA GLN B 537 5.68 -7.44 -18.18
C GLN B 537 6.09 -5.98 -18.03
N LYS B 538 5.92 -5.46 -16.81
CA LYS B 538 6.16 -4.08 -16.45
C LYS B 538 7.30 -3.43 -17.23
N SER B 539 7.00 -2.25 -17.78
CA SER B 539 7.76 -1.62 -18.85
C SER B 539 8.97 -0.86 -18.32
N LYS B 540 9.86 -0.52 -19.26
CA LYS B 540 11.02 0.31 -19.01
C LYS B 540 10.58 1.77 -18.97
N PRO B 541 10.86 2.52 -17.88
CA PRO B 541 10.33 3.87 -17.75
C PRO B 541 10.90 4.83 -18.78
N GLY B 542 10.00 5.64 -19.33
CA GLY B 542 10.36 6.52 -20.43
C GLY B 542 11.02 7.80 -19.93
N VAL B 543 11.83 8.42 -20.76
CA VAL B 543 12.26 9.80 -20.52
C VAL B 543 11.01 10.65 -20.43
N PHE B 544 11.04 11.63 -19.56
CA PHE B 544 9.87 12.47 -19.27
C PHE B 544 8.73 11.72 -18.58
N SER B 545 9.04 10.61 -17.91
CA SER B 545 8.09 9.92 -17.09
C SER B 545 7.94 10.58 -15.71
N PHE B 546 8.77 11.56 -15.38
CA PHE B 546 8.60 12.28 -14.15
C PHE B 546 7.37 13.18 -14.21
N LEU B 547 6.76 13.36 -15.39
CA LEU B 547 5.50 14.09 -15.48
C LEU B 547 4.28 13.20 -15.30
N ASP B 548 4.46 11.89 -15.13
CA ASP B 548 3.36 10.97 -15.14
C ASP B 548 2.41 11.16 -13.96
N PRO B 549 2.83 11.60 -12.77
CA PRO B 549 1.90 11.71 -11.69
C PRO B 549 0.70 12.64 -11.97
N LEU B 550 0.86 13.64 -12.82
CA LEU B 550 -0.24 14.55 -13.13
C LEU B 550 -0.55 14.42 -14.61
N ALA B 551 -1.86 14.57 -14.94
CA ALA B 551 -2.33 14.55 -16.30
C ALA B 551 -1.79 15.73 -17.11
N TYR B 552 -1.69 15.53 -18.42
CA TYR B 552 -1.20 16.54 -19.34
C TYR B 552 -2.01 17.84 -19.18
N GLU B 553 -3.29 17.74 -18.89
CA GLU B 553 -4.11 18.92 -18.74
C GLU B 553 -3.71 19.72 -17.50
N ILE B 554 -3.28 19.06 -16.43
CA ILE B 554 -2.87 19.80 -15.26
C ILE B 554 -1.61 20.58 -15.58
N TRP B 555 -0.65 19.97 -16.29
CA TRP B 555 0.56 20.71 -16.65
C TRP B 555 0.23 21.92 -17.52
N MET B 556 -0.64 21.73 -18.50
CA MET B 556 -0.99 22.82 -19.37
C MET B 556 -1.63 23.95 -18.57
N CYS B 557 -2.57 23.61 -17.71
CA CYS B 557 -3.24 24.64 -16.92
C CYS B 557 -2.31 25.25 -15.86
N ILE B 558 -1.32 24.53 -15.39
CA ILE B 558 -0.31 25.11 -14.54
C ILE B 558 0.44 26.20 -15.29
N VAL B 559 0.83 25.95 -16.55
CA VAL B 559 1.50 26.97 -17.32
C VAL B 559 0.61 28.19 -17.57
N PHE B 560 -0.64 27.95 -17.89
CA PHE B 560 -1.56 29.07 -18.06
C PHE B 560 -1.71 29.88 -16.79
N ALA B 561 -1.90 29.18 -15.68
CA ALA B 561 -2.07 29.88 -14.42
C ALA B 561 -0.81 30.65 -14.04
N TYR B 562 0.35 30.10 -14.36
CA TYR B 562 1.59 30.82 -14.10
C TYR B 562 1.67 32.14 -14.84
N ILE B 563 1.35 32.11 -16.13
CA ILE B 563 1.37 33.35 -16.89
C ILE B 563 0.29 34.32 -16.37
N GLY B 564 -0.89 33.83 -16.09
CA GLY B 564 -1.92 34.70 -15.57
C GLY B 564 -1.53 35.37 -14.28
N VAL B 565 -0.98 34.60 -13.37
CA VAL B 565 -0.62 35.11 -12.06
C VAL B 565 0.45 36.15 -12.23
N SER B 566 1.47 35.87 -13.05
CA SER B 566 2.56 36.81 -13.24
C SER B 566 2.06 38.13 -13.80
N VAL B 567 1.19 38.06 -14.79
CA VAL B 567 0.65 39.25 -15.38
C VAL B 567 -0.21 40.04 -14.39
N VAL B 568 -1.06 39.39 -13.65
CA VAL B 568 -1.92 40.11 -12.74
C VAL B 568 -1.11 40.72 -11.60
N LEU B 569 -0.06 40.03 -11.14
CA LEU B 569 0.80 40.59 -10.12
C LEU B 569 1.49 41.85 -10.62
N PHE B 570 2.02 41.77 -11.84
CA PHE B 570 2.65 42.94 -12.45
C PHE B 570 1.67 44.12 -12.58
N LEU B 571 0.50 43.85 -13.14
CA LEU B 571 -0.50 44.89 -13.33
C LEU B 571 -0.84 45.54 -12.00
N VAL B 572 -1.24 44.73 -11.04
CA VAL B 572 -1.76 45.23 -9.79
C VAL B 572 -0.67 45.92 -8.98
N SER B 573 0.62 45.64 -9.24
CA SER B 573 1.68 46.30 -8.51
C SER B 573 2.19 47.57 -9.19
N ARG B 574 2.09 47.68 -10.52
CA ARG B 574 2.74 48.78 -11.23
C ARG B 574 1.80 49.79 -11.88
N PHE B 575 0.50 49.54 -11.98
CA PHE B 575 -0.31 50.40 -12.82
C PHE B 575 -0.63 51.73 -12.14
N SER B 576 -0.82 51.75 -10.82
CA SER B 576 -1.30 52.95 -10.17
C SER B 576 -0.22 54.04 -10.20
N PRO B 577 -0.50 55.25 -10.73
CA PRO B 577 0.49 56.32 -10.66
C PRO B 577 0.76 56.79 -9.22
N TYR B 578 -0.12 56.45 -8.28
CA TYR B 578 0.03 56.84 -6.88
C TYR B 578 1.03 55.96 -6.14
N GLU B 579 1.40 54.81 -6.70
CA GLU B 579 2.47 54.00 -6.12
C GLU B 579 3.85 54.58 -6.45
N TRP B 580 3.99 55.16 -7.64
CA TRP B 580 5.27 55.70 -8.10
C TRP B 580 5.67 56.95 -7.30
N ASN B 598 7.85 49.43 -5.52
CA ASN B 598 7.61 48.01 -5.94
C ASN B 598 8.67 47.60 -6.96
N GLU B 599 9.41 46.55 -6.59
CA GLU B 599 10.43 46.01 -7.47
C GLU B 599 9.81 44.91 -8.33
N PHE B 600 8.62 45.16 -8.87
CA PHE B 600 7.75 44.12 -9.44
C PHE B 600 7.39 44.46 -10.88
N GLY B 601 8.42 44.63 -11.71
CA GLY B 601 8.20 44.69 -13.14
C GLY B 601 7.64 43.38 -13.66
N ILE B 602 7.50 43.28 -14.97
CA ILE B 602 6.98 42.04 -15.53
C ILE B 602 7.98 40.93 -15.31
N PHE B 603 9.26 41.19 -15.56
CA PHE B 603 10.26 40.15 -15.43
C PHE B 603 10.38 39.67 -13.97
N ASN B 604 10.36 40.59 -13.03
CA ASN B 604 10.42 40.24 -11.64
C ASN B 604 9.14 39.54 -11.18
N SER B 605 7.99 39.88 -11.75
CA SER B 605 6.76 39.17 -11.45
C SER B 605 6.82 37.72 -11.93
N LEU B 606 7.33 37.51 -13.14
CA LEU B 606 7.49 36.15 -13.62
C LEU B 606 8.46 35.37 -12.73
N TRP B 607 9.53 35.98 -12.29
CA TRP B 607 10.49 35.29 -11.46
C TRP B 607 9.87 34.98 -10.11
N PHE B 608 9.11 35.91 -9.55
CA PHE B 608 8.46 35.67 -8.27
C PHE B 608 7.53 34.47 -8.36
N SER B 609 6.73 34.43 -9.41
CA SER B 609 5.79 33.35 -9.57
C SER B 609 6.52 32.04 -9.71
N LEU B 610 7.56 32.01 -10.54
CA LEU B 610 8.30 30.76 -10.76
C LEU B 610 8.86 30.29 -9.43
N GLY B 611 9.51 31.15 -8.72
CA GLY B 611 10.11 30.69 -7.52
C GLY B 611 9.11 30.29 -6.48
N ALA B 612 7.96 30.94 -6.42
CA ALA B 612 6.90 30.52 -5.50
C ALA B 612 6.42 29.13 -5.83
N PHE B 613 6.30 28.81 -7.11
CA PHE B 613 5.85 27.49 -7.49
C PHE B 613 6.85 26.44 -7.09
N MET B 614 8.15 26.68 -7.29
CA MET B 614 9.17 25.67 -7.02
C MET B 614 9.54 25.70 -5.53
N ARG B 615 8.72 26.35 -4.68
CA ARG B 615 8.90 26.32 -3.24
C ARG B 615 10.29 26.82 -2.90
N GLN B 616 10.83 27.72 -3.72
CA GLN B 616 12.09 28.39 -3.45
C GLN B 616 11.83 29.77 -2.85
N GLY B 617 12.91 30.42 -2.45
CA GLY B 617 12.84 31.67 -1.74
C GLY B 617 12.02 32.71 -2.49
N CYS B 618 11.88 33.86 -1.84
CA CYS B 618 11.15 34.98 -2.43
C CYS B 618 12.14 35.99 -3.02
N ASP B 619 12.96 36.58 -2.15
CA ASP B 619 13.77 37.74 -2.48
C ASP B 619 12.98 39.03 -2.62
N ILE B 620 11.67 38.96 -2.77
CA ILE B 620 10.78 40.08 -2.68
C ILE B 620 9.38 39.52 -2.42
N SER B 621 8.57 40.27 -1.69
CA SER B 621 7.21 39.83 -1.43
C SER B 621 6.32 41.04 -1.65
N PRO B 622 5.19 40.90 -2.35
CA PRO B 622 4.31 42.03 -2.53
C PRO B 622 3.90 42.64 -1.21
N ARG B 623 3.92 43.98 -1.14
CA ARG B 623 3.63 44.68 0.10
C ARG B 623 2.22 45.25 0.14
N SER B 624 1.60 45.43 -1.02
CA SER B 624 0.25 45.96 -1.09
C SER B 624 -0.76 44.87 -0.80
N LEU B 625 -1.98 45.30 -0.53
CA LEU B 625 -3.06 44.37 -0.29
C LEU B 625 -3.29 43.49 -1.51
N SER B 626 -3.30 44.09 -2.69
CA SER B 626 -3.69 43.40 -3.89
C SER B 626 -2.61 42.41 -4.32
N GLY B 627 -1.37 42.87 -4.31
CA GLY B 627 -0.26 41.98 -4.57
C GLY B 627 -0.22 40.83 -3.57
N ARG B 628 -0.59 41.10 -2.32
CA ARG B 628 -0.61 40.06 -1.32
C ARG B 628 -1.73 39.06 -1.57
N ILE B 629 -2.87 39.50 -2.07
CA ILE B 629 -3.92 38.56 -2.40
C ILE B 629 -3.43 37.64 -3.51
N VAL B 630 -2.81 38.21 -4.52
CA VAL B 630 -2.33 37.41 -5.63
C VAL B 630 -1.30 36.40 -5.13
N GLY B 631 -0.34 36.88 -4.35
CA GLY B 631 0.68 36.00 -3.82
C GLY B 631 0.08 34.88 -2.96
N GLY B 632 -0.92 35.20 -2.14
CA GLY B 632 -1.49 34.23 -1.26
C GLY B 632 -2.18 33.10 -2.04
N VAL B 633 -2.98 33.46 -3.02
CA VAL B 633 -3.68 32.42 -3.76
C VAL B 633 -2.67 31.60 -4.55
N TRP B 634 -1.66 32.22 -5.11
CA TRP B 634 -0.65 31.43 -5.82
C TRP B 634 0.11 30.49 -4.87
N TRP B 635 0.36 30.92 -3.64
CA TRP B 635 0.97 30.04 -2.67
C TRP B 635 0.10 28.85 -2.28
N PHE B 636 -1.18 29.09 -2.10
CA PHE B 636 -2.10 28.01 -1.83
C PHE B 636 -2.11 27.01 -2.99
N PHE B 637 -2.22 27.55 -4.21
CA PHE B 637 -2.25 26.72 -5.37
C PHE B 637 -1.02 25.84 -5.43
N THR B 638 0.12 26.45 -5.26
CA THR B 638 1.38 25.75 -5.32
C THR B 638 1.43 24.63 -4.30
N LEU B 639 1.07 24.93 -3.05
CA LEU B 639 1.09 23.93 -2.01
C LEU B 639 0.24 22.70 -2.39
N ILE B 640 -0.98 22.91 -2.81
CA ILE B 640 -1.84 21.81 -3.17
C ILE B 640 -1.25 21.03 -4.35
N ILE B 641 -0.80 21.70 -5.39
CA ILE B 641 -0.36 21.01 -6.57
C ILE B 641 0.91 20.20 -6.32
N ILE B 642 1.83 20.73 -5.56
CA ILE B 642 3.06 20.00 -5.31
C ILE B 642 2.82 18.85 -4.37
N SER B 643 2.02 19.06 -3.34
CA SER B 643 1.67 17.96 -2.44
C SER B 643 1.02 16.84 -3.20
N SER B 644 0.15 17.19 -4.14
CA SER B 644 -0.59 16.22 -4.91
C SER B 644 0.35 15.46 -5.83
N TYR B 645 1.31 16.15 -6.39
CA TYR B 645 2.31 15.46 -7.20
C TYR B 645 3.10 14.43 -6.40
N THR B 646 3.56 14.81 -5.24
CA THR B 646 4.34 13.89 -4.43
C THR B 646 3.50 12.69 -4.00
N ALA B 647 2.27 12.96 -3.56
CA ALA B 647 1.42 11.90 -3.09
C ALA B 647 1.10 10.91 -4.22
N ASN B 648 0.77 11.41 -5.40
CA ASN B 648 0.42 10.51 -6.47
C ASN B 648 1.64 9.73 -6.96
N LEU B 649 2.81 10.32 -6.95
CA LEU B 649 4.00 9.55 -7.30
C LEU B 649 4.19 8.45 -6.27
N ALA B 650 3.97 8.71 -4.99
CA ALA B 650 4.13 7.69 -3.98
C ALA B 650 3.17 6.55 -4.30
N ALA B 651 1.93 6.88 -4.62
CA ALA B 651 0.95 5.85 -4.94
C ALA B 651 1.41 5.04 -6.15
N PHE B 652 1.89 5.69 -7.20
N PHE B 652 1.92 5.70 -7.15
CA PHE B 652 2.44 4.96 -8.34
CA PHE B 652 2.43 4.97 -8.29
C PHE B 652 3.54 4.01 -7.96
C PHE B 652 3.54 4.01 -7.93
N LEU B 653 4.50 4.43 -7.15
CA LEU B 653 5.66 3.60 -6.84
C LEU B 653 5.31 2.56 -5.79
N THR B 654 4.23 2.69 -5.05
CA THR B 654 3.88 1.69 -4.07
C THR B 654 3.23 0.49 -4.76
N VAL B 655 2.18 0.71 -5.53
CA VAL B 655 1.43 -0.36 -6.15
C VAL B 655 1.57 -0.29 -7.66
N GLU B 656 2.13 -1.35 -8.25
CA GLU B 656 2.40 -1.40 -9.67
C GLU B 656 1.25 -2.15 -10.35
N ARG B 657 0.68 -1.52 -11.39
CA ARG B 657 -0.53 -2.01 -12.01
C ARG B 657 -0.28 -2.12 -13.50
N MET B 658 0.05 -3.34 -13.94
CA MET B 658 0.35 -3.54 -15.35
C MET B 658 -0.95 -3.72 -16.11
N VAL B 659 -1.03 -3.11 -17.30
CA VAL B 659 -2.27 -3.07 -18.07
C VAL B 659 -2.08 -3.88 -19.33
N SER B 660 -3.06 -4.75 -19.62
CA SER B 660 -3.05 -5.57 -20.81
C SER B 660 -3.41 -4.69 -22.01
N PRO B 661 -2.58 -4.61 -23.07
CA PRO B 661 -2.85 -3.67 -24.16
C PRO B 661 -4.13 -3.98 -24.93
N ILE B 662 -4.53 -5.25 -24.97
CA ILE B 662 -5.72 -5.68 -25.70
C ILE B 662 -6.55 -6.59 -24.81
N GLU B 663 -7.87 -6.47 -24.92
CA GLU B 663 -8.79 -7.23 -24.09
C GLU B 663 -9.98 -7.77 -24.88
N SER B 664 -9.88 -7.84 -26.21
CA SER B 664 -11.01 -8.22 -27.04
C SER B 664 -10.52 -8.43 -28.46
N ALA B 665 -11.39 -9.00 -29.30
CA ALA B 665 -11.08 -9.19 -30.72
C ALA B 665 -11.14 -7.86 -31.45
N GLU B 666 -12.21 -7.09 -31.21
CA GLU B 666 -12.33 -5.80 -31.87
C GLU B 666 -11.13 -4.92 -31.57
N ASP B 667 -10.54 -5.05 -30.38
CA ASP B 667 -9.36 -4.28 -30.05
C ASP B 667 -8.18 -4.64 -30.95
N LEU B 668 -7.91 -5.93 -31.11
CA LEU B 668 -6.88 -6.33 -32.05
C LEU B 668 -7.18 -5.80 -33.46
N SER B 669 -8.46 -5.77 -33.83
CA SER B 669 -8.82 -5.28 -35.15
C SER B 669 -8.50 -3.79 -35.30
N LYS B 670 -8.89 -2.99 -34.30
CA LYS B 670 -8.87 -1.54 -34.43
C LYS B 670 -7.45 -1.00 -34.50
N GLN B 671 -6.59 -1.43 -33.57
CA GLN B 671 -5.21 -0.97 -33.54
C GLN B 671 -4.40 -1.74 -34.59
N THR B 672 -3.13 -1.33 -34.76
CA THR B 672 -2.23 -2.02 -35.68
C THR B 672 -0.80 -2.16 -35.15
N GLU B 673 -0.56 -1.79 -33.89
CA GLU B 673 0.81 -1.74 -33.36
C GLU B 673 1.37 -3.15 -33.08
N ILE B 674 0.47 -4.11 -32.81
CA ILE B 674 0.87 -5.47 -32.43
C ILE B 674 0.34 -6.43 -33.49
N ALA B 675 1.24 -7.26 -34.03
CA ALA B 675 0.89 -8.24 -35.03
C ALA B 675 0.15 -9.41 -34.39
N TYR B 676 -0.48 -10.23 -35.23
CA TYR B 676 -1.23 -11.38 -34.77
C TYR B 676 -1.55 -12.27 -35.95
N GLY B 677 -1.50 -13.58 -35.74
CA GLY B 677 -1.82 -14.49 -36.83
C GLY B 677 -2.11 -15.89 -36.31
N THR B 678 -2.71 -16.68 -37.20
CA THR B 678 -3.17 -18.01 -36.87
C THR B 678 -2.17 -19.05 -37.37
N LEU B 679 -2.48 -20.32 -37.11
CA LEU B 679 -1.67 -21.41 -37.63
C LEU B 679 -1.71 -21.42 -39.17
N ASP B 680 -0.76 -22.16 -39.75
CA ASP B 680 -0.57 -22.13 -41.20
C ASP B 680 -1.84 -22.58 -41.92
N SER B 681 -2.45 -23.68 -41.46
CA SER B 681 -3.67 -24.21 -42.05
C SER B 681 -4.43 -24.97 -40.97
N GLY B 682 -5.73 -24.70 -40.87
CA GLY B 682 -6.59 -25.32 -39.90
C GLY B 682 -7.91 -24.59 -39.77
N SER B 683 -8.80 -25.13 -38.93
CA SER B 683 -10.07 -24.50 -38.63
C SER B 683 -9.91 -23.07 -38.11
N THR B 684 -8.79 -22.82 -37.40
CA THR B 684 -8.50 -21.48 -36.93
C THR B 684 -8.31 -20.52 -38.11
N LYS B 685 -7.58 -20.97 -39.13
CA LYS B 685 -7.37 -20.13 -40.30
C LYS B 685 -8.70 -19.96 -41.05
N GLU B 686 -9.38 -21.09 -41.33
CA GLU B 686 -10.58 -21.03 -42.14
C GLU B 686 -11.63 -20.13 -41.51
N PHE B 687 -11.76 -20.20 -40.19
CA PHE B 687 -12.76 -19.39 -39.49
C PHE B 687 -12.65 -17.93 -39.90
N PHE B 688 -11.46 -17.52 -40.29
CA PHE B 688 -11.23 -16.15 -40.67
C PHE B 688 -11.25 -16.04 -42.18
N ARG B 689 -10.68 -17.06 -42.84
CA ARG B 689 -10.65 -17.07 -44.29
C ARG B 689 -12.07 -16.94 -44.81
N ARG B 690 -13.01 -17.61 -44.13
CA ARG B 690 -14.38 -17.60 -44.60
C ARG B 690 -15.30 -17.09 -43.52
N SER B 691 -15.20 -15.80 -43.23
CA SER B 691 -16.07 -15.20 -42.24
C SER B 691 -16.66 -13.94 -42.83
N LYS B 692 -17.90 -13.65 -42.49
CA LYS B 692 -18.55 -12.47 -43.01
C LYS B 692 -18.72 -11.44 -41.89
N ILE B 693 -18.10 -11.68 -40.75
CA ILE B 693 -18.33 -10.79 -39.60
C ILE B 693 -17.36 -9.63 -39.68
N ALA B 694 -17.87 -8.40 -39.46
CA ALA B 694 -17.07 -7.18 -39.53
C ALA B 694 -15.64 -7.38 -39.00
N VAL B 695 -15.54 -7.74 -37.71
CA VAL B 695 -14.26 -7.75 -37.03
C VAL B 695 -13.37 -8.84 -37.61
N PHE B 696 -13.92 -10.04 -37.80
CA PHE B 696 -13.12 -11.11 -38.37
C PHE B 696 -12.75 -10.82 -39.82
N ASP B 697 -13.62 -10.13 -40.54
CA ASP B 697 -13.28 -9.71 -41.90
C ASP B 697 -12.06 -8.79 -41.88
N LYS B 698 -12.05 -7.82 -40.96
CA LYS B 698 -10.94 -6.91 -40.84
C LYS B 698 -9.65 -7.67 -40.49
N MET B 699 -9.76 -8.62 -39.57
CA MET B 699 -8.61 -9.42 -39.18
C MET B 699 -8.07 -10.20 -40.38
N TRP B 700 -8.97 -10.76 -41.20
CA TRP B 700 -8.53 -11.48 -42.39
C TRP B 700 -7.82 -10.56 -43.38
N THR B 701 -8.38 -9.36 -43.59
CA THR B 701 -7.76 -8.40 -44.47
C THR B 701 -6.34 -8.07 -44.00
N TYR B 702 -6.17 -7.81 -42.71
CA TYR B 702 -4.81 -7.57 -42.23
C TYR B 702 -3.90 -8.78 -42.49
N MET B 703 -4.24 -9.93 -41.95
CA MET B 703 -3.36 -11.09 -41.98
C MET B 703 -3.06 -11.63 -43.37
N ARG B 704 -3.99 -11.52 -44.32
CA ARG B 704 -3.74 -12.09 -45.63
C ARG B 704 -2.43 -11.57 -46.22
N SER B 705 -2.08 -10.34 -45.86
CA SER B 705 -0.85 -9.73 -46.33
C SER B 705 -0.08 -9.16 -45.16
N ALA B 706 0.70 -10.00 -44.48
CA ALA B 706 1.45 -9.54 -43.31
C ALA B 706 2.90 -10.01 -43.40
N GLU B 707 3.82 -9.06 -43.48
CA GLU B 707 5.22 -9.40 -43.61
C GLU B 707 5.97 -8.95 -42.37
N PRO B 708 6.68 -9.88 -41.71
CA PRO B 708 6.82 -11.23 -42.25
C PRO B 708 5.62 -12.12 -41.93
N SER B 709 5.52 -13.23 -42.64
CA SER B 709 4.43 -14.18 -42.43
C SER B 709 4.07 -14.26 -40.94
N VAL B 710 2.85 -13.85 -40.60
CA VAL B 710 2.34 -13.99 -39.24
C VAL B 710 2.01 -15.43 -38.89
N PHE B 711 2.14 -16.36 -39.86
CA PHE B 711 1.70 -17.74 -39.70
C PHE B 711 2.89 -18.59 -39.29
N VAL B 712 2.66 -19.48 -38.32
CA VAL B 712 3.70 -20.36 -37.81
C VAL B 712 3.45 -21.77 -38.35
N ARG B 713 4.41 -22.67 -38.10
CA ARG B 713 4.33 -24.05 -38.54
C ARG B 713 3.72 -24.96 -37.50
N THR B 714 3.72 -24.56 -36.22
CA THR B 714 3.20 -25.42 -35.17
C THR B 714 2.86 -24.59 -33.94
N THR B 715 1.95 -25.11 -33.12
CA THR B 715 1.57 -24.47 -31.87
C THR B 715 2.79 -24.17 -30.99
N ALA B 716 3.74 -25.11 -30.93
CA ALA B 716 4.98 -24.87 -30.22
C ALA B 716 5.70 -23.64 -30.79
N GLU B 717 5.77 -23.55 -32.12
CA GLU B 717 6.37 -22.39 -32.75
C GLU B 717 5.59 -21.13 -32.41
N GLY B 718 4.26 -21.21 -32.40
CA GLY B 718 3.43 -20.06 -32.10
C GLY B 718 3.70 -19.51 -30.68
N VAL B 719 3.73 -20.41 -29.70
CA VAL B 719 3.98 -20.00 -28.34
C VAL B 719 5.40 -19.45 -28.23
N ALA B 720 6.37 -20.10 -28.89
CA ALA B 720 7.74 -19.62 -28.85
C ALA B 720 7.83 -18.20 -29.43
N ARG B 721 7.11 -17.97 -30.54
CA ARG B 721 7.16 -16.67 -31.19
C ARG B 721 6.51 -15.60 -30.32
N VAL B 722 5.36 -15.90 -29.71
CA VAL B 722 4.72 -14.93 -28.85
C VAL B 722 5.61 -14.64 -27.63
N ARG B 723 6.37 -15.64 -27.18
CA ARG B 723 7.25 -15.43 -26.04
C ARG B 723 8.49 -14.64 -26.43
N LYS B 724 8.93 -14.78 -27.69
CA LYS B 724 10.08 -14.03 -28.17
C LYS B 724 9.74 -12.54 -28.28
N SER B 725 8.76 -12.21 -29.12
CA SER B 725 8.30 -10.83 -29.24
C SER B 725 7.86 -10.32 -27.86
N LYS B 726 8.26 -9.10 -27.53
CA LYS B 726 7.94 -8.56 -26.21
C LYS B 726 6.42 -8.49 -26.03
N GLY B 727 5.76 -7.65 -26.82
CA GLY B 727 4.31 -7.59 -26.85
C GLY B 727 3.79 -7.36 -28.25
N LYS B 728 4.61 -7.65 -29.26
CA LYS B 728 4.30 -7.26 -30.62
C LYS B 728 3.31 -8.25 -31.26
N TYR B 729 3.41 -9.54 -30.89
CA TYR B 729 2.66 -10.59 -31.57
C TYR B 729 1.65 -11.24 -30.63
N ALA B 730 0.44 -11.49 -31.16
CA ALA B 730 -0.62 -12.17 -30.45
C ALA B 730 -1.08 -13.36 -31.26
N TYR B 731 -1.18 -14.53 -30.63
CA TYR B 731 -1.45 -15.77 -31.33
C TYR B 731 -2.90 -16.20 -31.13
N LEU B 732 -3.59 -16.56 -32.23
CA LEU B 732 -4.97 -17.01 -32.15
C LEU B 732 -5.01 -18.53 -32.24
N LEU B 733 -5.53 -19.17 -31.18
CA LEU B 733 -5.58 -20.62 -31.12
C LEU B 733 -6.80 -21.06 -30.31
N GLU B 734 -7.01 -22.37 -30.19
CA GLU B 734 -8.17 -22.87 -29.45
C GLU B 734 -8.03 -22.53 -27.97
N SER B 735 -9.18 -22.35 -27.32
CA SER B 735 -9.20 -21.92 -25.94
C SER B 735 -8.55 -22.96 -25.02
N THR B 736 -8.83 -24.23 -25.28
CA THR B 736 -8.39 -25.28 -24.37
C THR B 736 -6.87 -25.36 -24.34
N MET B 737 -6.26 -25.37 -25.52
CA MET B 737 -4.81 -25.39 -25.59
C MET B 737 -4.21 -24.13 -24.98
N ASN B 738 -4.86 -23.00 -25.21
CA ASN B 738 -4.41 -21.74 -24.62
C ASN B 738 -4.43 -21.81 -23.10
N GLU B 739 -5.51 -22.31 -22.52
CA GLU B 739 -5.62 -22.43 -21.08
C GLU B 739 -4.56 -23.39 -20.56
N TYR B 740 -4.31 -24.50 -21.27
CA TYR B 740 -3.29 -25.43 -20.85
C TYR B 740 -1.93 -24.73 -20.81
N ILE B 741 -1.57 -24.07 -21.90
CA ILE B 741 -0.28 -23.41 -21.99
C ILE B 741 -0.12 -22.36 -20.88
N GLU B 742 -1.15 -21.58 -20.65
CA GLU B 742 -1.06 -20.50 -19.69
C GLU B 742 -0.62 -21.01 -18.31
N GLN B 743 -1.20 -22.12 -17.87
CA GLN B 743 -0.95 -22.59 -16.51
C GLN B 743 0.41 -23.29 -16.37
N ARG B 744 1.14 -23.51 -17.48
CA ARG B 744 2.42 -24.17 -17.42
C ARG B 744 3.56 -23.15 -17.30
N LYS B 745 4.71 -23.63 -16.82
CA LYS B 745 5.90 -22.81 -16.74
C LYS B 745 6.36 -22.49 -18.16
N PRO B 746 6.96 -21.30 -18.39
CA PRO B 746 7.30 -20.32 -17.36
C PRO B 746 6.17 -19.33 -17.04
N CYS B 747 4.94 -19.64 -17.43
CA CYS B 747 3.82 -18.73 -17.23
C CYS B 747 4.13 -17.36 -17.87
N ASP B 748 4.66 -17.38 -19.08
CA ASP B 748 5.02 -16.15 -19.74
C ASP B 748 3.84 -15.57 -20.49
N THR B 749 2.77 -16.35 -20.64
CA THR B 749 1.67 -15.96 -21.49
C THR B 749 0.32 -16.02 -20.81
N MET B 750 -0.62 -15.25 -21.34
CA MET B 750 -1.97 -15.21 -20.80
C MET B 750 -2.96 -15.23 -21.97
N LYS B 751 -4.21 -15.50 -21.62
CA LYS B 751 -5.30 -15.55 -22.60
C LYS B 751 -6.22 -14.39 -22.33
N VAL B 752 -6.51 -13.61 -23.39
CA VAL B 752 -7.28 -12.38 -23.22
C VAL B 752 -8.62 -12.52 -23.93
N GLY B 753 -9.60 -11.82 -23.37
CA GLY B 753 -10.93 -11.76 -23.94
C GLY B 753 -11.67 -13.08 -23.85
N GLY B 754 -12.78 -13.11 -24.58
CA GLY B 754 -13.63 -14.28 -24.68
C GLY B 754 -13.28 -15.12 -25.89
N ASN B 755 -14.02 -16.21 -26.04
CA ASN B 755 -13.95 -17.02 -27.24
C ASN B 755 -14.50 -16.22 -28.43
N LEU B 756 -13.85 -16.31 -29.57
CA LEU B 756 -14.35 -15.66 -30.78
C LEU B 756 -15.53 -16.44 -31.36
N ASP B 757 -15.47 -17.78 -31.34
CA ASP B 757 -16.59 -18.58 -31.81
C ASP B 757 -16.91 -19.68 -30.80
N SER B 758 -17.77 -20.62 -31.19
CA SER B 758 -18.15 -21.76 -30.37
C SER B 758 -17.92 -23.04 -31.17
N LYS B 759 -17.29 -24.03 -30.54
CA LYS B 759 -17.14 -25.36 -31.06
C LYS B 759 -17.13 -26.32 -29.89
N GLY B 760 -17.35 -27.61 -30.22
CA GLY B 760 -17.51 -28.65 -29.22
C GLY B 760 -16.59 -29.85 -29.50
N TYR B 761 -16.23 -30.56 -28.43
CA TYR B 761 -15.57 -31.83 -28.52
C TYR B 761 -16.53 -32.90 -28.08
N GLY B 762 -16.52 -34.03 -28.80
CA GLY B 762 -17.45 -35.11 -28.57
C GLY B 762 -16.80 -36.46 -28.71
N ILE B 763 -17.58 -37.49 -28.37
CA ILE B 763 -17.19 -38.88 -28.52
C ILE B 763 -17.73 -39.37 -29.84
N ALA B 764 -16.84 -39.90 -30.70
CA ALA B 764 -17.28 -40.44 -31.97
C ALA B 764 -17.88 -41.84 -31.75
N THR B 765 -18.42 -42.42 -32.82
CA THR B 765 -19.00 -43.74 -32.80
C THR B 765 -19.23 -44.16 -34.25
N PRO B 766 -19.13 -45.45 -34.60
CA PRO B 766 -19.36 -45.86 -35.99
C PRO B 766 -20.74 -45.47 -36.51
N LYS B 767 -20.89 -45.52 -37.82
CA LYS B 767 -22.08 -45.02 -38.50
C LYS B 767 -23.38 -45.49 -37.85
N GLY B 768 -23.42 -46.72 -37.33
CA GLY B 768 -24.56 -47.19 -36.57
C GLY B 768 -24.17 -48.24 -35.53
N SER B 769 -24.48 -47.98 -34.25
CA SER B 769 -24.22 -48.95 -33.20
C SER B 769 -25.05 -48.61 -31.97
N SER B 770 -25.15 -49.60 -31.07
CA SER B 770 -25.89 -49.46 -29.83
C SER B 770 -25.07 -48.81 -28.73
N LEU B 771 -23.80 -48.47 -28.99
CA LEU B 771 -22.95 -47.85 -27.97
C LEU B 771 -23.20 -46.34 -27.91
N GLY B 772 -23.52 -45.73 -29.06
CA GLY B 772 -23.72 -44.30 -29.15
C GLY B 772 -24.83 -43.77 -28.26
N THR B 773 -25.98 -44.42 -28.37
CA THR B 773 -27.14 -44.02 -27.61
C THR B 773 -26.86 -43.98 -26.11
N PRO B 774 -26.20 -44.99 -25.51
CA PRO B 774 -25.89 -44.94 -24.09
C PRO B 774 -24.71 -44.04 -23.72
N VAL B 775 -23.72 -43.88 -24.60
CA VAL B 775 -22.63 -42.94 -24.30
C VAL B 775 -23.14 -41.50 -24.26
N ASN B 776 -24.13 -41.16 -25.10
CA ASN B 776 -24.73 -39.83 -25.00
C ASN B 776 -25.30 -39.58 -23.61
N LEU B 777 -26.07 -40.55 -23.09
CA LEU B 777 -26.63 -40.44 -21.77
C LEU B 777 -25.51 -40.36 -20.73
N ALA B 778 -24.43 -41.13 -20.93
CA ALA B 778 -23.31 -41.10 -20.01
C ALA B 778 -22.68 -39.71 -19.94
N VAL B 779 -22.46 -39.08 -21.10
CA VAL B 779 -21.83 -37.77 -21.13
C VAL B 779 -22.74 -36.75 -20.47
N LEU B 780 -24.04 -36.77 -20.77
CA LEU B 780 -24.94 -35.83 -20.11
C LEU B 780 -24.98 -36.05 -18.59
N LYS B 781 -24.98 -37.30 -18.15
CA LYS B 781 -24.99 -37.61 -16.73
C LYS B 781 -23.72 -37.08 -16.08
N LEU B 782 -22.56 -37.33 -16.70
CA LEU B 782 -21.30 -36.82 -16.18
C LEU B 782 -21.33 -35.30 -16.04
N SER B 783 -21.78 -34.61 -17.12
CA SER B 783 -21.85 -33.17 -17.09
C SER B 783 -22.74 -32.67 -15.95
N GLU B 784 -23.94 -33.25 -15.83
CA GLU B 784 -24.91 -32.77 -14.87
C GLU B 784 -24.43 -33.03 -13.44
N GLN B 785 -23.84 -34.20 -13.20
CA GLN B 785 -23.39 -34.55 -11.85
C GLN B 785 -22.29 -33.60 -11.37
N GLY B 786 -21.49 -33.08 -12.31
CA GLY B 786 -20.33 -32.27 -11.99
C GLY B 786 -19.01 -33.01 -12.13
N VAL B 787 -19.01 -34.22 -12.70
CA VAL B 787 -17.79 -34.97 -12.91
C VAL B 787 -16.85 -34.21 -13.86
N LEU B 788 -17.41 -33.70 -14.97
CA LEU B 788 -16.56 -33.12 -16.00
C LEU B 788 -15.91 -31.83 -15.53
N ASP B 789 -16.65 -31.00 -14.80
CA ASP B 789 -16.09 -29.76 -14.28
C ASP B 789 -14.96 -30.06 -13.29
N LYS B 790 -15.18 -31.04 -12.42
CA LYS B 790 -14.16 -31.40 -11.42
C LYS B 790 -12.92 -32.00 -12.11
N LEU B 791 -13.13 -32.82 -13.12
CA LEU B 791 -12.01 -33.42 -13.83
C LEU B 791 -11.22 -32.36 -14.57
N LYS B 792 -11.91 -31.38 -15.12
CA LYS B 792 -11.24 -30.36 -15.91
C LYS B 792 -10.33 -29.54 -15.02
N ASN B 793 -10.90 -29.07 -13.92
CA ASN B 793 -10.11 -28.29 -12.98
C ASN B 793 -8.88 -29.08 -12.64
N LYS B 794 -9.08 -30.37 -12.36
CA LYS B 794 -7.98 -31.19 -11.90
C LYS B 794 -6.78 -31.19 -12.87
N TRP B 795 -7.01 -31.41 -14.16
CA TRP B 795 -5.86 -31.58 -15.06
C TRP B 795 -5.34 -30.28 -15.64
N TRP B 796 -6.09 -29.19 -15.50
CA TRP B 796 -5.66 -27.92 -16.06
C TRP B 796 -5.11 -27.03 -14.94
N TYR B 797 -5.63 -27.20 -13.74
CA TYR B 797 -5.25 -26.33 -12.63
C TYR B 797 -4.66 -27.09 -11.44
N ASP B 798 -5.28 -28.20 -11.00
CA ASP B 798 -4.69 -28.94 -9.89
C ASP B 798 -3.26 -29.41 -10.20
N LYS B 799 -3.00 -29.77 -11.47
CA LYS B 799 -1.65 -29.95 -11.95
C LYS B 799 -0.99 -28.64 -12.35
N GLY B 800 -1.58 -27.50 -11.98
CA GLY B 800 -1.10 -26.19 -12.39
C GLY B 800 0.27 -25.89 -11.81
N GLU B 801 1.25 -25.65 -12.69
CA GLU B 801 2.58 -25.26 -12.25
C GLU B 801 2.64 -23.77 -11.87
N CYS B 802 1.50 -23.10 -11.69
CA CYS B 802 1.45 -21.66 -11.78
C CYS B 802 0.36 -21.13 -10.85
N GLY B 803 0.45 -19.84 -10.52
CA GLY B 803 -0.47 -19.20 -9.58
C GLY B 803 -1.88 -19.09 -10.12
N GLU B 811 10.01 -8.32 -5.46
CA GLU B 811 8.70 -7.73 -5.08
C GLU B 811 8.89 -6.44 -4.31
N LYS B 812 9.84 -6.45 -3.37
CA LYS B 812 10.11 -5.29 -2.53
C LYS B 812 10.42 -4.09 -3.42
N THR B 813 9.87 -2.93 -3.07
CA THR B 813 10.05 -1.78 -3.92
C THR B 813 11.54 -1.61 -4.16
N SER B 814 11.90 -1.30 -5.41
CA SER B 814 13.30 -1.15 -5.74
C SER B 814 13.72 0.31 -5.63
N ALA B 815 14.99 0.53 -5.38
CA ALA B 815 15.56 1.88 -5.48
C ALA B 815 15.32 2.41 -6.86
N LEU B 816 15.26 3.72 -6.91
CA LEU B 816 14.78 4.42 -8.10
C LEU B 816 15.99 4.70 -8.97
N SER B 817 15.89 4.33 -10.23
CA SER B 817 17.03 4.20 -11.12
C SER B 817 17.22 5.45 -11.93
N LEU B 818 18.42 5.64 -12.45
CA LEU B 818 18.72 6.83 -13.23
C LEU B 818 17.86 6.96 -14.48
N SER B 819 17.12 5.91 -14.87
CA SER B 819 16.35 5.87 -16.09
C SER B 819 15.01 6.59 -15.93
N ASN B 820 14.47 6.66 -14.73
CA ASN B 820 13.19 7.32 -14.53
C ASN B 820 13.34 8.67 -13.85
N VAL B 821 14.52 9.24 -13.85
CA VAL B 821 14.70 10.68 -13.67
C VAL B 821 15.61 11.25 -14.74
N ALA B 822 15.91 10.50 -15.79
CA ALA B 822 16.88 10.95 -16.78
C ALA B 822 16.39 12.21 -17.50
N GLY B 823 15.10 12.30 -17.74
CA GLY B 823 14.55 13.43 -18.46
C GLY B 823 14.85 14.75 -17.78
N VAL B 824 14.77 14.76 -16.47
CA VAL B 824 14.99 15.99 -15.73
C VAL B 824 16.47 16.37 -15.82
N PHE B 825 17.37 15.39 -15.84
CA PHE B 825 18.77 15.70 -16.13
C PHE B 825 18.97 16.30 -17.52
N TYR B 826 18.30 15.75 -18.54
CA TYR B 826 18.43 16.30 -19.87
C TYR B 826 17.92 17.74 -19.89
N ILE B 827 16.78 18.01 -19.25
CA ILE B 827 16.29 19.37 -19.20
C ILE B 827 17.29 20.27 -18.48
N LEU B 828 17.90 19.79 -17.40
CA LEU B 828 18.84 20.61 -16.65
C LEU B 828 20.01 21.02 -17.53
N VAL B 829 20.61 20.04 -18.19
CA VAL B 829 21.77 20.37 -18.99
C VAL B 829 21.39 21.24 -20.21
N GLY B 830 20.21 20.98 -20.77
CA GLY B 830 19.74 21.83 -21.83
C GLY B 830 19.58 23.26 -21.38
N GLY B 831 19.01 23.46 -20.19
CA GLY B 831 18.84 24.80 -19.68
C GLY B 831 20.19 25.46 -19.39
N LEU B 832 21.19 24.72 -18.91
CA LEU B 832 22.51 25.28 -18.73
C LEU B 832 23.12 25.71 -20.05
N GLY B 833 22.97 24.90 -21.08
CA GLY B 833 23.43 25.30 -22.40
C GLY B 833 22.73 26.55 -22.91
N LEU B 834 21.43 26.60 -22.75
CA LEU B 834 20.66 27.76 -23.19
C LEU B 834 21.11 29.01 -22.43
N ALA B 835 21.33 28.89 -21.13
CA ALA B 835 21.75 30.02 -20.33
C ALA B 835 23.10 30.54 -20.82
N MET B 836 24.02 29.61 -21.09
CA MET B 836 25.33 30.01 -21.59
C MET B 836 25.18 30.74 -22.93
N LEU B 837 24.33 30.21 -23.80
CA LEU B 837 24.13 30.84 -25.08
C LEU B 837 23.59 32.26 -24.92
N VAL B 838 22.58 32.43 -24.09
CA VAL B 838 21.99 33.74 -23.90
C VAL B 838 23.02 34.73 -23.35
N ALA B 839 23.81 34.29 -22.37
CA ALA B 839 24.82 35.18 -21.81
C ALA B 839 25.80 35.60 -22.89
N LEU B 840 26.24 34.64 -23.72
CA LEU B 840 27.23 34.98 -24.74
C LEU B 840 26.62 35.91 -25.77
N ILE B 841 25.36 35.72 -26.13
CA ILE B 841 24.71 36.62 -27.08
C ILE B 841 24.67 38.04 -26.50
N GLU B 842 24.27 38.19 -25.25
CA GLU B 842 24.23 39.51 -24.64
C GLU B 842 25.62 40.13 -24.64
N PHE B 843 26.64 39.35 -24.32
CA PHE B 843 27.99 39.88 -24.27
C PHE B 843 28.48 40.32 -25.65
N CYS B 844 28.22 39.51 -26.68
CA CYS B 844 28.59 39.89 -28.04
C CYS B 844 27.85 41.17 -28.46
N TYR B 845 26.57 41.25 -28.13
CA TYR B 845 25.80 42.42 -28.48
C TYR B 845 26.36 43.67 -27.79
N LYS B 846 26.63 43.59 -26.50
CA LYS B 846 27.18 44.72 -25.77
C LYS B 846 28.55 45.11 -26.29
N SER B 847 29.39 44.13 -26.65
CA SER B 847 30.71 44.44 -27.18
C SER B 847 30.61 45.21 -28.49
N ARG B 848 29.73 44.77 -29.40
CA ARG B 848 29.62 45.43 -30.70
C ARG B 848 29.09 46.85 -30.54
N ALA B 849 28.08 47.04 -29.67
CA ALA B 849 27.50 48.36 -29.48
C ALA B 849 28.53 49.33 -28.89
N GLU B 850 29.37 48.83 -27.97
CA GLU B 850 30.32 49.70 -27.29
C GLU B 850 31.37 50.26 -28.26
N ALA B 851 31.63 49.58 -29.38
CA ALA B 851 32.59 50.08 -30.36
C ALA B 851 32.22 51.49 -30.84
N LYS B 852 30.94 51.72 -31.17
CA LYS B 852 30.48 53.03 -31.59
C LYS B 852 30.55 54.07 -30.46
N THR C 423 -47.17 -29.02 -43.48
CA THR C 423 -46.91 -28.02 -42.41
C THR C 423 -46.39 -28.73 -41.16
N VAL C 424 -45.55 -28.03 -40.39
CA VAL C 424 -44.99 -28.57 -39.16
C VAL C 424 -45.30 -27.60 -38.02
N VAL C 425 -45.83 -28.13 -36.92
CA VAL C 425 -46.13 -27.34 -35.75
C VAL C 425 -44.85 -27.12 -34.97
N VAL C 426 -44.55 -25.85 -34.66
CA VAL C 426 -43.37 -25.48 -33.91
C VAL C 426 -43.84 -24.95 -32.55
N THR C 427 -43.34 -25.57 -31.49
CA THR C 427 -43.58 -25.09 -30.14
C THR C 427 -42.42 -24.20 -29.72
N THR C 428 -42.75 -23.12 -29.02
CA THR C 428 -41.77 -22.16 -28.55
C THR C 428 -42.20 -21.66 -27.18
N ILE C 429 -41.54 -20.61 -26.70
CA ILE C 429 -41.89 -19.96 -25.46
C ILE C 429 -41.63 -18.47 -25.60
N LEU C 430 -42.27 -17.68 -24.73
CA LEU C 430 -42.04 -16.26 -24.68
C LEU C 430 -40.79 -15.98 -23.84
N GLU C 431 -39.71 -15.61 -24.54
CA GLU C 431 -38.46 -15.25 -23.90
C GLU C 431 -37.76 -14.20 -24.72
N SER C 432 -37.43 -13.08 -24.09
CA SER C 432 -36.67 -12.06 -24.81
C SER C 432 -35.19 -12.41 -24.72
N PRO C 433 -34.39 -12.28 -25.80
CA PRO C 433 -34.78 -11.94 -27.15
C PRO C 433 -35.02 -13.14 -28.06
N TYR C 434 -35.42 -14.25 -27.44
CA TYR C 434 -35.60 -15.49 -28.19
C TYR C 434 -36.89 -15.42 -29.01
N VAL C 435 -38.02 -15.17 -28.35
CA VAL C 435 -39.30 -14.99 -29.02
C VAL C 435 -40.03 -13.89 -28.29
N MET C 436 -40.35 -12.80 -29.02
CA MET C 436 -40.95 -11.62 -28.42
C MET C 436 -42.23 -11.27 -29.18
N MET C 437 -43.22 -10.77 -28.44
CA MET C 437 -44.45 -10.24 -29.02
C MET C 437 -44.13 -8.95 -29.75
N LYS C 438 -44.61 -8.83 -30.99
CA LYS C 438 -44.30 -7.68 -31.82
C LYS C 438 -45.16 -6.50 -31.39
N LYS C 439 -44.82 -5.31 -31.90
CA LYS C 439 -45.57 -4.10 -31.57
C LYS C 439 -47.04 -4.23 -32.00
N ASN C 440 -47.27 -4.67 -33.25
CA ASN C 440 -48.60 -4.74 -33.82
C ASN C 440 -49.13 -6.18 -33.85
N HIS C 441 -48.77 -6.99 -32.87
CA HIS C 441 -49.18 -8.39 -32.82
C HIS C 441 -50.69 -8.59 -32.87
N GLU C 442 -51.45 -7.66 -32.27
CA GLU C 442 -52.90 -7.74 -32.23
C GLU C 442 -53.50 -7.78 -33.64
N MET C 443 -52.81 -7.18 -34.63
CA MET C 443 -53.30 -7.08 -35.98
C MET C 443 -52.39 -7.84 -36.95
N LEU C 444 -52.01 -9.08 -36.57
CA LEU C 444 -51.16 -9.90 -37.42
C LEU C 444 -51.59 -11.36 -37.38
N GLU C 445 -51.14 -12.09 -38.40
CA GLU C 445 -51.38 -13.52 -38.55
C GLU C 445 -50.40 -14.29 -37.64
N GLY C 446 -50.32 -15.62 -37.80
CA GLY C 446 -49.48 -16.45 -36.96
C GLY C 446 -48.00 -16.07 -37.00
N ASN C 447 -47.33 -16.36 -38.11
CA ASN C 447 -45.87 -16.34 -38.15
C ASN C 447 -45.34 -14.92 -38.09
N GLU C 448 -45.92 -14.02 -38.89
CA GLU C 448 -45.40 -12.65 -38.96
C GLU C 448 -45.66 -11.89 -37.65
N ARG C 449 -46.52 -12.41 -36.78
CA ARG C 449 -46.82 -11.74 -35.52
C ARG C 449 -45.65 -11.77 -34.54
N TYR C 450 -44.70 -12.71 -34.70
CA TYR C 450 -43.62 -12.91 -33.76
C TYR C 450 -42.29 -12.50 -34.35
N GLU C 451 -41.33 -12.27 -33.44
CA GLU C 451 -39.96 -11.93 -33.80
C GLU C 451 -39.06 -12.35 -32.66
N GLY C 452 -37.82 -12.69 -32.98
CA GLY C 452 -36.84 -13.05 -31.98
C GLY C 452 -35.76 -13.94 -32.55
N TYR C 453 -34.80 -14.29 -31.70
CA TYR C 453 -33.69 -15.13 -32.11
C TYR C 453 -34.21 -16.49 -32.58
N CYS C 454 -35.12 -17.07 -31.79
CA CYS C 454 -35.69 -18.36 -32.16
C CYS C 454 -36.53 -18.26 -33.42
N VAL C 455 -37.19 -17.12 -33.66
CA VAL C 455 -37.99 -16.96 -34.85
C VAL C 455 -37.09 -17.06 -36.09
N ASP C 456 -35.98 -16.32 -36.08
CA ASP C 456 -35.06 -16.35 -37.20
C ASP C 456 -34.41 -17.72 -37.34
N LEU C 457 -34.11 -18.36 -36.20
CA LEU C 457 -33.51 -19.69 -36.25
C LEU C 457 -34.48 -20.67 -36.89
N ALA C 458 -35.75 -20.59 -36.50
CA ALA C 458 -36.77 -21.47 -37.05
C ALA C 458 -36.92 -21.22 -38.55
N ALA C 459 -36.94 -19.95 -38.96
CA ALA C 459 -37.04 -19.63 -40.37
C ALA C 459 -35.90 -20.26 -41.16
N GLU C 460 -34.67 -20.13 -40.65
CA GLU C 460 -33.52 -20.65 -41.37
C GLU C 460 -33.56 -22.18 -41.39
N ILE C 461 -33.96 -22.80 -40.29
CA ILE C 461 -34.03 -24.26 -40.24
C ILE C 461 -35.04 -24.75 -41.28
N ALA C 462 -36.19 -24.08 -41.34
CA ALA C 462 -37.21 -24.45 -42.32
C ALA C 462 -36.66 -24.31 -43.73
N LYS C 463 -35.97 -23.20 -44.01
CA LYS C 463 -35.42 -22.99 -45.34
C LYS C 463 -34.43 -24.10 -45.70
N HIS C 464 -33.57 -24.50 -44.76
CA HIS C 464 -32.64 -25.58 -45.01
C HIS C 464 -33.36 -26.89 -45.30
N CYS C 465 -34.41 -27.16 -44.52
CA CYS C 465 -35.17 -28.40 -44.68
C CYS C 465 -36.29 -28.28 -45.72
N GLY C 466 -36.75 -27.05 -46.00
CA GLY C 466 -37.74 -26.81 -47.03
C GLY C 466 -39.13 -27.33 -46.65
N PHE C 467 -39.78 -26.68 -45.68
CA PHE C 467 -41.13 -27.03 -45.28
C PHE C 467 -41.73 -25.86 -44.52
N LYS C 468 -43.00 -25.55 -44.79
CA LYS C 468 -43.73 -24.51 -44.08
C LYS C 468 -43.88 -24.88 -42.61
N TYR C 469 -44.23 -23.90 -41.78
CA TYR C 469 -44.33 -24.10 -40.34
C TYR C 469 -45.25 -23.04 -39.76
N LYS C 470 -45.72 -23.31 -38.52
CA LYS C 470 -46.62 -22.39 -37.81
C LYS C 470 -46.16 -22.33 -36.37
N LEU C 471 -45.58 -21.20 -35.95
CA LEU C 471 -45.11 -21.04 -34.59
C LEU C 471 -46.29 -20.97 -33.63
N THR C 472 -46.18 -21.68 -32.52
CA THR C 472 -47.26 -21.72 -31.54
C THR C 472 -46.62 -21.74 -30.16
N ILE C 473 -47.01 -20.78 -29.32
CA ILE C 473 -46.45 -20.70 -27.97
C ILE C 473 -47.01 -21.86 -27.16
N VAL C 474 -46.27 -22.20 -26.10
CA VAL C 474 -46.70 -23.22 -25.16
C VAL C 474 -47.76 -22.63 -24.24
N GLY C 475 -48.88 -23.34 -24.09
CA GLY C 475 -50.00 -22.87 -23.29
C GLY C 475 -49.63 -22.69 -21.82
N ASP C 476 -49.01 -23.71 -21.24
CA ASP C 476 -48.75 -23.72 -19.80
C ASP C 476 -47.77 -22.61 -19.41
N GLY C 477 -46.73 -22.41 -20.25
CA GLY C 477 -45.69 -21.45 -20.00
C GLY C 477 -44.44 -22.01 -19.30
N LYS C 478 -44.26 -23.34 -19.28
CA LYS C 478 -43.11 -23.98 -18.69
C LYS C 478 -42.23 -24.58 -19.79
N TYR C 479 -41.03 -25.03 -19.41
CA TYR C 479 -40.11 -25.62 -20.36
C TYR C 479 -40.27 -27.13 -20.39
N GLY C 480 -40.04 -27.77 -19.23
CA GLY C 480 -40.01 -29.22 -19.18
C GLY C 480 -39.84 -29.71 -17.75
N ALA C 481 -40.65 -30.69 -17.35
CA ALA C 481 -40.55 -31.25 -16.01
C ALA C 481 -41.40 -32.51 -15.94
N ARG C 482 -40.82 -33.55 -15.33
CA ARG C 482 -41.52 -34.80 -15.09
C ARG C 482 -42.00 -34.77 -13.63
N ASP C 483 -43.31 -34.55 -13.45
CA ASP C 483 -43.89 -34.65 -12.13
C ASP C 483 -43.65 -36.06 -11.60
N ALA C 484 -43.07 -36.16 -10.41
CA ALA C 484 -42.60 -37.45 -9.88
C ALA C 484 -43.73 -38.47 -9.80
N ASP C 485 -44.90 -38.03 -9.34
CA ASP C 485 -46.03 -38.94 -9.13
C ASP C 485 -46.64 -39.37 -10.48
N THR C 486 -47.15 -38.40 -11.24
CA THR C 486 -47.94 -38.72 -12.42
C THR C 486 -47.05 -39.25 -13.55
N LYS C 487 -45.81 -38.76 -13.62
CA LYS C 487 -44.92 -38.94 -14.76
C LYS C 487 -45.52 -38.24 -15.99
N ILE C 488 -45.94 -36.99 -15.78
CA ILE C 488 -46.44 -36.14 -16.84
C ILE C 488 -45.34 -35.16 -17.23
N TRP C 489 -45.29 -34.85 -18.53
CA TRP C 489 -44.38 -33.86 -19.07
C TRP C 489 -45.18 -32.60 -19.40
N ASN C 490 -44.93 -31.53 -18.66
CA ASN C 490 -45.51 -30.23 -18.94
C ASN C 490 -44.51 -29.39 -19.73
N GLY C 491 -45.02 -28.38 -20.41
CA GLY C 491 -44.19 -27.53 -21.23
C GLY C 491 -43.88 -28.18 -22.57
N MET C 492 -42.94 -27.56 -23.29
CA MET C 492 -42.61 -27.99 -24.64
C MET C 492 -42.17 -29.45 -24.70
N VAL C 493 -41.59 -29.97 -23.62
CA VAL C 493 -41.30 -31.39 -23.54
C VAL C 493 -42.60 -32.19 -23.61
N GLY C 494 -43.67 -31.69 -22.98
CA GLY C 494 -44.99 -32.28 -23.15
C GLY C 494 -45.46 -32.26 -24.58
N GLU C 495 -45.35 -31.09 -25.21
CA GLU C 495 -45.75 -30.93 -26.60
C GLU C 495 -44.96 -31.86 -27.53
N LEU C 496 -43.79 -32.32 -27.09
CA LEU C 496 -42.99 -33.21 -27.90
C LEU C 496 -43.34 -34.67 -27.63
N VAL C 497 -43.47 -35.05 -26.35
CA VAL C 497 -43.68 -36.44 -26.01
C VAL C 497 -45.09 -36.88 -26.45
N TYR C 498 -46.10 -36.03 -26.20
CA TYR C 498 -47.49 -36.38 -26.50
C TYR C 498 -47.92 -35.86 -27.87
N GLY C 499 -46.98 -35.79 -28.81
CA GLY C 499 -47.29 -35.53 -30.22
C GLY C 499 -48.08 -34.25 -30.50
N LYS C 500 -48.29 -33.39 -29.48
CA LYS C 500 -49.03 -32.16 -29.67
C LYS C 500 -48.27 -31.18 -30.57
N ALA C 501 -46.95 -31.31 -30.68
CA ALA C 501 -46.12 -30.53 -31.57
C ALA C 501 -45.13 -31.45 -32.29
N ASP C 502 -44.37 -30.88 -33.21
CA ASP C 502 -43.42 -31.63 -34.02
C ASP C 502 -41.97 -31.19 -33.82
N ILE C 503 -41.72 -30.03 -33.22
CA ILE C 503 -40.37 -29.54 -33.00
C ILE C 503 -40.46 -28.38 -32.02
N ALA C 504 -39.43 -28.23 -31.20
CA ALA C 504 -39.29 -27.10 -30.30
C ALA C 504 -38.03 -26.34 -30.68
N ILE C 505 -38.15 -25.02 -30.86
CA ILE C 505 -37.01 -24.20 -31.26
C ILE C 505 -36.81 -23.12 -30.20
N ALA C 506 -37.05 -23.47 -28.95
CA ALA C 506 -36.91 -22.54 -27.83
C ALA C 506 -35.55 -22.74 -27.17
N PRO C 507 -35.12 -21.84 -26.27
CA PRO C 507 -33.95 -22.10 -25.45
C PRO C 507 -34.13 -23.24 -24.47
N LEU C 508 -34.11 -24.47 -24.99
CA LEU C 508 -34.40 -25.65 -24.18
C LEU C 508 -33.08 -26.34 -23.82
N THR C 509 -32.83 -26.47 -22.52
CA THR C 509 -31.57 -27.01 -22.05
C THR C 509 -31.44 -28.49 -22.42
N ILE C 510 -30.21 -28.92 -22.70
CA ILE C 510 -29.93 -30.31 -23.01
C ILE C 510 -29.56 -30.99 -21.69
N THR C 511 -30.57 -31.53 -21.01
CA THR C 511 -30.37 -32.24 -19.76
C THR C 511 -30.55 -33.72 -19.97
N LEU C 512 -30.26 -34.50 -18.92
CA LEU C 512 -30.34 -35.96 -18.98
C LEU C 512 -31.77 -36.44 -18.82
N VAL C 513 -32.48 -35.95 -17.80
CA VAL C 513 -33.87 -36.30 -17.61
C VAL C 513 -34.71 -35.99 -18.85
N ARG C 514 -34.22 -35.08 -19.69
CA ARG C 514 -34.92 -34.64 -20.87
C ARG C 514 -34.45 -35.37 -22.14
N GLU C 515 -33.16 -35.70 -22.22
CA GLU C 515 -32.63 -36.33 -23.40
C GLU C 515 -33.19 -37.74 -23.62
N GLU C 516 -33.73 -38.34 -22.55
CA GLU C 516 -34.24 -39.70 -22.60
C GLU C 516 -35.50 -39.80 -23.46
N VAL C 517 -36.43 -38.86 -23.29
CA VAL C 517 -37.75 -38.96 -23.89
C VAL C 517 -37.87 -38.20 -25.21
N ILE C 518 -36.83 -37.45 -25.59
CA ILE C 518 -36.84 -36.70 -26.85
C ILE C 518 -35.42 -36.71 -27.42
N ASP C 519 -35.28 -36.14 -28.62
CA ASP C 519 -34.00 -36.08 -29.30
C ASP C 519 -33.55 -34.63 -29.45
N PHE C 520 -32.31 -34.37 -29.04
CA PHE C 520 -31.75 -33.03 -29.07
C PHE C 520 -30.76 -32.93 -30.21
N SER C 521 -30.86 -31.85 -31.00
CA SER C 521 -29.83 -31.53 -31.96
C SER C 521 -28.55 -31.12 -31.23
N LYS C 522 -27.45 -31.09 -31.98
CA LYS C 522 -26.21 -30.60 -31.40
C LYS C 522 -26.41 -29.17 -30.94
N PRO C 523 -25.80 -28.75 -29.82
CA PRO C 523 -26.15 -27.47 -29.23
C PRO C 523 -25.91 -26.33 -30.23
N PHE C 524 -26.91 -25.43 -30.31
CA PHE C 524 -26.77 -24.26 -31.17
C PHE C 524 -26.32 -23.03 -30.37
N MET C 525 -26.26 -23.12 -29.03
CA MET C 525 -25.77 -22.00 -28.26
C MET C 525 -25.31 -22.51 -26.90
N SER C 526 -23.98 -22.36 -26.67
CA SER C 526 -23.38 -22.80 -25.43
C SER C 526 -23.38 -21.66 -24.43
N LEU C 527 -23.52 -22.00 -23.15
CA LEU C 527 -23.71 -20.98 -22.14
C LEU C 527 -23.44 -21.58 -20.77
N GLY C 528 -23.75 -20.82 -19.72
CA GLY C 528 -23.54 -21.30 -18.37
C GLY C 528 -24.05 -20.30 -17.36
N ILE C 529 -23.73 -20.54 -16.10
CA ILE C 529 -24.05 -19.60 -15.04
C ILE C 529 -22.96 -18.53 -15.01
N SER C 530 -23.38 -17.30 -14.72
CA SER C 530 -22.46 -16.18 -14.68
C SER C 530 -22.90 -15.16 -13.64
N ILE C 531 -21.96 -14.30 -13.26
CA ILE C 531 -22.15 -13.29 -12.24
C ILE C 531 -22.51 -11.97 -12.91
N MET C 532 -23.44 -11.24 -12.29
CA MET C 532 -23.83 -9.92 -12.75
C MET C 532 -23.72 -8.97 -11.56
N ILE C 533 -23.06 -7.83 -11.79
CA ILE C 533 -22.83 -6.86 -10.73
C ILE C 533 -23.19 -5.48 -11.27
N LYS C 534 -23.40 -4.54 -10.35
CA LYS C 534 -23.65 -3.17 -10.76
C LYS C 534 -22.44 -2.68 -11.56
N LYS C 535 -22.67 -1.73 -12.46
CA LYS C 535 -21.55 -1.18 -13.22
C LYS C 535 -20.61 -0.43 -12.29
N PRO C 536 -19.33 -0.27 -12.67
CA PRO C 536 -18.36 0.41 -11.81
C PRO C 536 -18.79 1.80 -11.32
N GLN C 537 -19.46 2.58 -12.19
CA GLN C 537 -19.98 3.89 -11.83
C GLN C 537 -18.87 4.79 -11.29
N LYS C 538 -17.93 5.15 -12.16
CA LYS C 538 -16.78 5.95 -11.77
C LYS C 538 -17.24 7.26 -11.14
N SER C 539 -16.69 7.57 -9.95
CA SER C 539 -17.18 8.69 -9.15
C SER C 539 -16.47 9.96 -9.59
N LYS C 540 -17.26 11.01 -9.87
CA LYS C 540 -16.71 12.29 -10.27
C LYS C 540 -16.11 12.94 -9.03
N PRO C 541 -14.81 13.32 -9.03
CA PRO C 541 -14.24 14.00 -7.87
C PRO C 541 -14.94 15.34 -7.65
N GLY C 542 -15.15 15.67 -6.37
CA GLY C 542 -15.71 16.97 -6.02
C GLY C 542 -14.86 18.13 -6.51
N VAL C 543 -15.48 19.27 -6.77
CA VAL C 543 -14.73 20.46 -7.14
C VAL C 543 -13.69 20.76 -6.08
N PHE C 544 -14.07 20.68 -4.81
CA PHE C 544 -13.16 20.94 -3.70
C PHE C 544 -12.75 19.65 -3.01
N SER C 545 -12.41 18.62 -3.78
CA SER C 545 -11.94 17.37 -3.22
C SER C 545 -10.50 17.49 -2.73
N PHE C 546 -9.82 18.60 -3.03
CA PHE C 546 -8.48 18.77 -2.54
C PHE C 546 -8.46 18.98 -1.03
N LEU C 547 -9.62 19.24 -0.40
CA LEU C 547 -9.66 19.36 1.04
C LEU C 547 -9.95 18.05 1.77
N ASP C 548 -10.01 16.93 1.03
CA ASP C 548 -10.48 15.70 1.60
C ASP C 548 -9.50 15.04 2.55
N PRO C 549 -8.18 15.16 2.37
CA PRO C 549 -7.27 14.51 3.29
C PRO C 549 -7.48 14.87 4.76
N LEU C 550 -7.98 16.08 5.05
CA LEU C 550 -8.15 16.49 6.43
C LEU C 550 -9.64 16.71 6.64
N ALA C 551 -10.08 16.30 7.84
CA ALA C 551 -11.47 16.50 8.25
C ALA C 551 -11.83 17.98 8.23
N TYR C 552 -13.12 18.24 8.23
CA TYR C 552 -13.62 19.61 8.16
C TYR C 552 -13.20 20.37 9.40
N GLU C 553 -13.23 19.72 10.56
CA GLU C 553 -12.91 20.41 11.79
C GLU C 553 -11.43 20.79 11.86
N ILE C 554 -10.55 20.02 11.21
CA ILE C 554 -9.17 20.44 11.16
C ILE C 554 -9.02 21.75 10.37
N TRP C 555 -9.69 21.88 9.22
CA TRP C 555 -9.63 23.13 8.47
C TRP C 555 -10.20 24.30 9.27
N MET C 556 -11.33 24.06 9.95
CA MET C 556 -11.89 25.09 10.76
C MET C 556 -10.88 25.57 11.80
N CYS C 557 -10.30 24.62 12.52
CA CYS C 557 -9.40 24.98 13.60
C CYS C 557 -8.08 25.53 13.08
N ILE C 558 -7.69 25.17 11.85
CA ILE C 558 -6.54 25.81 11.23
C ILE C 558 -6.82 27.29 11.07
N VAL C 559 -8.00 27.64 10.59
CA VAL C 559 -8.32 29.05 10.40
C VAL C 559 -8.39 29.80 11.73
N PHE C 560 -8.97 29.18 12.75
CA PHE C 560 -8.95 29.81 14.07
C PHE C 560 -7.55 29.99 14.62
N ALA C 561 -6.70 28.97 14.45
CA ALA C 561 -5.33 29.04 14.89
C ALA C 561 -4.59 30.14 14.16
N TYR C 562 -4.86 30.30 12.87
CA TYR C 562 -4.19 31.34 12.10
C TYR C 562 -4.56 32.73 12.62
N ILE C 563 -5.83 32.96 12.89
CA ILE C 563 -6.22 34.25 13.41
C ILE C 563 -5.58 34.46 14.80
N GLY C 564 -5.64 33.48 15.65
CA GLY C 564 -5.06 33.64 16.97
C GLY C 564 -3.56 33.91 16.93
N VAL C 565 -2.83 33.18 16.09
CA VAL C 565 -1.42 33.36 15.99
C VAL C 565 -1.10 34.77 15.49
N SER C 566 -1.80 35.22 14.46
CA SER C 566 -1.56 36.55 13.93
C SER C 566 -1.83 37.64 14.99
N VAL C 567 -2.92 37.52 15.71
CA VAL C 567 -3.23 38.49 16.73
C VAL C 567 -2.20 38.48 17.85
N VAL C 568 -1.79 37.32 18.31
CA VAL C 568 -0.84 37.29 19.42
C VAL C 568 0.52 37.78 18.95
N LEU C 569 0.90 37.50 17.71
CA LEU C 569 2.16 38.03 17.20
C LEU C 569 2.14 39.54 17.15
N PHE C 570 1.03 40.10 16.66
CA PHE C 570 0.87 41.54 16.68
C PHE C 570 0.93 42.11 18.09
N LEU C 571 0.20 41.51 19.01
CA LEU C 571 0.18 41.98 20.40
C LEU C 571 1.57 41.98 21.02
N VAL C 572 2.27 40.86 20.99
CA VAL C 572 3.55 40.79 21.67
C VAL C 572 4.57 41.66 20.95
N SER C 573 4.43 41.86 19.63
CA SER C 573 5.41 42.63 18.90
C SER C 573 5.24 44.13 19.13
N ARG C 574 4.02 44.58 19.40
CA ARG C 574 3.73 46.01 19.28
C ARG C 574 3.23 46.66 20.54
N PHE C 575 2.80 45.91 21.56
CA PHE C 575 2.09 46.54 22.66
C PHE C 575 3.02 47.36 23.55
N SER C 576 4.24 46.88 23.78
CA SER C 576 5.15 47.53 24.71
C SER C 576 5.60 48.89 24.14
N PRO C 577 5.52 49.98 24.91
CA PRO C 577 5.99 51.27 24.44
C PRO C 577 7.52 51.40 24.44
N TYR C 578 8.23 50.45 25.08
CA TYR C 578 9.67 50.51 25.15
C TYR C 578 10.34 49.88 23.92
N GLU C 579 9.60 49.73 22.81
CA GLU C 579 10.14 49.19 21.57
C GLU C 579 9.89 50.16 20.41
N TRP C 580 10.02 51.46 20.68
CA TRP C 580 9.81 52.49 19.65
C TRP C 580 10.96 53.50 19.74
N ASN C 598 9.38 45.83 7.19
CA ASN C 598 8.87 46.64 8.34
C ASN C 598 8.65 45.71 9.55
N GLU C 599 8.17 46.30 10.65
CA GLU C 599 7.83 45.54 11.83
C GLU C 599 6.37 45.06 11.72
N PHE C 600 5.98 44.21 12.65
CA PHE C 600 4.78 43.43 12.63
C PHE C 600 3.61 44.22 13.17
N GLY C 601 2.94 44.95 12.29
CA GLY C 601 1.59 45.41 12.59
C GLY C 601 0.62 44.27 12.36
N ILE C 602 -0.66 44.56 12.48
CA ILE C 602 -1.64 43.50 12.32
C ILE C 602 -1.63 42.97 10.88
N PHE C 603 -1.52 43.85 9.89
CA PHE C 603 -1.50 43.39 8.52
C PHE C 603 -0.24 42.56 8.24
N ASN C 604 0.89 43.07 8.70
CA ASN C 604 2.14 42.36 8.45
C ASN C 604 2.20 41.06 9.23
N SER C 605 1.56 41.01 10.41
CA SER C 605 1.54 39.78 11.18
C SER C 605 0.65 38.73 10.51
N LEU C 606 -0.48 39.15 9.97
CA LEU C 606 -1.30 38.21 9.18
C LEU C 606 -0.50 37.69 7.99
N TRP C 607 0.26 38.54 7.32
CA TRP C 607 1.01 38.11 6.19
C TRP C 607 2.09 37.15 6.60
N PHE C 608 2.75 37.43 7.71
CA PHE C 608 3.82 36.54 8.19
C PHE C 608 3.23 35.14 8.42
N SER C 609 2.10 35.09 9.13
CA SER C 609 1.51 33.83 9.47
C SER C 609 1.10 33.08 8.20
N LEU C 610 0.47 33.77 7.25
CA LEU C 610 0.00 33.13 6.05
C LEU C 610 1.22 32.56 5.33
N GLY C 611 2.23 33.33 5.17
CA GLY C 611 3.33 32.78 4.44
C GLY C 611 4.00 31.65 5.16
N ALA C 612 4.01 31.64 6.49
CA ALA C 612 4.57 30.55 7.24
C ALA C 612 3.78 29.30 6.97
N PHE C 613 2.46 29.38 6.93
CA PHE C 613 1.67 28.18 6.74
C PHE C 613 1.86 27.59 5.35
N MET C 614 1.93 28.42 4.32
CA MET C 614 2.15 27.94 2.97
C MET C 614 3.61 27.62 2.72
N ARG C 615 4.43 27.53 3.78
CA ARG C 615 5.82 27.11 3.69
C ARG C 615 6.55 27.97 2.68
N GLN C 616 6.13 29.23 2.53
CA GLN C 616 6.68 30.15 1.56
C GLN C 616 7.55 31.19 2.23
N GLY C 617 8.40 30.70 3.15
CA GLY C 617 9.48 31.50 3.66
C GLY C 617 9.02 32.88 4.14
N CYS C 618 10.02 33.74 4.33
CA CYS C 618 9.83 34.99 5.03
C CYS C 618 10.34 36.13 4.16
N ASP C 619 9.74 37.29 4.37
CA ASP C 619 10.36 38.57 4.08
C ASP C 619 10.83 39.24 5.37
N ILE C 620 10.12 38.99 6.48
CA ILE C 620 10.49 39.46 7.80
C ILE C 620 10.33 38.28 8.75
N SER C 621 11.00 38.34 9.89
CA SER C 621 10.77 37.35 10.94
C SER C 621 10.88 38.04 12.28
N PRO C 622 10.18 37.58 13.31
CA PRO C 622 10.23 38.28 14.58
C PRO C 622 11.66 38.29 15.08
N ARG C 623 12.03 39.37 15.80
CA ARG C 623 13.38 39.48 16.37
C ARG C 623 13.39 39.28 17.88
N SER C 624 12.26 39.48 18.55
CA SER C 624 12.20 39.42 19.99
C SER C 624 11.88 38.02 20.46
N LEU C 625 12.15 37.78 21.74
CA LEU C 625 11.95 36.46 22.31
C LEU C 625 10.48 36.02 22.19
N SER C 626 9.52 36.94 22.47
CA SER C 626 8.13 36.56 22.42
C SER C 626 7.68 36.30 20.98
N GLY C 627 8.07 37.19 20.09
CA GLY C 627 7.77 36.99 18.71
C GLY C 627 8.33 35.69 18.19
N ARG C 628 9.51 35.33 18.66
CA ARG C 628 10.15 34.12 18.19
C ARG C 628 9.50 32.89 18.80
N ILE C 629 8.97 32.96 19.99
CA ILE C 629 8.24 31.83 20.52
C ILE C 629 6.98 31.61 19.67
N VAL C 630 6.27 32.68 19.35
CA VAL C 630 5.07 32.55 18.56
C VAL C 630 5.43 31.97 17.19
N GLY C 631 6.45 32.52 16.56
CA GLY C 631 6.88 32.04 15.27
C GLY C 631 7.28 30.56 15.33
N GLY C 632 7.96 30.16 16.39
CA GLY C 632 8.43 28.81 16.50
C GLY C 632 7.29 27.80 16.62
N VAL C 633 6.33 28.09 17.47
CA VAL C 633 5.23 27.16 17.59
C VAL C 633 4.43 27.13 16.28
N TRP C 634 4.23 28.27 15.65
CA TRP C 634 3.52 28.27 14.38
C TRP C 634 4.26 27.49 13.32
N TRP C 635 5.58 27.56 13.29
CA TRP C 635 6.35 26.77 12.35
C TRP C 635 6.26 25.28 12.58
N PHE C 636 6.27 24.88 13.85
CA PHE C 636 6.08 23.48 14.16
C PHE C 636 4.70 23.02 13.72
N PHE C 637 3.69 23.81 14.04
CA PHE C 637 2.32 23.47 13.70
C PHE C 637 2.20 23.29 12.20
N THR C 638 2.73 24.22 11.46
CA THR C 638 2.67 24.19 10.03
C THR C 638 3.32 22.91 9.52
N LEU C 639 4.51 22.59 9.99
CA LEU C 639 5.21 21.42 9.51
C LEU C 639 4.40 20.16 9.74
N ILE C 640 3.87 19.96 10.93
CA ILE C 640 3.09 18.78 11.19
C ILE C 640 1.83 18.76 10.32
N ILE C 641 1.09 19.84 10.21
CA ILE C 641 -0.14 19.84 9.45
C ILE C 641 0.11 19.60 7.94
N ILE C 642 1.11 20.19 7.36
CA ILE C 642 1.36 20.03 5.94
C ILE C 642 1.86 18.63 5.67
N SER C 643 2.76 18.13 6.51
CA SER C 643 3.25 16.75 6.34
C SER C 643 2.08 15.78 6.43
N SER C 644 1.17 16.03 7.36
CA SER C 644 0.06 15.16 7.57
C SER C 644 -0.90 15.21 6.39
N TYR C 645 -1.08 16.37 5.82
CA TYR C 645 -1.87 16.49 4.58
C TYR C 645 -1.30 15.69 3.43
N THR C 646 -0.02 15.80 3.19
CA THR C 646 0.57 15.07 2.09
C THR C 646 0.53 13.56 2.38
N ALA C 647 0.79 13.14 3.62
CA ALA C 647 0.83 11.73 3.92
C ALA C 647 -0.57 11.13 3.80
N ASN C 648 -1.60 11.83 4.27
CA ASN C 648 -2.93 11.28 4.12
C ASN C 648 -3.42 11.26 2.68
N LEU C 649 -3.03 12.23 1.89
CA LEU C 649 -3.36 12.18 0.48
C LEU C 649 -2.70 11.00 -0.16
N ALA C 650 -1.43 10.73 0.19
CA ALA C 650 -0.75 9.59 -0.40
C ALA C 650 -1.49 8.32 0.00
N ALA C 651 -1.90 8.22 1.26
CA ALA C 651 -2.65 7.04 1.70
C ALA C 651 -3.92 6.88 0.88
N PHE C 652 -4.70 7.95 0.72
N PHE C 652 -4.69 7.93 0.72
CA PHE C 652 -5.86 7.91 -0.14
CA PHE C 652 -5.88 7.86 -0.10
C PHE C 652 -5.56 7.34 -1.54
C PHE C 652 -5.60 7.39 -1.54
N LEU C 653 -4.58 7.90 -2.21
CA LEU C 653 -4.33 7.51 -3.58
C LEU C 653 -3.75 6.10 -3.68
N THR C 654 -2.97 5.69 -2.69
CA THR C 654 -2.39 4.36 -2.72
C THR C 654 -3.50 3.33 -2.50
N VAL C 655 -4.36 3.57 -1.54
CA VAL C 655 -5.43 2.63 -1.28
C VAL C 655 -6.33 2.53 -2.51
N GLU C 656 -6.72 3.66 -3.05
CA GLU C 656 -7.59 3.65 -4.21
C GLU C 656 -6.93 3.00 -5.41
N ARG C 657 -5.62 2.89 -5.40
CA ARG C 657 -4.91 2.27 -6.52
C ARG C 657 -4.75 0.77 -6.36
N MET C 658 -4.89 0.26 -5.15
CA MET C 658 -4.75 -1.17 -4.90
C MET C 658 -6.12 -1.84 -4.79
N VAL C 659 -7.20 -1.14 -5.12
CA VAL C 659 -8.53 -1.70 -5.11
C VAL C 659 -8.70 -2.52 -6.38
N SER C 660 -8.86 -3.83 -6.18
CA SER C 660 -9.15 -4.77 -7.25
C SER C 660 -10.65 -5.02 -7.28
N PRO C 661 -11.35 -4.85 -8.41
CA PRO C 661 -12.75 -5.28 -8.49
C PRO C 661 -12.88 -6.81 -8.54
N ILE C 662 -14.13 -7.29 -8.66
CA ILE C 662 -14.40 -8.71 -8.83
C ILE C 662 -14.03 -9.15 -10.24
N GLU C 663 -13.47 -10.35 -10.34
CA GLU C 663 -13.01 -10.86 -11.63
C GLU C 663 -13.40 -12.31 -11.87
N SER C 664 -13.82 -13.05 -10.84
CA SER C 664 -14.11 -14.46 -10.98
C SER C 664 -15.14 -14.86 -9.93
N ALA C 665 -15.38 -16.17 -9.82
CA ALA C 665 -16.41 -16.70 -8.93
C ALA C 665 -15.83 -16.87 -7.54
N GLU C 666 -14.77 -17.65 -7.41
CA GLU C 666 -14.09 -17.85 -6.14
C GLU C 666 -13.80 -16.54 -5.43
N ASP C 667 -13.69 -15.44 -6.17
CA ASP C 667 -13.60 -14.11 -5.59
C ASP C 667 -14.89 -13.70 -4.88
N LEU C 668 -15.99 -14.36 -5.18
CA LEU C 668 -17.22 -14.10 -4.47
C LEU C 668 -17.17 -14.94 -3.20
N SER C 669 -16.51 -16.10 -3.26
CA SER C 669 -16.49 -16.95 -2.09
C SER C 669 -15.63 -16.35 -0.97
N LYS C 670 -14.58 -15.62 -1.34
CA LYS C 670 -13.61 -15.13 -0.37
C LYS C 670 -14.14 -13.94 0.43
N GLN C 671 -14.94 -13.07 -0.19
CA GLN C 671 -15.39 -11.81 0.40
C GLN C 671 -16.81 -11.90 0.93
N THR C 672 -17.25 -10.89 1.70
CA THR C 672 -18.58 -10.87 2.29
C THR C 672 -19.27 -9.51 2.17
N GLU C 673 -18.66 -8.53 1.50
CA GLU C 673 -19.23 -7.19 1.36
C GLU C 673 -20.34 -7.21 0.31
N ILE C 674 -20.10 -7.96 -0.79
CA ILE C 674 -21.05 -8.07 -1.89
C ILE C 674 -21.85 -9.36 -1.68
N ALA C 675 -23.13 -9.24 -1.29
CA ALA C 675 -24.00 -10.41 -1.14
C ALA C 675 -24.29 -11.01 -2.51
N TYR C 676 -24.60 -12.30 -2.59
CA TYR C 676 -24.96 -12.89 -3.88
C TYR C 676 -26.04 -13.93 -3.76
N GLY C 677 -27.00 -13.96 -4.70
CA GLY C 677 -27.98 -15.02 -4.66
C GLY C 677 -28.50 -15.35 -6.05
N THR C 678 -29.25 -16.46 -6.10
CA THR C 678 -29.78 -17.00 -7.33
C THR C 678 -31.30 -16.89 -7.33
N LEU C 679 -31.92 -17.49 -8.34
CA LEU C 679 -33.36 -17.55 -8.46
C LEU C 679 -33.97 -18.37 -7.33
N ASP C 680 -35.25 -18.11 -7.05
CA ASP C 680 -35.94 -18.73 -5.93
C ASP C 680 -35.89 -20.26 -6.03
N SER C 681 -36.19 -20.79 -7.21
CA SER C 681 -36.17 -22.24 -7.44
C SER C 681 -35.98 -22.49 -8.92
N GLY C 682 -34.88 -23.18 -9.27
CA GLY C 682 -34.57 -23.42 -10.68
C GLY C 682 -33.29 -24.23 -10.83
N SER C 683 -32.71 -24.19 -12.02
CA SER C 683 -31.59 -25.04 -12.37
C SER C 683 -30.31 -24.57 -11.65
N THR C 684 -30.11 -23.26 -11.57
CA THR C 684 -28.90 -22.73 -10.95
C THR C 684 -28.86 -23.06 -9.47
N LYS C 685 -30.01 -22.90 -8.79
CA LYS C 685 -30.12 -23.27 -7.39
C LYS C 685 -29.69 -24.72 -7.17
N GLU C 686 -30.27 -25.62 -7.97
CA GLU C 686 -29.94 -27.03 -7.85
C GLU C 686 -28.46 -27.26 -8.13
N PHE C 687 -27.93 -26.59 -9.15
CA PHE C 687 -26.52 -26.74 -9.50
C PHE C 687 -25.64 -26.45 -8.30
N PHE C 688 -25.96 -25.36 -7.59
CA PHE C 688 -25.21 -25.03 -6.39
C PHE C 688 -25.42 -26.08 -5.29
N ARG C 689 -26.68 -26.47 -5.08
CA ARG C 689 -27.00 -27.35 -3.97
C ARG C 689 -26.24 -28.66 -4.07
N ARG C 690 -26.32 -29.30 -5.24
CA ARG C 690 -25.66 -30.58 -5.44
C ARG C 690 -24.19 -30.40 -5.81
N SER C 691 -23.66 -29.18 -5.53
CA SER C 691 -22.30 -28.90 -5.99
C SER C 691 -21.28 -29.69 -5.19
N LYS C 692 -20.38 -30.37 -5.91
CA LYS C 692 -19.35 -31.14 -5.24
C LYS C 692 -18.00 -30.43 -5.29
N ILE C 693 -18.00 -29.11 -5.53
CA ILE C 693 -16.78 -28.32 -5.50
C ILE C 693 -16.81 -27.45 -4.25
N ALA C 694 -15.61 -27.18 -3.71
CA ALA C 694 -15.47 -26.39 -2.51
C ALA C 694 -16.09 -25.00 -2.66
N VAL C 695 -15.77 -24.31 -3.76
CA VAL C 695 -16.15 -22.94 -3.93
C VAL C 695 -17.67 -22.80 -4.01
N PHE C 696 -18.29 -23.62 -4.86
CA PHE C 696 -19.74 -23.53 -5.02
C PHE C 696 -20.44 -24.01 -3.75
N ASP C 697 -19.85 -24.99 -3.05
CA ASP C 697 -20.37 -25.40 -1.76
C ASP C 697 -20.39 -24.23 -0.78
N LYS C 698 -19.28 -23.49 -0.71
CA LYS C 698 -19.20 -22.34 0.17
C LYS C 698 -20.25 -21.31 -0.20
N MET C 699 -20.41 -21.05 -1.49
CA MET C 699 -21.41 -20.09 -1.95
C MET C 699 -22.81 -20.53 -1.53
N TRP C 700 -23.10 -21.83 -1.68
CA TRP C 700 -24.41 -22.34 -1.31
C TRP C 700 -24.66 -22.24 0.19
N THR C 701 -23.63 -22.54 0.99
CA THR C 701 -23.75 -22.40 2.43
C THR C 701 -24.03 -20.94 2.79
N TYR C 702 -23.32 -20.00 2.18
CA TYR C 702 -23.55 -18.57 2.44
C TYR C 702 -24.99 -18.20 2.07
N MET C 703 -25.50 -18.71 0.94
CA MET C 703 -26.82 -18.32 0.49
C MET C 703 -27.90 -18.93 1.40
N ARG C 704 -27.83 -20.23 1.68
CA ARG C 704 -28.84 -20.91 2.47
C ARG C 704 -28.93 -20.32 3.88
N SER C 705 -27.79 -19.84 4.41
CA SER C 705 -27.73 -19.21 5.72
C SER C 705 -28.16 -17.74 5.70
N ALA C 706 -28.52 -17.20 4.54
CA ALA C 706 -28.81 -15.77 4.41
C ALA C 706 -29.98 -15.38 5.31
N GLU C 707 -29.85 -14.21 5.94
CA GLU C 707 -30.96 -13.59 6.66
C GLU C 707 -30.74 -12.07 6.63
N PRO C 708 -31.52 -11.27 5.86
CA PRO C 708 -32.67 -11.70 5.05
C PRO C 708 -32.29 -12.58 3.86
N SER C 709 -33.26 -12.89 2.99
CA SER C 709 -33.10 -13.85 1.91
C SER C 709 -32.34 -13.24 0.74
N VAL C 710 -31.21 -13.85 0.37
CA VAL C 710 -30.48 -13.49 -0.83
C VAL C 710 -31.28 -13.79 -2.09
N PHE C 711 -32.04 -14.88 -2.07
CA PHE C 711 -32.80 -15.29 -3.23
C PHE C 711 -33.84 -14.24 -3.61
N VAL C 712 -34.42 -14.40 -4.80
CA VAL C 712 -35.47 -13.52 -5.29
C VAL C 712 -36.56 -14.38 -5.93
N ARG C 713 -37.68 -13.72 -6.27
CA ARG C 713 -38.80 -14.44 -6.88
C ARG C 713 -38.50 -14.73 -8.35
N THR C 714 -37.97 -13.75 -9.07
CA THR C 714 -37.75 -13.89 -10.50
C THR C 714 -36.61 -12.98 -10.94
N THR C 715 -36.02 -13.29 -12.10
CA THR C 715 -34.89 -12.55 -12.64
C THR C 715 -35.10 -11.03 -12.59
N ALA C 716 -36.32 -10.57 -12.88
CA ALA C 716 -36.62 -9.15 -12.74
C ALA C 716 -36.40 -8.70 -11.30
N GLU C 717 -36.83 -9.51 -10.33
CA GLU C 717 -36.64 -9.18 -8.93
C GLU C 717 -35.16 -9.08 -8.59
N GLY C 718 -34.35 -10.03 -9.06
CA GLY C 718 -32.93 -10.01 -8.76
C GLY C 718 -32.23 -8.82 -9.40
N VAL C 719 -32.57 -8.50 -10.64
CA VAL C 719 -32.00 -7.34 -11.30
C VAL C 719 -32.37 -6.07 -10.54
N ALA C 720 -33.63 -5.96 -10.12
CA ALA C 720 -34.05 -4.80 -9.35
C ALA C 720 -33.24 -4.73 -8.04
N ARG C 721 -33.04 -5.87 -7.39
CA ARG C 721 -32.31 -5.91 -6.15
C ARG C 721 -30.86 -5.41 -6.33
N VAL C 722 -30.19 -5.91 -7.38
CA VAL C 722 -28.81 -5.54 -7.61
C VAL C 722 -28.72 -4.07 -8.00
N ARG C 723 -29.61 -3.60 -8.88
CA ARG C 723 -29.47 -2.23 -9.36
C ARG C 723 -29.48 -1.23 -8.20
N LYS C 724 -30.30 -1.51 -7.17
CA LYS C 724 -30.45 -0.63 -6.03
C LYS C 724 -29.34 -0.79 -5.01
N SER C 725 -28.69 -1.97 -4.91
CA SER C 725 -27.75 -2.26 -3.83
C SER C 725 -26.39 -1.57 -3.94
N LYS C 726 -26.16 -0.76 -4.99
CA LYS C 726 -24.95 0.05 -5.11
C LYS C 726 -23.65 -0.74 -4.88
N GLY C 727 -23.57 -1.94 -5.47
CA GLY C 727 -22.36 -2.74 -5.44
C GLY C 727 -22.39 -3.84 -4.40
N LYS C 728 -23.42 -3.89 -3.54
CA LYS C 728 -23.40 -4.86 -2.45
C LYS C 728 -24.12 -6.16 -2.79
N TYR C 729 -24.65 -6.30 -4.02
CA TYR C 729 -25.38 -7.50 -4.40
C TYR C 729 -24.99 -7.93 -5.80
N ALA C 730 -24.64 -9.21 -5.98
CA ALA C 730 -24.35 -9.81 -7.27
C ALA C 730 -25.40 -10.88 -7.52
N TYR C 731 -25.85 -10.95 -8.76
CA TYR C 731 -26.87 -11.91 -9.13
C TYR C 731 -26.27 -12.96 -10.05
N LEU C 732 -26.54 -14.23 -9.75
CA LEU C 732 -26.07 -15.35 -10.56
C LEU C 732 -27.19 -15.84 -11.46
N LEU C 733 -26.94 -15.87 -12.77
CA LEU C 733 -27.97 -16.26 -13.73
C LEU C 733 -27.33 -16.76 -15.00
N GLU C 734 -28.18 -17.23 -15.91
CA GLU C 734 -27.71 -17.76 -17.18
C GLU C 734 -26.91 -16.68 -17.92
N SER C 735 -25.81 -17.07 -18.54
CA SER C 735 -24.89 -16.13 -19.14
C SER C 735 -25.57 -15.32 -20.24
N THR C 736 -26.36 -15.98 -21.08
CA THR C 736 -27.02 -15.31 -22.17
C THR C 736 -28.00 -14.25 -21.65
N MET C 737 -28.76 -14.59 -20.62
CA MET C 737 -29.67 -13.62 -20.04
C MET C 737 -28.90 -12.45 -19.43
N ASN C 738 -27.75 -12.74 -18.81
CA ASN C 738 -26.93 -11.69 -18.25
C ASN C 738 -26.48 -10.70 -19.33
N GLU C 739 -26.01 -11.23 -20.45
CA GLU C 739 -25.58 -10.38 -21.55
C GLU C 739 -26.76 -9.55 -22.08
N TYR C 740 -27.91 -10.19 -22.26
CA TYR C 740 -29.06 -9.47 -22.78
C TYR C 740 -29.47 -8.34 -21.82
N ILE C 741 -29.50 -8.63 -20.53
CA ILE C 741 -29.89 -7.63 -19.55
C ILE C 741 -28.90 -6.48 -19.56
N GLU C 742 -27.61 -6.77 -19.62
CA GLU C 742 -26.64 -5.68 -19.62
C GLU C 742 -26.81 -4.79 -20.84
N GLN C 743 -27.17 -5.38 -21.99
CA GLN C 743 -27.37 -4.59 -23.19
C GLN C 743 -28.72 -3.87 -23.24
N ARG C 744 -29.52 -3.94 -22.17
CA ARG C 744 -30.81 -3.27 -22.12
C ARG C 744 -30.76 -2.14 -21.10
N LYS C 745 -31.52 -1.07 -21.38
CA LYS C 745 -31.47 0.12 -20.58
C LYS C 745 -31.97 -0.16 -19.17
N PRO C 746 -31.50 0.59 -18.16
CA PRO C 746 -30.67 1.79 -18.34
C PRO C 746 -29.18 1.52 -18.52
N CYS C 747 -28.79 0.26 -18.80
CA CYS C 747 -27.38 -0.08 -18.97
C CYS C 747 -26.59 0.17 -17.68
N ASP C 748 -27.10 -0.33 -16.56
CA ASP C 748 -26.43 -0.16 -15.29
C ASP C 748 -25.79 -1.42 -14.72
N THR C 749 -25.75 -2.51 -15.51
CA THR C 749 -25.21 -3.78 -15.01
C THR C 749 -24.02 -4.23 -15.84
N MET C 750 -23.33 -5.26 -15.35
CA MET C 750 -22.19 -5.79 -16.09
C MET C 750 -21.99 -7.25 -15.73
N LYS C 751 -21.69 -8.06 -16.75
CA LYS C 751 -21.30 -9.45 -16.54
C LYS C 751 -19.79 -9.47 -16.37
N VAL C 752 -19.34 -10.05 -15.25
CA VAL C 752 -17.96 -9.89 -14.82
C VAL C 752 -17.16 -11.17 -15.05
N GLY C 753 -17.58 -12.26 -14.42
CA GLY C 753 -16.78 -13.47 -14.41
C GLY C 753 -17.25 -14.38 -15.54
N GLY C 754 -16.28 -15.07 -16.20
CA GLY C 754 -16.60 -16.12 -17.14
C GLY C 754 -17.52 -17.18 -16.52
N ASN C 755 -18.03 -18.05 -17.37
CA ASN C 755 -19.06 -18.99 -16.98
C ASN C 755 -18.55 -19.94 -15.91
N LEU C 756 -19.42 -20.29 -14.96
CA LEU C 756 -19.06 -21.24 -13.91
C LEU C 756 -19.10 -22.66 -14.47
N ASP C 757 -20.28 -23.07 -14.97
CA ASP C 757 -20.47 -24.39 -15.55
C ASP C 757 -20.53 -24.25 -17.07
N SER C 758 -20.94 -25.30 -17.76
CA SER C 758 -21.11 -25.27 -19.21
C SER C 758 -22.28 -26.13 -19.58
N LYS C 759 -23.33 -25.52 -20.17
CA LYS C 759 -24.45 -26.23 -20.74
C LYS C 759 -24.73 -25.70 -22.14
N GLY C 760 -25.79 -26.21 -22.77
CA GLY C 760 -26.15 -25.84 -24.12
C GLY C 760 -27.66 -25.78 -24.30
N TYR C 761 -28.08 -25.11 -25.37
CA TYR C 761 -29.46 -25.17 -25.83
C TYR C 761 -29.50 -25.92 -27.14
N GLY C 762 -30.62 -26.62 -27.37
CA GLY C 762 -30.74 -27.45 -28.56
C GLY C 762 -32.16 -27.39 -29.12
N ILE C 763 -32.28 -27.95 -30.33
CA ILE C 763 -33.57 -28.09 -30.99
C ILE C 763 -34.11 -29.47 -30.65
N ALA C 764 -35.26 -29.51 -29.95
CA ALA C 764 -35.86 -30.77 -29.56
C ALA C 764 -36.74 -31.28 -30.69
N THR C 765 -37.04 -32.58 -30.63
CA THR C 765 -37.88 -33.23 -31.61
C THR C 765 -38.36 -34.55 -31.03
N PRO C 766 -39.48 -35.12 -31.52
CA PRO C 766 -39.98 -36.37 -30.95
C PRO C 766 -38.97 -37.51 -31.14
N LYS C 767 -38.97 -38.44 -30.18
CA LYS C 767 -37.90 -39.41 -30.04
C LYS C 767 -37.62 -40.17 -31.34
N GLY C 768 -38.63 -40.38 -32.19
CA GLY C 768 -38.44 -41.10 -33.43
C GLY C 768 -38.84 -40.30 -34.66
N SER C 769 -38.76 -38.96 -34.59
CA SER C 769 -39.16 -38.12 -35.69
C SER C 769 -38.04 -38.06 -36.72
N SER C 770 -38.40 -38.17 -38.00
CA SER C 770 -37.44 -38.10 -39.10
C SER C 770 -36.78 -36.73 -39.20
N LEU C 771 -37.39 -35.69 -38.61
CA LEU C 771 -36.81 -34.35 -38.65
C LEU C 771 -35.49 -34.24 -37.88
N GLY C 772 -35.23 -35.16 -36.95
CA GLY C 772 -34.09 -35.03 -36.05
C GLY C 772 -32.75 -34.92 -36.78
N THR C 773 -32.51 -35.87 -37.70
CA THR C 773 -31.25 -35.87 -38.41
C THR C 773 -31.10 -34.60 -39.26
N PRO C 774 -32.08 -34.26 -40.11
CA PRO C 774 -31.95 -33.06 -40.92
C PRO C 774 -31.78 -31.79 -40.08
N VAL C 775 -32.49 -31.66 -38.96
CA VAL C 775 -32.35 -30.48 -38.14
C VAL C 775 -30.96 -30.43 -37.50
N ASN C 776 -30.42 -31.58 -37.09
CA ASN C 776 -29.08 -31.65 -36.55
C ASN C 776 -28.07 -31.14 -37.59
N LEU C 777 -28.17 -31.65 -38.81
CA LEU C 777 -27.27 -31.21 -39.84
C LEU C 777 -27.46 -29.73 -40.16
N ALA C 778 -28.70 -29.22 -40.11
CA ALA C 778 -28.94 -27.81 -40.36
C ALA C 778 -28.26 -26.96 -39.30
N VAL C 779 -28.35 -27.36 -38.03
CA VAL C 779 -27.72 -26.60 -36.97
C VAL C 779 -26.21 -26.60 -37.17
N LEU C 780 -25.61 -27.74 -37.47
CA LEU C 780 -24.17 -27.78 -37.68
C LEU C 780 -23.78 -26.93 -38.89
N LYS C 781 -24.56 -26.97 -39.96
CA LYS C 781 -24.24 -26.16 -41.14
C LYS C 781 -24.30 -24.68 -40.79
N LEU C 782 -25.35 -24.26 -40.09
CA LEU C 782 -25.45 -22.86 -39.68
C LEU C 782 -24.26 -22.46 -38.79
N SER C 783 -23.93 -23.30 -37.82
CA SER C 783 -22.83 -23.03 -36.91
C SER C 783 -21.54 -22.83 -37.69
N GLU C 784 -21.27 -23.68 -38.68
CA GLU C 784 -20.08 -23.52 -39.50
C GLU C 784 -20.14 -22.23 -40.34
N GLN C 785 -21.31 -21.91 -40.88
CA GLN C 785 -21.47 -20.77 -41.75
C GLN C 785 -21.47 -19.45 -40.98
N GLY C 786 -21.56 -19.50 -39.65
CA GLY C 786 -21.56 -18.29 -38.83
C GLY C 786 -22.92 -17.60 -38.75
N VAL C 787 -23.97 -18.21 -39.28
CA VAL C 787 -25.29 -17.61 -39.21
C VAL C 787 -25.74 -17.46 -37.77
N LEU C 788 -25.46 -18.46 -36.93
CA LEU C 788 -25.84 -18.40 -35.53
C LEU C 788 -25.14 -17.26 -34.80
N ASP C 789 -23.85 -17.05 -35.08
CA ASP C 789 -23.11 -15.96 -34.48
C ASP C 789 -23.69 -14.62 -34.94
N LYS C 790 -24.04 -14.51 -36.22
CA LYS C 790 -24.61 -13.27 -36.74
C LYS C 790 -25.98 -13.00 -36.11
N LEU C 791 -26.80 -14.02 -35.92
CA LEU C 791 -28.10 -13.83 -35.29
C LEU C 791 -27.93 -13.41 -33.85
N LYS C 792 -26.94 -14.01 -33.15
CA LYS C 792 -26.64 -13.61 -31.79
C LYS C 792 -26.27 -12.12 -31.77
N ASN C 793 -25.37 -11.71 -32.66
CA ASN C 793 -25.00 -10.31 -32.72
C ASN C 793 -26.23 -9.42 -32.94
N LYS C 794 -27.05 -9.80 -33.93
CA LYS C 794 -28.16 -8.97 -34.33
C LYS C 794 -29.12 -8.76 -33.17
N TRP C 795 -29.46 -9.84 -32.45
CA TRP C 795 -30.49 -9.75 -31.42
C TRP C 795 -29.97 -9.36 -30.04
N TRP C 796 -28.64 -9.44 -29.82
CA TRP C 796 -28.06 -9.05 -28.55
C TRP C 796 -27.35 -7.70 -28.63
N TYR C 797 -26.76 -7.35 -29.78
CA TYR C 797 -25.95 -6.15 -29.89
C TYR C 797 -26.52 -5.12 -30.86
N ASP C 798 -26.91 -5.53 -32.06
CA ASP C 798 -27.48 -4.57 -33.01
C ASP C 798 -28.75 -3.91 -32.46
N LYS C 799 -29.59 -4.69 -31.81
CA LYS C 799 -30.74 -4.15 -31.10
C LYS C 799 -30.37 -3.70 -29.70
N GLY C 800 -29.09 -3.72 -29.34
CA GLY C 800 -28.67 -3.28 -28.03
C GLY C 800 -28.87 -1.78 -27.86
N GLU C 801 -29.26 -1.38 -26.66
CA GLU C 801 -29.51 0.01 -26.34
C GLU C 801 -28.25 0.72 -25.85
N CYS C 802 -27.06 0.18 -26.15
CA CYS C 802 -25.79 0.75 -25.72
C CYS C 802 -24.72 0.43 -26.77
N GLY C 803 -23.51 0.96 -26.56
CA GLY C 803 -22.45 0.92 -27.56
C GLY C 803 -21.79 -0.46 -27.71
N ALA C 804 -21.15 -0.91 -26.62
CA ALA C 804 -20.34 -2.13 -26.60
C ALA C 804 -19.84 -2.38 -25.18
N THR C 813 -6.39 6.97 -16.94
CA THR C 813 -5.05 6.49 -16.48
C THR C 813 -5.04 6.45 -14.96
N SER C 814 -3.83 6.38 -14.39
CA SER C 814 -3.66 6.55 -12.96
C SER C 814 -3.12 7.92 -12.55
N ALA C 815 -2.65 8.73 -13.51
CA ALA C 815 -2.37 10.12 -13.26
C ALA C 815 -3.57 10.84 -12.67
N LEU C 816 -3.27 12.04 -12.23
CA LEU C 816 -4.22 12.84 -11.47
C LEU C 816 -4.85 13.77 -12.48
N SER C 817 -6.19 13.76 -12.53
CA SER C 817 -6.90 14.43 -13.59
C SER C 817 -7.23 15.85 -13.18
N LEU C 818 -7.46 16.72 -14.15
CA LEU C 818 -7.82 18.09 -13.82
C LEU C 818 -9.08 18.16 -12.96
N SER C 819 -9.96 17.16 -13.04
CA SER C 819 -11.16 17.15 -12.23
C SER C 819 -10.82 17.09 -10.74
N ASN C 820 -9.70 16.43 -10.40
CA ASN C 820 -9.28 16.29 -9.02
C ASN C 820 -8.85 17.61 -8.41
N VAL C 821 -8.23 18.49 -9.20
CA VAL C 821 -7.71 19.74 -8.69
C VAL C 821 -8.39 20.96 -9.30
N ALA C 822 -9.63 20.81 -9.73
CA ALA C 822 -10.29 21.91 -10.45
C ALA C 822 -10.61 23.05 -9.50
N GLY C 823 -11.02 22.72 -8.30
CA GLY C 823 -11.41 23.74 -7.35
C GLY C 823 -10.29 24.69 -7.01
N VAL C 824 -9.06 24.19 -6.98
CA VAL C 824 -7.95 25.04 -6.64
C VAL C 824 -7.74 26.06 -7.76
N PHE C 825 -7.93 25.64 -9.00
CA PHE C 825 -7.88 26.58 -10.13
C PHE C 825 -8.98 27.63 -10.03
N TYR C 826 -10.20 27.20 -9.67
CA TYR C 826 -11.28 28.16 -9.50
C TYR C 826 -10.92 29.19 -8.44
N ILE C 827 -10.41 28.71 -7.30
CA ILE C 827 -10.01 29.62 -6.25
C ILE C 827 -8.91 30.57 -6.74
N LEU C 828 -7.93 30.06 -7.47
CA LEU C 828 -6.83 30.89 -7.92
C LEU C 828 -7.35 32.04 -8.78
N VAL C 829 -8.16 31.71 -9.77
CA VAL C 829 -8.62 32.75 -10.66
C VAL C 829 -9.59 33.70 -9.95
N GLY C 830 -10.39 33.19 -9.04
CA GLY C 830 -11.21 34.05 -8.22
C GLY C 830 -10.38 35.04 -7.42
N GLY C 831 -9.28 34.57 -6.85
CA GLY C 831 -8.41 35.45 -6.10
C GLY C 831 -7.73 36.48 -6.99
N LEU C 832 -7.38 36.11 -8.21
CA LEU C 832 -6.83 37.07 -9.16
C LEU C 832 -7.85 38.15 -9.49
N GLY C 833 -9.08 37.75 -9.74
CA GLY C 833 -10.10 38.74 -9.97
C GLY C 833 -10.30 39.66 -8.78
N LEU C 834 -10.35 39.09 -7.58
CA LEU C 834 -10.53 39.90 -6.39
C LEU C 834 -9.37 40.87 -6.23
N ALA C 835 -8.15 40.43 -6.52
CA ALA C 835 -6.98 41.29 -6.40
C ALA C 835 -7.09 42.46 -7.37
N MET C 836 -7.49 42.17 -8.60
CA MET C 836 -7.63 43.23 -9.59
C MET C 836 -8.71 44.23 -9.14
N LEU C 837 -9.81 43.71 -8.63
CA LEU C 837 -10.89 44.58 -8.16
C LEU C 837 -10.39 45.47 -7.04
N VAL C 838 -9.69 44.92 -6.06
CA VAL C 838 -9.22 45.69 -4.94
C VAL C 838 -8.25 46.77 -5.41
N ALA C 839 -7.36 46.43 -6.33
CA ALA C 839 -6.43 47.41 -6.85
C ALA C 839 -7.18 48.57 -7.46
N LEU C 840 -8.19 48.25 -8.28
CA LEU C 840 -8.90 49.32 -8.98
C LEU C 840 -9.70 50.16 -8.02
N ILE C 841 -10.27 49.55 -6.99
CA ILE C 841 -11.01 50.32 -6.00
C ILE C 841 -10.09 51.29 -5.28
N GLU C 842 -8.91 50.82 -4.87
CA GLU C 842 -7.96 51.70 -4.22
C GLU C 842 -7.54 52.82 -5.18
N PHE C 843 -7.31 52.51 -6.45
CA PHE C 843 -6.89 53.52 -7.42
C PHE C 843 -7.95 54.58 -7.64
N CYS C 844 -9.23 54.17 -7.74
CA CYS C 844 -10.31 55.14 -7.85
C CYS C 844 -10.40 55.99 -6.60
N TYR C 845 -10.25 55.38 -5.43
CA TYR C 845 -10.29 56.12 -4.18
C TYR C 845 -9.17 57.13 -4.11
N LYS C 846 -7.96 56.77 -4.52
CA LYS C 846 -6.84 57.70 -4.51
C LYS C 846 -7.06 58.83 -5.51
N SER C 847 -7.62 58.53 -6.68
CA SER C 847 -7.93 59.58 -7.65
C SER C 847 -8.92 60.59 -7.09
N ARG C 848 -9.97 60.09 -6.42
CA ARG C 848 -10.93 60.97 -5.77
C ARG C 848 -10.29 61.70 -4.58
N ALA C 849 -9.29 61.11 -3.93
CA ALA C 849 -8.76 61.65 -2.69
C ALA C 849 -8.07 62.99 -2.91
N GLU C 850 -7.41 63.16 -4.07
CA GLU C 850 -6.73 64.42 -4.35
C GLU C 850 -7.72 65.58 -4.27
N ALA C 851 -7.35 66.62 -3.52
CA ALA C 851 -8.23 67.75 -3.26
C ALA C 851 -8.77 68.33 -4.57
N LYS C 852 -10.07 68.12 -4.81
CA LYS C 852 -10.70 68.50 -6.06
C LYS C 852 -10.78 70.03 -6.17
N THR D 423 -30.92 -52.58 17.84
CA THR D 423 -30.84 -51.11 18.11
C THR D 423 -30.01 -50.88 19.38
N VAL D 424 -29.53 -49.65 19.55
CA VAL D 424 -28.74 -49.28 20.70
C VAL D 424 -29.21 -47.93 21.23
N VAL D 425 -28.84 -47.65 22.48
CA VAL D 425 -29.31 -46.47 23.19
C VAL D 425 -28.15 -45.49 23.29
N VAL D 426 -28.04 -44.60 22.29
CA VAL D 426 -26.95 -43.64 22.23
C VAL D 426 -27.31 -42.42 23.06
N THR D 427 -26.54 -42.15 24.10
CA THR D 427 -26.78 -41.02 24.99
C THR D 427 -25.83 -39.88 24.66
N THR D 428 -26.33 -38.65 24.74
CA THR D 428 -25.55 -37.46 24.42
C THR D 428 -26.01 -36.32 25.31
N ILE D 429 -25.52 -35.10 25.01
CA ILE D 429 -26.04 -33.87 25.61
C ILE D 429 -26.25 -32.84 24.51
N LEU D 430 -27.14 -31.88 24.79
CA LEU D 430 -27.31 -30.70 23.96
C LEU D 430 -26.11 -29.78 24.12
N GLU D 431 -25.22 -29.79 23.12
CA GLU D 431 -24.02 -28.97 23.17
C GLU D 431 -23.63 -28.61 21.75
N SER D 432 -23.90 -27.36 21.38
CA SER D 432 -23.52 -26.86 20.07
C SER D 432 -22.01 -26.76 19.97
N PRO D 433 -21.38 -27.13 18.85
CA PRO D 433 -21.97 -27.78 17.68
C PRO D 433 -21.92 -29.31 17.71
N TYR D 434 -21.74 -29.89 18.91
CA TYR D 434 -21.60 -31.33 19.00
C TYR D 434 -22.93 -32.01 18.72
N VAL D 435 -24.00 -31.56 19.40
CA VAL D 435 -25.33 -32.09 19.23
C VAL D 435 -26.31 -30.93 19.26
N MET D 436 -26.89 -30.63 18.09
CA MET D 436 -27.79 -29.49 17.94
C MET D 436 -29.11 -29.95 17.34
N MET D 437 -30.19 -29.28 17.77
CA MET D 437 -31.54 -29.58 17.32
C MET D 437 -31.78 -28.85 16.00
N LYS D 438 -32.37 -29.56 15.04
CA LYS D 438 -32.74 -28.92 13.78
C LYS D 438 -33.94 -28.01 14.02
N LYS D 439 -34.20 -27.12 13.06
CA LYS D 439 -35.37 -26.25 13.09
C LYS D 439 -36.67 -27.05 13.20
N ASN D 440 -36.80 -28.13 12.41
CA ASN D 440 -38.04 -28.90 12.33
C ASN D 440 -38.00 -30.10 13.30
N HIS D 441 -37.62 -29.84 14.54
CA HIS D 441 -37.59 -30.89 15.55
C HIS D 441 -38.99 -31.18 16.10
N GLU D 442 -39.90 -30.21 16.09
CA GLU D 442 -41.27 -30.43 16.51
C GLU D 442 -42.02 -31.27 15.47
N MET D 443 -41.72 -31.05 14.18
CA MET D 443 -42.38 -31.79 13.10
C MET D 443 -41.86 -33.23 13.05
N LEU D 444 -40.53 -33.42 13.14
CA LEU D 444 -39.92 -34.74 13.07
C LEU D 444 -39.45 -35.15 14.47
N GLU D 445 -39.71 -36.41 14.83
CA GLU D 445 -39.35 -36.94 16.15
C GLU D 445 -38.70 -38.31 15.99
N GLY D 446 -37.38 -38.31 15.82
CA GLY D 446 -36.61 -39.55 15.72
C GLY D 446 -35.11 -39.28 15.79
N ASN D 447 -34.33 -40.02 15.00
CA ASN D 447 -32.91 -39.77 14.86
C ASN D 447 -32.60 -38.69 13.84
N GLU D 448 -33.53 -38.38 12.93
CA GLU D 448 -33.35 -37.26 12.01
C GLU D 448 -33.66 -35.91 12.68
N ARG D 449 -34.11 -35.93 13.94
CA ARG D 449 -34.32 -34.69 14.69
C ARG D 449 -33.08 -33.79 14.73
N TYR D 450 -31.92 -34.40 15.00
CA TYR D 450 -30.72 -33.66 15.37
C TYR D 450 -29.72 -33.62 14.22
N GLU D 451 -28.85 -32.60 14.27
CA GLU D 451 -27.66 -32.54 13.45
C GLU D 451 -26.53 -31.92 14.27
N GLY D 452 -25.32 -32.41 14.06
CA GLY D 452 -24.19 -31.93 14.84
C GLY D 452 -22.90 -32.55 14.39
N TYR D 453 -21.90 -32.53 15.28
CA TYR D 453 -20.67 -33.27 15.06
C TYR D 453 -20.82 -34.68 15.62
N CYS D 454 -21.27 -34.80 16.88
CA CYS D 454 -21.46 -36.11 17.48
C CYS D 454 -22.44 -36.97 16.69
N VAL D 455 -23.39 -36.32 16.02
CA VAL D 455 -24.41 -37.04 15.27
C VAL D 455 -23.75 -37.79 14.11
N ASP D 456 -22.96 -37.08 13.33
CA ASP D 456 -22.33 -37.73 12.18
C ASP D 456 -21.28 -38.74 12.64
N LEU D 457 -20.65 -38.49 13.80
CA LEU D 457 -19.75 -39.47 14.37
C LEU D 457 -20.51 -40.76 14.71
N ALA D 458 -21.69 -40.62 15.32
CA ALA D 458 -22.54 -41.79 15.61
C ALA D 458 -22.91 -42.52 14.32
N ALA D 459 -23.25 -41.76 13.28
CA ALA D 459 -23.58 -42.34 12.00
C ALA D 459 -22.42 -43.18 11.46
N GLU D 460 -21.22 -42.62 11.48
CA GLU D 460 -20.07 -43.30 10.91
C GLU D 460 -19.70 -44.53 11.76
N ILE D 461 -19.84 -44.42 13.08
CA ILE D 461 -19.58 -45.55 13.96
C ILE D 461 -20.53 -46.69 13.61
N ALA D 462 -21.83 -46.35 13.45
CA ALA D 462 -22.82 -47.35 13.09
C ALA D 462 -22.45 -48.00 11.75
N LYS D 463 -22.07 -47.18 10.77
CA LYS D 463 -21.73 -47.70 9.45
C LYS D 463 -20.57 -48.70 9.56
N HIS D 464 -19.53 -48.35 10.33
CA HIS D 464 -18.40 -49.24 10.49
C HIS D 464 -18.80 -50.54 11.17
N CYS D 465 -19.58 -50.43 12.25
CA CYS D 465 -19.97 -51.59 13.04
C CYS D 465 -21.30 -52.18 12.57
N GLY D 466 -21.98 -51.55 11.60
CA GLY D 466 -23.16 -52.12 10.96
C GLY D 466 -24.30 -52.41 11.95
N PHE D 467 -24.91 -51.34 12.48
CA PHE D 467 -26.07 -51.48 13.34
C PHE D 467 -26.92 -50.21 13.22
N LYS D 468 -27.90 -50.07 14.11
CA LYS D 468 -28.76 -48.90 14.16
C LYS D 468 -28.90 -48.47 15.62
N TYR D 469 -29.28 -47.20 15.81
CA TYR D 469 -29.13 -46.53 17.10
C TYR D 469 -30.32 -45.62 17.34
N LYS D 470 -30.61 -45.38 18.62
CA LYS D 470 -31.66 -44.47 19.06
C LYS D 470 -31.03 -43.35 19.88
N LEU D 471 -31.05 -42.14 19.31
CA LEU D 471 -30.29 -41.02 19.87
C LEU D 471 -31.09 -40.41 21.02
N THR D 472 -30.91 -40.95 22.22
CA THR D 472 -31.59 -40.42 23.39
C THR D 472 -30.79 -39.25 23.96
N ILE D 473 -31.23 -38.73 25.10
CA ILE D 473 -30.56 -37.62 25.77
C ILE D 473 -30.70 -37.82 27.28
N VAL D 474 -29.68 -37.35 28.00
CA VAL D 474 -29.67 -37.45 29.45
C VAL D 474 -30.57 -36.36 30.04
N GLY D 475 -31.40 -36.77 30.99
CA GLY D 475 -32.30 -35.85 31.68
C GLY D 475 -31.54 -34.79 32.48
N ASP D 476 -30.58 -35.24 33.28
CA ASP D 476 -29.82 -34.33 34.14
C ASP D 476 -29.03 -33.31 33.33
N GLY D 477 -28.68 -33.65 32.08
CA GLY D 477 -27.87 -32.76 31.26
C GLY D 477 -26.49 -32.49 31.86
N LYS D 478 -26.03 -33.35 32.78
CA LYS D 478 -24.71 -33.23 33.37
C LYS D 478 -23.83 -34.32 32.79
N TYR D 479 -22.57 -33.96 32.49
CA TYR D 479 -21.70 -34.86 31.78
C TYR D 479 -21.42 -36.11 32.62
N GLY D 480 -20.96 -35.90 33.86
CA GLY D 480 -20.61 -37.04 34.69
C GLY D 480 -19.94 -36.59 35.98
N ALA D 481 -20.39 -37.13 37.11
CA ALA D 481 -19.78 -36.83 38.38
C ALA D 481 -20.20 -37.86 39.42
N ARG D 482 -19.41 -37.94 40.49
CA ARG D 482 -19.68 -38.82 41.61
C ARG D 482 -20.09 -37.98 42.81
N ASP D 483 -21.26 -38.27 43.37
CA ASP D 483 -21.79 -37.54 44.51
C ASP D 483 -21.11 -38.06 45.77
N ALA D 484 -20.11 -37.31 46.27
CA ALA D 484 -19.28 -37.77 47.38
C ALA D 484 -20.11 -38.08 48.63
N ASP D 485 -21.26 -37.41 48.79
CA ASP D 485 -22.15 -37.64 49.92
C ASP D 485 -22.61 -39.10 50.01
N THR D 486 -23.01 -39.67 48.87
CA THR D 486 -23.54 -41.03 48.83
C THR D 486 -22.81 -41.93 47.85
N LYS D 487 -21.79 -41.40 47.14
CA LYS D 487 -21.09 -42.14 46.10
C LYS D 487 -22.06 -42.70 45.05
N ILE D 488 -23.01 -41.84 44.65
CA ILE D 488 -23.92 -42.13 43.56
C ILE D 488 -23.57 -41.24 42.38
N TRP D 489 -23.46 -41.84 41.20
CA TRP D 489 -23.02 -41.12 40.01
C TRP D 489 -24.19 -40.48 39.28
N ASN D 490 -23.90 -39.37 38.60
CA ASN D 490 -24.88 -38.67 37.80
C ASN D 490 -24.26 -38.31 36.45
N GLY D 491 -25.12 -38.26 35.43
CA GLY D 491 -24.72 -37.93 34.07
C GLY D 491 -24.71 -39.14 33.13
N MET D 492 -23.99 -39.00 32.02
CA MET D 492 -23.85 -40.13 31.09
C MET D 492 -23.11 -41.28 31.76
N VAL D 493 -22.15 -40.99 32.65
CA VAL D 493 -21.39 -42.07 33.24
C VAL D 493 -22.29 -42.92 34.13
N GLY D 494 -23.13 -42.26 34.95
CA GLY D 494 -24.15 -42.94 35.72
C GLY D 494 -25.08 -43.78 34.83
N GLU D 495 -25.49 -43.19 33.70
CA GLU D 495 -26.37 -43.87 32.77
C GLU D 495 -25.71 -45.13 32.20
N LEU D 496 -24.43 -45.06 31.86
CA LEU D 496 -23.76 -46.19 31.23
C LEU D 496 -23.44 -47.26 32.28
N VAL D 497 -23.04 -46.86 33.48
CA VAL D 497 -22.72 -47.84 34.51
C VAL D 497 -24.00 -48.54 34.98
N TYR D 498 -25.15 -47.86 34.96
CA TYR D 498 -26.41 -48.44 35.36
C TYR D 498 -27.18 -49.08 34.21
N GLY D 499 -26.62 -49.05 32.99
CA GLY D 499 -27.21 -49.76 31.86
C GLY D 499 -28.28 -48.97 31.09
N LYS D 500 -28.54 -47.72 31.47
CA LYS D 500 -29.57 -46.94 30.81
C LYS D 500 -29.15 -46.55 29.38
N ALA D 501 -27.85 -46.60 29.05
CA ALA D 501 -27.37 -46.28 27.71
C ALA D 501 -26.33 -47.29 27.27
N ASP D 502 -26.14 -47.41 25.95
CA ASP D 502 -25.13 -48.29 25.37
C ASP D 502 -23.80 -47.57 25.20
N ILE D 503 -23.79 -46.48 24.43
CA ILE D 503 -22.57 -45.72 24.17
C ILE D 503 -22.90 -44.24 24.24
N ALA D 504 -22.03 -43.44 24.88
CA ALA D 504 -22.24 -42.01 25.01
C ALA D 504 -21.38 -41.28 23.99
N ILE D 505 -21.93 -41.06 22.79
CA ILE D 505 -21.21 -40.31 21.77
C ILE D 505 -21.41 -38.82 22.05
N ALA D 506 -20.60 -38.28 22.95
CA ALA D 506 -20.70 -36.91 23.39
C ALA D 506 -19.30 -36.41 23.72
N PRO D 507 -19.10 -35.07 23.79
CA PRO D 507 -17.82 -34.54 24.26
C PRO D 507 -17.56 -34.82 25.74
N LEU D 508 -17.18 -36.08 26.02
CA LEU D 508 -16.95 -36.52 27.38
C LEU D 508 -15.44 -36.70 27.58
N THR D 509 -14.90 -36.02 28.57
CA THR D 509 -13.45 -35.97 28.73
C THR D 509 -12.94 -37.25 29.35
N ILE D 510 -11.90 -37.84 28.74
CA ILE D 510 -11.28 -39.03 29.28
C ILE D 510 -10.53 -38.64 30.53
N THR D 511 -11.01 -39.09 31.69
CA THR D 511 -10.37 -38.75 32.95
C THR D 511 -10.31 -40.00 33.81
N LEU D 512 -9.48 -39.94 34.86
CA LEU D 512 -9.20 -41.12 35.67
C LEU D 512 -10.44 -41.59 36.41
N VAL D 513 -11.16 -40.65 37.02
CA VAL D 513 -12.34 -40.99 37.79
C VAL D 513 -13.36 -41.71 36.92
N ARG D 514 -13.63 -41.16 35.74
CA ARG D 514 -14.54 -41.80 34.83
C ARG D 514 -13.94 -43.09 34.30
N GLU D 515 -12.64 -43.12 34.07
CA GLU D 515 -12.00 -44.27 33.46
C GLU D 515 -12.09 -45.51 34.35
N GLU D 516 -12.17 -45.29 35.67
CA GLU D 516 -12.21 -46.40 36.61
C GLU D 516 -13.51 -47.21 36.53
N VAL D 517 -14.59 -46.63 35.99
CA VAL D 517 -15.90 -47.25 36.00
C VAL D 517 -16.39 -47.59 34.60
N ILE D 518 -16.10 -46.75 33.61
CA ILE D 518 -16.41 -47.06 32.21
C ILE D 518 -15.11 -47.20 31.47
N ASP D 519 -15.18 -47.51 30.17
CA ASP D 519 -14.01 -47.53 29.32
C ASP D 519 -14.22 -46.57 28.16
N PHE D 520 -13.17 -45.82 27.83
CA PHE D 520 -13.21 -44.85 26.75
C PHE D 520 -12.50 -45.42 25.53
N SER D 521 -12.99 -45.01 24.36
CA SER D 521 -12.23 -45.24 23.14
C SER D 521 -11.00 -44.35 23.14
N LYS D 522 -10.16 -44.51 22.12
CA LYS D 522 -9.09 -43.57 21.95
C LYS D 522 -9.69 -42.20 21.67
N PRO D 523 -9.04 -41.10 22.06
CA PRO D 523 -9.65 -39.79 21.86
C PRO D 523 -9.91 -39.57 20.37
N PHE D 524 -11.15 -39.13 20.06
CA PHE D 524 -11.49 -38.70 18.72
C PHE D 524 -11.32 -37.18 18.56
N MET D 525 -10.93 -36.48 19.62
CA MET D 525 -10.74 -35.05 19.57
C MET D 525 -9.88 -34.66 20.75
N SER D 526 -8.73 -34.02 20.46
CA SER D 526 -7.82 -33.53 21.48
C SER D 526 -8.00 -32.03 21.62
N LEU D 527 -8.12 -31.55 22.87
CA LEU D 527 -8.35 -30.17 23.16
C LEU D 527 -7.60 -29.78 24.43
N GLY D 528 -7.87 -28.57 24.93
CA GLY D 528 -7.21 -28.11 26.13
C GLY D 528 -7.79 -26.77 26.59
N ILE D 529 -7.10 -26.16 27.54
CA ILE D 529 -7.45 -24.83 28.02
C ILE D 529 -6.84 -23.84 27.05
N SER D 530 -7.55 -22.73 26.81
CA SER D 530 -7.07 -21.72 25.89
C SER D 530 -7.56 -20.35 26.31
N ILE D 531 -6.88 -19.32 25.78
CA ILE D 531 -7.17 -17.93 26.07
C ILE D 531 -8.02 -17.34 24.96
N MET D 532 -9.06 -16.61 25.37
CA MET D 532 -9.98 -15.95 24.47
C MET D 532 -9.95 -14.46 24.75
N ILE D 533 -9.67 -13.66 23.71
CA ILE D 533 -9.60 -12.21 23.85
C ILE D 533 -10.50 -11.58 22.81
N LYS D 534 -10.78 -10.29 23.00
CA LYS D 534 -11.51 -9.54 22.00
C LYS D 534 -10.55 -9.20 20.86
N LYS D 535 -11.11 -9.15 19.64
CA LYS D 535 -10.27 -8.88 18.48
C LYS D 535 -9.64 -7.51 18.63
N PRO D 536 -8.34 -7.35 18.30
CA PRO D 536 -7.67 -6.09 18.60
C PRO D 536 -8.17 -4.95 17.72
N GLN D 537 -9.27 -4.31 18.13
CA GLN D 537 -9.82 -3.16 17.41
C GLN D 537 -8.78 -2.03 17.33
N LYS D 538 -9.04 -1.11 16.40
CA LYS D 538 -8.16 0.03 16.19
C LYS D 538 -8.20 0.96 17.39
N SER D 539 -7.02 1.42 17.81
CA SER D 539 -6.88 2.29 18.97
C SER D 539 -7.30 3.72 18.65
N LYS D 540 -7.91 4.38 19.64
CA LYS D 540 -8.20 5.81 19.54
C LYS D 540 -6.90 6.60 19.50
N PRO D 541 -6.74 7.55 18.55
CA PRO D 541 -5.45 8.23 18.39
C PRO D 541 -5.18 9.07 19.63
N GLY D 542 -4.01 8.80 20.22
CA GLY D 542 -3.61 9.46 21.45
C GLY D 542 -3.18 10.90 21.19
N VAL D 543 -3.42 11.80 22.13
CA VAL D 543 -2.83 13.12 22.05
C VAL D 543 -1.31 12.97 22.02
N PHE D 544 -0.66 13.69 21.15
CA PHE D 544 0.78 13.50 20.89
C PHE D 544 1.07 12.23 20.10
N SER D 545 0.13 11.78 19.27
CA SER D 545 0.38 10.75 18.30
C SER D 545 1.03 11.31 17.03
N PHE D 546 1.18 12.63 16.93
CA PHE D 546 1.85 13.18 15.79
C PHE D 546 3.35 12.91 15.85
N LEU D 547 3.84 12.36 16.97
CA LEU D 547 5.24 12.01 17.07
C LEU D 547 5.55 10.58 16.68
N ASP D 548 4.52 9.78 16.42
CA ASP D 548 4.68 8.34 16.32
C ASP D 548 5.55 7.90 15.15
N PRO D 549 5.59 8.61 14.03
CA PRO D 549 6.41 8.16 12.93
C PRO D 549 7.87 7.94 13.26
N LEU D 550 8.41 8.63 14.27
CA LEU D 550 9.82 8.50 14.60
C LEU D 550 9.90 8.02 16.04
N ALA D 551 10.90 7.15 16.27
CA ALA D 551 11.14 6.62 17.59
C ALA D 551 11.48 7.74 18.59
N TYR D 552 11.23 7.48 19.87
CA TYR D 552 11.55 8.44 20.93
C TYR D 552 13.03 8.84 20.89
N GLU D 553 13.89 7.89 20.56
CA GLU D 553 15.31 8.20 20.47
C GLU D 553 15.61 9.16 19.33
N ILE D 554 14.89 9.08 18.22
CA ILE D 554 15.17 10.01 17.15
C ILE D 554 14.82 11.43 17.60
N TRP D 555 13.67 11.60 18.27
CA TRP D 555 13.31 12.93 18.74
C TRP D 555 14.34 13.47 19.73
N MET D 556 14.75 12.62 20.66
CA MET D 556 15.70 13.06 21.65
C MET D 556 17.03 13.48 20.98
N CYS D 557 17.52 12.66 20.07
CA CYS D 557 18.76 13.01 19.40
C CYS D 557 18.60 14.19 18.43
N ILE D 558 17.41 14.43 17.92
CA ILE D 558 17.15 15.63 17.16
C ILE D 558 17.37 16.83 18.06
N VAL D 559 16.85 16.80 19.28
CA VAL D 559 17.03 17.92 20.18
C VAL D 559 18.50 18.12 20.55
N PHE D 560 19.23 17.03 20.80
CA PHE D 560 20.64 17.17 21.05
C PHE D 560 21.40 17.74 19.86
N ALA D 561 21.09 17.26 18.67
CA ALA D 561 21.75 17.77 17.48
C ALA D 561 21.41 19.24 17.26
N TYR D 562 20.19 19.66 17.60
CA TYR D 562 19.81 21.05 17.49
C TYR D 562 20.67 21.94 18.38
N ILE D 563 20.83 21.51 19.64
CA ILE D 563 21.66 22.27 20.54
C ILE D 563 23.12 22.29 20.05
N GLY D 564 23.63 21.14 19.64
CA GLY D 564 24.98 21.09 19.17
C GLY D 564 25.23 22.00 17.96
N VAL D 565 24.35 21.94 16.99
CA VAL D 565 24.54 22.71 15.78
C VAL D 565 24.49 24.20 16.15
N SER D 566 23.53 24.61 16.97
CA SER D 566 23.40 26.01 17.31
C SER D 566 24.67 26.50 17.99
N VAL D 567 25.18 25.72 18.94
CA VAL D 567 26.37 26.11 19.65
C VAL D 567 27.58 26.17 18.72
N VAL D 568 27.76 25.20 17.86
CA VAL D 568 28.93 25.21 17.01
C VAL D 568 28.83 26.36 16.01
N LEU D 569 27.64 26.67 15.51
CA LEU D 569 27.50 27.80 14.59
C LEU D 569 27.84 29.09 15.30
N PHE D 570 27.37 29.25 16.54
CA PHE D 570 27.73 30.42 17.32
C PHE D 570 29.22 30.51 17.53
N LEU D 571 29.84 29.42 17.94
CA LEU D 571 31.29 29.42 18.17
C LEU D 571 32.03 29.83 16.92
N VAL D 572 31.83 29.10 15.85
CA VAL D 572 32.59 29.34 14.62
C VAL D 572 32.30 30.74 14.05
N SER D 573 31.09 31.22 14.16
CA SER D 573 30.74 32.47 13.52
C SER D 573 31.44 33.63 14.22
N ARG D 574 31.60 33.53 15.54
CA ARG D 574 31.87 34.69 16.35
C ARG D 574 32.90 34.38 17.44
N PHE D 575 34.09 33.89 17.10
CA PHE D 575 35.08 33.61 18.14
C PHE D 575 36.41 34.29 17.85
N SER D 576 36.82 34.34 16.57
CA SER D 576 38.05 34.96 16.21
C SER D 576 37.87 36.49 16.29
N PRO D 577 38.85 37.23 16.84
CA PRO D 577 38.75 38.69 16.83
C PRO D 577 38.81 39.29 15.42
N TYR D 578 39.26 38.52 14.43
CA TYR D 578 39.38 39.01 13.07
C TYR D 578 38.04 39.02 12.33
N GLU D 579 37.05 38.31 12.85
CA GLU D 579 35.72 38.36 12.27
C GLU D 579 34.99 39.64 12.71
N TRP D 580 35.22 40.08 13.95
CA TRP D 580 34.58 41.28 14.47
C TRP D 580 35.00 42.57 13.74
N ASN D 598 29.14 38.68 10.70
CA ASN D 598 28.55 37.45 11.30
C ASN D 598 27.63 37.86 12.43
N GLU D 599 26.33 37.92 12.15
CA GLU D 599 25.33 38.35 13.12
C GLU D 599 24.81 37.19 13.97
N PHE D 600 25.57 36.09 14.04
CA PHE D 600 25.11 34.92 14.76
C PHE D 600 25.58 34.93 16.20
N GLY D 601 24.83 35.57 17.06
CA GLY D 601 24.99 35.32 18.49
C GLY D 601 24.36 33.98 18.84
N ILE D 602 24.41 33.63 20.11
CA ILE D 602 23.86 32.35 20.49
C ILE D 602 22.35 32.32 20.24
N PHE D 603 21.65 33.41 20.55
CA PHE D 603 20.22 33.47 20.31
C PHE D 603 19.92 33.43 18.81
N ASN D 604 20.67 34.14 18.01
CA ASN D 604 20.42 34.11 16.58
C ASN D 604 20.84 32.78 15.97
N SER D 605 21.88 32.14 16.51
CA SER D 605 22.23 30.81 16.05
C SER D 605 21.09 29.82 16.33
N LEU D 606 20.50 29.89 17.52
CA LEU D 606 19.39 29.01 17.83
C LEU D 606 18.21 29.29 16.92
N TRP D 607 17.92 30.55 16.64
CA TRP D 607 16.83 30.86 15.75
C TRP D 607 17.10 30.33 14.33
N PHE D 608 18.34 30.48 13.86
CA PHE D 608 18.69 30.00 12.55
C PHE D 608 18.47 28.51 12.45
N SER D 609 18.97 27.80 13.45
CA SER D 609 18.86 26.35 13.43
C SER D 609 17.40 25.93 13.47
N LEU D 610 16.60 26.55 14.32
CA LEU D 610 15.20 26.17 14.44
C LEU D 610 14.52 26.41 13.11
N GLY D 611 14.71 27.54 12.54
CA GLY D 611 13.99 27.78 11.33
C GLY D 611 14.49 26.92 10.20
N ALA D 612 15.74 26.51 10.20
CA ALA D 612 16.22 25.61 9.17
C ALA D 612 15.57 24.26 9.33
N PHE D 613 15.41 23.78 10.56
CA PHE D 613 14.76 22.50 10.77
C PHE D 613 13.34 22.50 10.30
N MET D 614 12.57 23.55 10.59
CA MET D 614 11.18 23.68 10.17
C MET D 614 11.06 24.07 8.72
N ARG D 615 12.15 24.05 7.94
CA ARG D 615 12.14 24.39 6.53
C ARG D 615 11.48 25.75 6.31
N GLN D 616 11.79 26.68 7.19
CA GLN D 616 11.22 28.01 7.20
C GLN D 616 12.27 29.03 6.81
N GLY D 617 11.80 30.29 6.75
CA GLY D 617 12.60 31.39 6.26
C GLY D 617 13.93 31.46 6.97
N CYS D 618 14.90 32.01 6.25
CA CYS D 618 16.26 32.13 6.75
C CYS D 618 16.48 33.47 7.41
N ASP D 619 16.44 34.53 6.61
CA ASP D 619 16.61 35.90 7.06
C ASP D 619 18.05 36.22 7.44
N ILE D 620 18.89 35.22 7.71
CA ILE D 620 20.33 35.41 7.74
C ILE D 620 20.97 34.09 7.35
N SER D 621 22.05 34.15 6.58
CA SER D 621 22.73 32.94 6.19
C SER D 621 24.21 33.13 6.46
N PRO D 622 24.90 32.12 6.98
CA PRO D 622 26.31 32.27 7.25
C PRO D 622 27.07 32.63 5.99
N ARG D 623 28.09 33.50 6.11
CA ARG D 623 28.90 33.89 4.98
C ARG D 623 30.26 33.22 4.97
N SER D 624 30.73 32.73 6.13
CA SER D 624 32.05 32.15 6.23
C SER D 624 32.08 30.74 5.69
N LEU D 625 33.28 30.24 5.45
CA LEU D 625 33.40 28.85 5.02
C LEU D 625 32.85 27.90 6.08
N SER D 626 33.23 28.12 7.33
CA SER D 626 32.92 27.18 8.38
C SER D 626 31.45 27.28 8.77
N GLY D 627 30.95 28.49 8.88
CA GLY D 627 29.53 28.64 9.12
C GLY D 627 28.71 28.01 8.02
N ARG D 628 29.19 28.08 6.78
CA ARG D 628 28.50 27.43 5.69
C ARG D 628 28.59 25.91 5.76
N ILE D 629 29.70 25.36 6.22
CA ILE D 629 29.76 23.92 6.41
C ILE D 629 28.71 23.48 7.42
N VAL D 630 28.63 24.20 8.53
CA VAL D 630 27.68 23.84 9.57
C VAL D 630 26.26 23.94 9.01
N GLY D 631 25.97 25.03 8.35
CA GLY D 631 24.66 25.21 7.79
C GLY D 631 24.32 24.12 6.80
N GLY D 632 25.27 23.73 5.97
CA GLY D 632 25.02 22.76 4.93
C GLY D 632 24.69 21.40 5.54
N VAL D 633 25.45 20.95 6.52
CA VAL D 633 25.17 19.64 7.09
C VAL D 633 23.84 19.72 7.83
N TRP D 634 23.54 20.81 8.52
CA TRP D 634 22.25 20.87 9.19
C TRP D 634 21.10 20.88 8.19
N TRP D 635 21.28 21.52 7.04
CA TRP D 635 20.28 21.44 5.98
C TRP D 635 20.05 20.05 5.43
N PHE D 636 21.13 19.32 5.22
CA PHE D 636 21.02 17.93 4.79
C PHE D 636 20.29 17.09 5.84
N PHE D 637 20.67 17.25 7.09
CA PHE D 637 20.06 16.51 8.17
C PHE D 637 18.57 16.76 8.17
N THR D 638 18.21 18.02 8.11
CA THR D 638 16.81 18.42 8.16
C THR D 638 16.06 17.77 7.01
N LEU D 639 16.60 17.84 5.80
CA LEU D 639 15.92 17.27 4.65
C LEU D 639 15.65 15.78 4.85
N ILE D 640 16.64 15.03 5.24
CA ILE D 640 16.44 13.61 5.46
C ILE D 640 15.41 13.36 6.57
N ILE D 641 15.51 14.03 7.68
CA ILE D 641 14.66 13.73 8.80
C ILE D 641 13.21 14.10 8.50
N ILE D 642 12.97 15.22 7.86
CA ILE D 642 11.60 15.61 7.58
C ILE D 642 10.99 14.73 6.51
N SER D 643 11.77 14.42 5.48
CA SER D 643 11.28 13.52 4.43
C SER D 643 10.90 12.19 5.03
N SER D 644 11.72 11.69 5.93
CA SER D 644 11.49 10.39 6.53
C SER D 644 10.30 10.43 7.45
N TYR D 645 10.10 11.52 8.15
CA TYR D 645 8.86 11.67 8.92
C TYR D 645 7.59 11.61 8.07
N THR D 646 7.58 12.32 6.98
CA THR D 646 6.42 12.32 6.11
C THR D 646 6.23 10.92 5.48
N ALA D 647 7.30 10.27 5.07
CA ALA D 647 7.18 8.99 4.42
C ALA D 647 6.65 7.96 5.42
N ASN D 648 7.17 7.95 6.63
CA ASN D 648 6.72 6.96 7.58
C ASN D 648 5.29 7.24 8.03
N LEU D 649 4.89 8.48 8.10
CA LEU D 649 3.50 8.74 8.40
C LEU D 649 2.62 8.26 7.26
N ALA D 650 3.03 8.42 6.01
CA ALA D 650 2.27 7.89 4.88
C ALA D 650 2.12 6.38 5.04
N ALA D 651 3.22 5.71 5.39
CA ALA D 651 3.17 4.27 5.59
C ALA D 651 2.20 3.91 6.71
N PHE D 652 2.24 4.61 7.83
N PHE D 652 2.22 4.61 7.86
CA PHE D 652 1.29 4.36 8.90
CA PHE D 652 1.28 4.34 8.95
C PHE D 652 -0.15 4.50 8.43
C PHE D 652 -0.16 4.52 8.52
N LEU D 653 -0.47 5.54 7.71
CA LEU D 653 -1.86 5.81 7.34
C LEU D 653 -2.30 4.87 6.23
N THR D 654 -1.40 4.38 5.39
CA THR D 654 -1.78 3.54 4.27
C THR D 654 -2.22 2.18 4.78
N VAL D 655 -1.41 1.58 5.66
CA VAL D 655 -1.63 0.22 6.09
C VAL D 655 -1.72 0.20 7.61
N GLU D 656 -2.94 -0.03 8.12
CA GLU D 656 -3.15 -0.26 9.54
C GLU D 656 -2.76 -1.68 9.88
N ARG D 657 -1.98 -1.83 10.96
CA ARG D 657 -1.34 -3.11 11.27
C ARG D 657 -1.60 -3.41 12.74
N MET D 658 -2.67 -4.14 13.00
CA MET D 658 -3.11 -4.37 14.38
C MET D 658 -2.34 -5.55 14.97
N VAL D 659 -2.12 -5.48 16.28
CA VAL D 659 -1.36 -6.51 16.99
C VAL D 659 -2.11 -6.86 18.26
N SER D 660 -2.15 -8.16 18.57
CA SER D 660 -2.83 -8.64 19.76
C SER D 660 -2.02 -8.23 20.99
N PRO D 661 -2.67 -7.72 22.05
CA PRO D 661 -1.92 -7.31 23.25
C PRO D 661 -1.17 -8.45 23.95
N ILE D 662 -1.69 -9.68 23.84
CA ILE D 662 -1.09 -10.85 24.45
C ILE D 662 -0.97 -11.95 23.41
N GLU D 663 -0.02 -12.86 23.63
CA GLU D 663 0.26 -13.91 22.65
C GLU D 663 0.48 -15.28 23.28
N SER D 664 0.31 -15.43 24.59
CA SER D 664 0.55 -16.68 25.29
C SER D 664 0.18 -16.50 26.75
N ALA D 665 0.19 -17.60 27.50
CA ALA D 665 -0.14 -17.59 28.92
C ALA D 665 0.89 -16.81 29.74
N GLU D 666 2.17 -16.91 29.36
CA GLU D 666 3.22 -16.20 30.07
C GLU D 666 2.95 -14.70 30.05
N ASP D 667 2.49 -14.20 28.91
CA ASP D 667 2.20 -12.78 28.78
C ASP D 667 1.08 -12.36 29.74
N LEU D 668 0.04 -13.19 29.86
CA LEU D 668 -0.99 -12.90 30.85
C LEU D 668 -0.40 -12.87 32.25
N SER D 669 0.50 -13.82 32.56
CA SER D 669 1.09 -13.88 33.89
C SER D 669 1.87 -12.61 34.21
N LYS D 670 2.72 -12.18 33.26
CA LYS D 670 3.63 -11.06 33.52
C LYS D 670 2.89 -9.75 33.78
N GLN D 671 1.97 -9.41 32.89
CA GLN D 671 1.32 -8.10 32.93
C GLN D 671 0.25 -8.06 34.03
N THR D 672 -0.33 -6.88 34.23
CA THR D 672 -1.43 -6.71 35.17
C THR D 672 -2.53 -5.78 34.63
N GLU D 673 -2.41 -5.30 33.39
CA GLU D 673 -3.39 -4.39 32.80
C GLU D 673 -4.60 -5.13 32.23
N ILE D 674 -4.53 -6.47 32.11
CA ILE D 674 -5.57 -7.27 31.51
C ILE D 674 -6.04 -8.29 32.54
N ALA D 675 -7.33 -8.25 32.89
CA ALA D 675 -7.92 -9.24 33.77
C ALA D 675 -8.17 -10.52 32.98
N TYR D 676 -8.32 -11.63 33.71
CA TYR D 676 -8.66 -12.88 33.09
C TYR D 676 -9.24 -13.83 34.12
N GLY D 677 -10.29 -14.55 33.73
CA GLY D 677 -11.00 -15.44 34.63
C GLY D 677 -11.46 -16.70 33.92
N THR D 678 -11.92 -17.65 34.71
CA THR D 678 -12.39 -18.92 34.17
C THR D 678 -13.86 -19.03 34.44
N LEU D 679 -14.33 -20.27 34.61
CA LEU D 679 -15.71 -20.49 35.00
C LEU D 679 -15.65 -21.09 36.39
N ASP D 680 -16.38 -20.50 37.33
CA ASP D 680 -16.33 -20.94 38.70
C ASP D 680 -16.65 -22.43 38.86
N SER D 681 -17.66 -22.89 38.14
CA SER D 681 -18.12 -24.26 38.21
C SER D 681 -17.46 -25.19 37.20
N GLY D 682 -16.17 -25.49 37.34
CA GLY D 682 -15.54 -26.28 36.29
C GLY D 682 -14.16 -26.84 36.56
N SER D 683 -13.72 -27.69 35.63
CA SER D 683 -12.42 -28.33 35.76
C SER D 683 -11.28 -27.35 35.50
N THR D 684 -11.51 -26.26 34.76
CA THR D 684 -10.45 -25.32 34.47
C THR D 684 -9.91 -24.70 35.77
N LYS D 685 -10.82 -24.28 36.65
CA LYS D 685 -10.40 -23.78 37.94
C LYS D 685 -9.59 -24.86 38.67
N GLU D 686 -10.15 -26.08 38.73
CA GLU D 686 -9.45 -27.15 39.42
C GLU D 686 -8.02 -27.31 38.89
N PHE D 687 -7.90 -27.27 37.57
CA PHE D 687 -6.60 -27.44 36.93
C PHE D 687 -5.64 -26.36 37.40
N PHE D 688 -6.14 -25.12 37.44
CA PHE D 688 -5.31 -24.03 37.93
C PHE D 688 -4.98 -24.20 39.41
N ARG D 689 -5.95 -24.65 40.21
CA ARG D 689 -5.73 -24.86 41.63
C ARG D 689 -4.55 -25.80 41.87
N ARG D 690 -4.61 -26.97 41.24
CA ARG D 690 -3.67 -28.04 41.57
C ARG D 690 -2.31 -27.84 40.92
N SER D 691 -2.18 -26.88 40.00
CA SER D 691 -1.00 -26.82 39.15
C SER D 691 0.26 -26.63 39.99
N LYS D 692 1.27 -27.47 39.71
CA LYS D 692 2.61 -27.26 40.22
C LYS D 692 3.49 -26.53 39.21
N ILE D 693 2.91 -26.05 38.11
CA ILE D 693 3.67 -25.38 37.07
C ILE D 693 3.81 -23.92 37.48
N ALA D 694 4.98 -23.34 37.19
CA ALA D 694 5.30 -21.98 37.61
C ALA D 694 4.28 -20.98 37.08
N VAL D 695 4.07 -21.00 35.75
CA VAL D 695 3.26 -19.98 35.12
C VAL D 695 1.81 -20.09 35.58
N PHE D 696 1.28 -21.30 35.59
CA PHE D 696 -0.08 -21.49 36.10
C PHE D 696 -0.14 -21.20 37.59
N ASP D 697 0.95 -21.40 38.32
CA ASP D 697 0.99 -21.00 39.71
C ASP D 697 0.75 -19.49 39.85
N LYS D 698 1.50 -18.71 39.06
CA LYS D 698 1.36 -17.26 39.10
C LYS D 698 -0.07 -16.86 38.70
N MET D 699 -0.59 -17.51 37.66
CA MET D 699 -1.93 -17.20 37.17
C MET D 699 -2.97 -17.45 38.27
N TRP D 700 -2.82 -18.57 38.99
CA TRP D 700 -3.76 -18.89 40.04
C TRP D 700 -3.61 -17.94 41.20
N THR D 701 -2.37 -17.58 41.56
CA THR D 701 -2.16 -16.64 42.66
C THR D 701 -2.88 -15.33 42.37
N TYR D 702 -2.71 -14.81 41.14
CA TYR D 702 -3.42 -13.60 40.76
C TYR D 702 -4.94 -13.81 40.81
N MET D 703 -5.43 -14.91 40.27
CA MET D 703 -6.86 -15.13 40.14
C MET D 703 -7.54 -15.30 41.50
N ARG D 704 -6.84 -15.89 42.48
CA ARG D 704 -7.44 -16.19 43.77
C ARG D 704 -7.81 -14.89 44.51
N SER D 705 -6.99 -13.84 44.35
CA SER D 705 -7.19 -12.57 45.01
C SER D 705 -7.22 -11.45 43.97
N ALA D 706 -8.38 -11.27 43.34
CA ALA D 706 -8.55 -10.29 42.27
C ALA D 706 -9.90 -9.61 42.46
N GLU D 707 -9.87 -8.33 42.80
CA GLU D 707 -11.08 -7.57 43.13
C GLU D 707 -11.35 -6.59 42.00
N PRO D 708 -12.52 -6.65 41.32
CA PRO D 708 -13.61 -7.61 41.55
C PRO D 708 -13.21 -9.02 41.09
N SER D 709 -13.90 -10.06 41.60
CA SER D 709 -13.52 -11.42 41.23
C SER D 709 -13.50 -11.50 39.70
N VAL D 710 -12.60 -12.29 39.13
CA VAL D 710 -12.44 -12.36 37.69
C VAL D 710 -13.22 -13.54 37.13
N PHE D 711 -13.91 -14.30 37.99
CA PHE D 711 -14.61 -15.52 37.57
C PHE D 711 -16.04 -15.20 37.16
N VAL D 712 -16.67 -16.09 36.40
CA VAL D 712 -18.03 -15.90 35.89
C VAL D 712 -18.80 -17.22 36.02
N ARG D 713 -20.10 -17.20 35.71
CA ARG D 713 -20.98 -18.35 35.96
C ARG D 713 -21.34 -19.14 34.69
N THR D 714 -21.80 -18.47 33.62
CA THR D 714 -22.09 -19.20 32.39
C THR D 714 -21.05 -18.84 31.32
N THR D 715 -20.70 -19.81 30.46
CA THR D 715 -19.80 -19.56 29.34
C THR D 715 -20.29 -18.37 28.53
N ALA D 716 -21.60 -18.08 28.63
CA ALA D 716 -22.16 -16.93 27.97
C ALA D 716 -21.66 -15.67 28.67
N GLU D 717 -21.59 -15.73 29.99
CA GLU D 717 -21.10 -14.61 30.76
C GLU D 717 -19.66 -14.32 30.37
N GLY D 718 -18.86 -15.39 30.25
CA GLY D 718 -17.47 -15.25 29.92
C GLY D 718 -17.26 -14.50 28.61
N VAL D 719 -17.97 -14.94 27.58
CA VAL D 719 -17.80 -14.33 26.28
C VAL D 719 -18.29 -12.89 26.36
N ALA D 720 -19.46 -12.71 26.96
CA ALA D 720 -20.01 -11.37 27.13
C ALA D 720 -18.99 -10.46 27.80
N ARG D 721 -18.49 -10.91 28.95
CA ARG D 721 -17.53 -10.09 29.68
C ARG D 721 -16.31 -9.75 28.81
N VAL D 722 -15.88 -10.70 27.98
CA VAL D 722 -14.82 -10.42 27.03
C VAL D 722 -15.29 -9.37 26.03
N ARG D 723 -16.48 -9.55 25.48
CA ARG D 723 -16.96 -8.65 24.44
C ARG D 723 -17.20 -7.24 24.96
N LYS D 724 -17.48 -7.11 26.26
CA LYS D 724 -17.74 -5.79 26.85
C LYS D 724 -16.41 -5.07 27.10
N SER D 725 -15.57 -5.63 27.99
CA SER D 725 -14.28 -5.03 28.27
C SER D 725 -13.50 -4.86 26.95
N LYS D 726 -13.01 -3.65 26.70
CA LYS D 726 -12.43 -3.34 25.40
C LYS D 726 -11.26 -4.28 25.10
N GLY D 727 -10.28 -4.33 26.01
CA GLY D 727 -9.17 -5.25 25.85
C GLY D 727 -8.69 -5.83 27.17
N LYS D 728 -9.43 -5.60 28.26
CA LYS D 728 -8.85 -5.83 29.59
C LYS D 728 -9.27 -7.19 30.16
N TYR D 729 -10.08 -7.97 29.44
CA TYR D 729 -10.51 -9.27 29.94
C TYR D 729 -10.16 -10.35 28.92
N ALA D 730 -9.54 -11.44 29.44
CA ALA D 730 -9.27 -12.62 28.65
C ALA D 730 -9.90 -13.80 29.38
N TYR D 731 -10.72 -14.58 28.68
CA TYR D 731 -11.45 -15.68 29.28
C TYR D 731 -10.75 -16.99 28.94
N LEU D 732 -10.52 -17.82 29.98
CA LEU D 732 -9.86 -19.10 29.81
C LEU D 732 -10.91 -20.21 29.75
N LEU D 733 -10.95 -20.94 28.63
CA LEU D 733 -11.98 -21.95 28.45
C LEU D 733 -11.47 -23.05 27.52
N GLU D 734 -12.34 -24.05 27.25
CA GLU D 734 -11.99 -25.16 26.40
C GLU D 734 -11.67 -24.69 24.98
N SER D 735 -10.63 -25.29 24.39
CA SER D 735 -10.14 -24.84 23.11
C SER D 735 -11.21 -25.01 22.03
N THR D 736 -11.97 -26.10 22.09
CA THR D 736 -13.00 -26.35 21.10
C THR D 736 -14.07 -25.27 21.18
N MET D 737 -14.52 -24.94 22.40
CA MET D 737 -15.52 -23.91 22.57
C MET D 737 -14.99 -22.57 22.07
N ASN D 738 -13.74 -22.26 22.37
CA ASN D 738 -13.16 -21.02 21.93
C ASN D 738 -13.13 -20.95 20.39
N GLU D 739 -12.67 -22.03 19.76
CA GLU D 739 -12.59 -22.06 18.31
C GLU D 739 -13.98 -21.90 17.70
N TYR D 740 -15.00 -22.51 18.32
CA TYR D 740 -16.34 -22.40 17.80
C TYR D 740 -16.84 -20.96 17.93
N ILE D 741 -16.71 -20.38 19.12
CA ILE D 741 -17.19 -19.02 19.35
C ILE D 741 -16.53 -18.04 18.40
N GLU D 742 -15.23 -18.22 18.14
CA GLU D 742 -14.51 -17.34 17.24
C GLU D 742 -15.15 -17.30 15.85
N GLN D 743 -15.85 -18.36 15.43
CA GLN D 743 -16.39 -18.47 14.09
C GLN D 743 -17.88 -18.11 14.03
N ARG D 744 -18.43 -17.50 15.08
CA ARG D 744 -19.84 -17.10 15.09
C ARG D 744 -19.95 -15.60 15.29
N LYS D 745 -21.12 -15.06 14.93
CA LYS D 745 -21.39 -13.64 15.08
C LYS D 745 -21.41 -13.29 16.55
N PRO D 746 -21.06 -12.05 16.95
CA PRO D 746 -20.67 -10.96 16.06
C PRO D 746 -19.21 -10.91 15.63
N CYS D 747 -18.51 -12.06 15.68
CA CYS D 747 -17.16 -12.17 15.13
C CYS D 747 -16.21 -11.11 15.71
N ASP D 748 -16.22 -10.98 17.05
CA ASP D 748 -15.38 -9.99 17.70
C ASP D 748 -14.50 -10.62 18.77
N THR D 749 -14.06 -11.86 18.56
CA THR D 749 -13.20 -12.55 19.51
C THR D 749 -12.18 -13.38 18.75
N MET D 750 -11.13 -13.76 19.46
CA MET D 750 -10.14 -14.65 18.88
C MET D 750 -9.51 -15.48 19.98
N LYS D 751 -8.90 -16.58 19.55
CA LYS D 751 -8.24 -17.52 20.43
C LYS D 751 -6.74 -17.30 20.23
N VAL D 752 -6.03 -17.09 21.35
CA VAL D 752 -4.62 -16.74 21.28
C VAL D 752 -3.77 -17.89 21.79
N GLY D 753 -2.56 -17.96 21.24
CA GLY D 753 -1.55 -18.87 21.71
C GLY D 753 -1.90 -20.32 21.42
N GLY D 754 -1.35 -21.19 22.26
CA GLY D 754 -1.67 -22.59 22.24
C GLY D 754 -2.42 -22.99 23.50
N ASN D 755 -2.74 -24.28 23.56
CA ASN D 755 -3.38 -24.84 24.72
C ASN D 755 -2.43 -24.82 25.91
N LEU D 756 -3.03 -24.75 27.10
CA LEU D 756 -2.25 -24.78 28.34
C LEU D 756 -2.02 -26.22 28.78
N ASP D 757 -3.10 -27.03 28.83
CA ASP D 757 -2.96 -28.46 29.08
C ASP D 757 -3.43 -29.23 27.86
N SER D 758 -3.53 -30.55 27.99
CA SER D 758 -4.13 -31.36 26.94
C SER D 758 -5.07 -32.39 27.55
N LYS D 759 -6.17 -32.65 26.85
CA LYS D 759 -7.12 -33.67 27.21
C LYS D 759 -7.81 -34.14 25.95
N GLY D 760 -8.68 -35.16 26.09
CA GLY D 760 -9.34 -35.73 24.93
C GLY D 760 -10.79 -36.08 25.21
N TYR D 761 -11.54 -36.25 24.12
CA TYR D 761 -12.92 -36.69 24.18
C TYR D 761 -13.02 -38.10 23.59
N GLY D 762 -13.72 -38.99 24.30
CA GLY D 762 -13.78 -40.40 23.92
C GLY D 762 -15.21 -40.88 23.72
N ILE D 763 -15.34 -42.07 23.13
CA ILE D 763 -16.62 -42.72 22.97
C ILE D 763 -16.80 -43.67 24.15
N ALA D 764 -17.49 -43.20 25.19
CA ALA D 764 -17.63 -43.98 26.41
C ALA D 764 -18.39 -45.27 26.15
N THR D 765 -18.16 -46.27 27.00
CA THR D 765 -18.90 -47.52 26.95
C THR D 765 -18.84 -48.16 28.33
N PRO D 766 -19.82 -48.99 28.72
CA PRO D 766 -19.75 -49.66 30.02
C PRO D 766 -18.52 -50.57 30.13
N LYS D 767 -18.02 -50.74 31.36
CA LYS D 767 -16.76 -51.42 31.57
C LYS D 767 -16.77 -52.80 30.91
N GLY D 768 -17.82 -53.58 31.21
CA GLY D 768 -17.96 -54.91 30.65
C GLY D 768 -18.94 -54.94 29.48
N SER D 769 -18.44 -54.86 28.25
CA SER D 769 -19.30 -54.88 27.08
C SER D 769 -18.45 -55.11 25.84
N SER D 770 -18.96 -55.95 24.93
CA SER D 770 -18.24 -56.29 23.71
C SER D 770 -18.13 -55.09 22.75
N LEU D 771 -18.90 -54.02 22.98
CA LEU D 771 -18.95 -52.92 22.03
C LEU D 771 -17.69 -52.05 22.08
N GLY D 772 -17.00 -52.04 23.22
CA GLY D 772 -15.86 -51.16 23.44
C GLY D 772 -14.76 -51.36 22.39
N THR D 773 -14.35 -52.61 22.19
CA THR D 773 -13.27 -52.88 21.25
C THR D 773 -13.65 -52.45 19.83
N PRO D 774 -14.82 -52.86 19.31
CA PRO D 774 -15.19 -52.44 17.97
C PRO D 774 -15.27 -50.92 17.82
N VAL D 775 -15.85 -50.23 18.81
CA VAL D 775 -15.97 -48.78 18.70
C VAL D 775 -14.61 -48.10 18.73
N ASN D 776 -13.70 -48.62 19.56
CA ASN D 776 -12.34 -48.12 19.61
C ASN D 776 -11.67 -48.25 18.24
N LEU D 777 -11.78 -49.42 17.65
CA LEU D 777 -11.19 -49.62 16.34
C LEU D 777 -11.80 -48.66 15.32
N ALA D 778 -13.13 -48.43 15.42
CA ALA D 778 -13.81 -47.53 14.51
C ALA D 778 -13.26 -46.12 14.64
N VAL D 779 -13.07 -45.65 15.88
CA VAL D 779 -12.58 -44.30 16.10
C VAL D 779 -11.18 -44.15 15.51
N LEU D 780 -10.30 -45.13 15.76
CA LEU D 780 -8.96 -45.03 15.18
C LEU D 780 -9.01 -45.06 13.65
N LYS D 781 -9.88 -45.89 13.07
CA LYS D 781 -10.00 -45.98 11.62
C LYS D 781 -10.45 -44.63 11.05
N LEU D 782 -11.49 -44.04 11.65
CA LEU D 782 -12.01 -42.78 11.15
C LEU D 782 -10.93 -41.69 11.29
N SER D 783 -10.23 -41.66 12.43
CA SER D 783 -9.19 -40.66 12.64
C SER D 783 -8.11 -40.80 11.57
N GLU D 784 -7.64 -42.03 11.34
CA GLU D 784 -6.50 -42.29 10.49
C GLU D 784 -6.84 -42.00 9.03
N GLN D 785 -8.11 -42.18 8.63
CA GLN D 785 -8.53 -42.02 7.25
C GLN D 785 -8.82 -40.56 6.88
N GLY D 786 -8.99 -39.69 7.88
CA GLY D 786 -9.23 -38.27 7.63
C GLY D 786 -10.70 -37.88 7.75
N VAL D 787 -11.55 -38.76 8.28
CA VAL D 787 -12.95 -38.43 8.45
C VAL D 787 -13.11 -37.33 9.50
N LEU D 788 -12.43 -37.49 10.64
CA LEU D 788 -12.70 -36.63 11.78
C LEU D 788 -12.25 -35.20 11.53
N ASP D 789 -11.14 -35.01 10.80
CA ASP D 789 -10.74 -33.67 10.36
C ASP D 789 -11.80 -33.03 9.49
N LYS D 790 -12.38 -33.81 8.58
CA LYS D 790 -13.42 -33.30 7.68
C LYS D 790 -14.66 -32.88 8.47
N LEU D 791 -15.07 -33.69 9.44
CA LEU D 791 -16.26 -33.34 10.22
C LEU D 791 -16.00 -32.09 11.05
N LYS D 792 -14.79 -31.98 11.61
CA LYS D 792 -14.47 -30.80 12.40
C LYS D 792 -14.54 -29.56 11.50
N ASN D 793 -13.89 -29.62 10.35
CA ASN D 793 -13.97 -28.50 9.42
C ASN D 793 -15.41 -28.16 9.09
N LYS D 794 -16.20 -29.19 8.79
CA LYS D 794 -17.58 -28.98 8.37
C LYS D 794 -18.37 -28.20 9.42
N TRP D 795 -18.27 -28.61 10.69
CA TRP D 795 -19.10 -28.01 11.72
C TRP D 795 -18.41 -26.87 12.48
N TRP D 796 -17.19 -26.50 12.07
CA TRP D 796 -16.50 -25.33 12.62
C TRP D 796 -16.21 -24.27 11.56
N TYR D 797 -15.74 -24.70 10.38
CA TYR D 797 -15.26 -23.78 9.35
C TYR D 797 -16.08 -23.79 8.08
N ASP D 798 -16.76 -24.88 7.73
CA ASP D 798 -17.70 -24.85 6.62
C ASP D 798 -18.92 -24.01 6.99
N LYS D 799 -19.48 -24.24 8.19
CA LYS D 799 -20.53 -23.38 8.72
C LYS D 799 -19.98 -22.10 9.34
N GLY D 800 -18.70 -21.79 9.09
CA GLY D 800 -18.07 -20.61 9.63
C GLY D 800 -18.71 -19.34 9.07
N GLU D 801 -19.39 -18.60 9.95
CA GLU D 801 -20.03 -17.36 9.53
C GLU D 801 -18.98 -16.30 9.23
N CYS D 802 -18.01 -16.17 10.14
CA CYS D 802 -17.01 -15.12 10.07
C CYS D 802 -16.02 -15.44 8.96
N GLY D 803 -16.15 -14.72 7.83
CA GLY D 803 -15.39 -15.02 6.62
C GLY D 803 -13.85 -14.94 6.77
N GLU D 811 -10.01 -0.58 4.41
CA GLU D 811 -10.85 0.03 3.34
C GLU D 811 -10.43 1.45 3.02
N LYS D 812 -11.26 2.16 2.24
CA LYS D 812 -10.97 3.52 1.82
C LYS D 812 -10.46 4.35 2.99
N THR D 813 -9.30 4.98 2.79
CA THR D 813 -8.67 5.70 3.88
C THR D 813 -9.61 6.81 4.32
N SER D 814 -9.53 7.19 5.60
CA SER D 814 -10.38 8.22 6.13
C SER D 814 -9.59 9.51 6.38
N ALA D 815 -10.21 10.63 6.09
CA ALA D 815 -9.73 11.95 6.48
C ALA D 815 -9.22 12.00 7.90
N LEU D 816 -8.02 12.55 8.11
CA LEU D 816 -7.55 12.69 9.48
C LEU D 816 -8.55 13.53 10.27
N SER D 817 -8.87 13.06 11.48
CA SER D 817 -9.77 13.73 12.38
C SER D 817 -8.99 14.69 13.24
N LEU D 818 -9.68 15.65 13.85
CA LEU D 818 -9.02 16.55 14.80
C LEU D 818 -8.37 15.80 15.94
N SER D 819 -8.86 14.62 16.28
CA SER D 819 -8.24 13.80 17.32
C SER D 819 -6.82 13.39 16.92
N ASN D 820 -6.52 13.27 15.65
CA ASN D 820 -5.23 12.84 15.17
C ASN D 820 -4.17 13.93 15.26
N VAL D 821 -4.55 15.21 15.38
CA VAL D 821 -3.57 16.27 15.51
C VAL D 821 -3.94 17.21 16.63
N ALA D 822 -4.80 16.82 17.55
CA ALA D 822 -5.18 17.70 18.65
C ALA D 822 -3.98 18.19 19.46
N GLY D 823 -3.00 17.32 19.61
CA GLY D 823 -1.85 17.61 20.42
C GLY D 823 -1.09 18.82 19.89
N VAL D 824 -0.98 18.90 18.56
CA VAL D 824 -0.22 20.00 17.99
C VAL D 824 -0.95 21.33 18.23
N PHE D 825 -2.28 21.32 18.21
CA PHE D 825 -3.04 22.49 18.62
C PHE D 825 -2.81 22.84 20.08
N TYR D 826 -2.78 21.86 20.98
CA TYR D 826 -2.50 22.15 22.38
C TYR D 826 -1.15 22.81 22.53
N ILE D 827 -0.15 22.28 21.85
CA ILE D 827 1.17 22.88 21.93
C ILE D 827 1.10 24.31 21.40
N LEU D 828 0.41 24.53 20.28
CA LEU D 828 0.37 25.85 19.68
C LEU D 828 -0.22 26.86 20.65
N VAL D 829 -1.37 26.55 21.22
CA VAL D 829 -2.00 27.50 22.10
C VAL D 829 -1.21 27.66 23.40
N GLY D 830 -0.59 26.61 23.88
CA GLY D 830 0.30 26.74 25.01
C GLY D 830 1.46 27.68 24.74
N GLY D 831 2.04 27.56 23.56
CA GLY D 831 3.13 28.45 23.18
C GLY D 831 2.67 29.87 23.04
N LEU D 832 1.45 30.11 22.53
CA LEU D 832 0.90 31.45 22.43
C LEU D 832 0.72 32.06 23.81
N GLY D 833 0.18 31.27 24.73
CA GLY D 833 0.07 31.74 26.10
C GLY D 833 1.45 32.09 26.70
N LEU D 834 2.41 31.20 26.49
CA LEU D 834 3.75 31.43 27.00
C LEU D 834 4.35 32.71 26.41
N ALA D 835 4.14 32.94 25.12
CA ALA D 835 4.70 34.09 24.46
C ALA D 835 4.11 35.38 25.07
N MET D 836 2.80 35.37 25.28
CA MET D 836 2.16 36.52 25.88
C MET D 836 2.73 36.75 27.30
N LEU D 837 2.90 35.67 28.06
CA LEU D 837 3.42 35.81 29.40
C LEU D 837 4.81 36.42 29.41
N VAL D 838 5.69 35.91 28.54
CA VAL D 838 7.03 36.45 28.49
C VAL D 838 7.01 37.94 28.11
N ALA D 839 6.19 38.31 27.14
CA ALA D 839 6.13 39.71 26.73
C ALA D 839 5.70 40.56 27.90
N LEU D 840 4.68 40.11 28.64
CA LEU D 840 4.18 40.92 29.75
C LEU D 840 5.23 41.02 30.86
N ILE D 841 5.96 39.94 31.11
CA ILE D 841 7.03 40.01 32.10
C ILE D 841 8.09 41.03 31.67
N GLU D 842 8.53 40.97 30.43
CA GLU D 842 9.52 41.92 29.95
C GLU D 842 8.99 43.35 30.08
N PHE D 843 7.72 43.57 29.77
CA PHE D 843 7.16 44.91 29.84
C PHE D 843 7.09 45.40 31.28
N CYS D 844 6.63 44.55 32.21
CA CYS D 844 6.58 44.94 33.62
C CYS D 844 7.99 45.23 34.14
N TYR D 845 8.96 44.42 33.76
CA TYR D 845 10.33 44.65 34.20
C TYR D 845 10.85 45.97 33.67
N LYS D 846 10.75 46.19 32.37
CA LYS D 846 11.27 47.42 31.77
C LYS D 846 10.49 48.64 32.25
N SER D 847 9.26 48.45 32.74
CA SER D 847 8.49 49.53 33.33
C SER D 847 9.04 49.90 34.70
N ARG D 848 9.38 48.91 35.52
CA ARG D 848 10.00 49.18 36.82
C ARG D 848 11.36 49.86 36.66
N ALA D 849 12.15 49.43 35.66
CA ALA D 849 13.41 50.09 35.35
C ALA D 849 13.19 51.55 34.93
N GLU D 850 12.02 51.86 34.37
CA GLU D 850 11.67 53.23 34.04
C GLU D 850 11.38 54.03 35.32
N ALA D 851 10.86 53.38 36.36
CA ALA D 851 10.55 54.08 37.61
C ALA D 851 11.82 54.67 38.20
N LYS D 852 12.85 53.84 38.38
CA LYS D 852 14.09 54.25 39.02
C LYS D 852 15.15 54.62 37.95
N ASP E 4 28.18 40.45 33.21
CA ASP E 4 28.73 40.72 34.57
C ASP E 4 29.88 39.77 34.86
N ARG E 5 31.08 40.13 34.39
CA ARG E 5 32.28 39.34 34.63
C ARG E 5 32.49 39.13 36.13
N GLY E 6 33.21 38.07 36.49
CA GLY E 6 33.45 37.71 37.87
C GLY E 6 32.47 36.64 38.33
N VAL E 7 31.17 36.94 38.29
CA VAL E 7 30.16 35.90 38.50
C VAL E 7 30.16 34.91 37.33
N GLN E 8 30.48 35.38 36.14
CA GLN E 8 30.62 34.49 34.98
C GLN E 8 31.67 33.42 35.23
N MET E 9 32.79 33.78 35.85
CA MET E 9 33.84 32.81 36.08
C MET E 9 33.36 31.72 37.04
N LEU E 10 32.65 32.13 38.10
CA LEU E 10 32.14 31.14 39.05
C LEU E 10 31.13 30.23 38.34
N LEU E 11 30.24 30.82 37.55
CA LEU E 11 29.21 30.03 36.91
C LEU E 11 29.82 29.02 35.93
N THR E 12 30.81 29.44 35.13
CA THR E 12 31.47 28.54 34.23
C THR E 12 32.23 27.43 34.99
N THR E 13 32.91 27.77 36.08
CA THR E 13 33.65 26.75 36.82
C THR E 13 32.71 25.73 37.44
N VAL E 14 31.61 26.21 38.04
CA VAL E 14 30.61 25.32 38.60
C VAL E 14 30.06 24.41 37.50
N GLY E 15 29.71 24.99 36.36
CA GLY E 15 29.18 24.21 35.26
C GLY E 15 30.18 23.15 34.79
N ALA E 16 31.45 23.52 34.66
CA ALA E 16 32.46 22.58 34.19
C ALA E 16 32.57 21.40 35.17
N PHE E 17 32.61 21.71 36.47
CA PHE E 17 32.69 20.65 37.45
C PHE E 17 31.45 19.77 37.40
N ALA E 18 30.27 20.38 37.30
CA ALA E 18 29.02 19.61 37.26
C ALA E 18 28.98 18.69 36.05
N ALA E 19 29.37 19.19 34.88
CA ALA E 19 29.36 18.37 33.68
C ALA E 19 30.34 17.21 33.81
N PHE E 20 31.55 17.48 34.32
CA PHE E 20 32.54 16.43 34.46
C PHE E 20 32.06 15.36 35.42
N SER E 21 31.52 15.80 36.57
CA SER E 21 31.07 14.84 37.58
C SER E 21 29.93 14.00 37.01
N LEU E 22 28.97 14.64 36.34
CA LEU E 22 27.83 13.91 35.81
C LEU E 22 28.28 12.86 34.79
N MET E 23 29.18 13.25 33.90
CA MET E 23 29.58 12.30 32.85
C MET E 23 30.38 11.15 33.46
N THR E 24 31.23 11.44 34.45
CA THR E 24 32.01 10.38 35.10
C THR E 24 31.11 9.41 35.85
N ILE E 25 30.12 9.95 36.58
CA ILE E 25 29.17 9.09 37.28
C ILE E 25 28.44 8.23 36.26
N ALA E 26 27.99 8.83 35.14
CA ALA E 26 27.28 8.10 34.12
C ALA E 26 28.11 6.95 33.57
N VAL E 27 29.39 7.15 33.33
CA VAL E 27 30.18 6.10 32.72
C VAL E 27 30.42 4.94 33.68
N GLY E 28 30.50 5.25 34.98
CA GLY E 28 30.78 4.24 35.98
C GLY E 28 29.55 3.48 36.46
N THR E 29 28.41 4.15 36.54
CA THR E 29 27.20 3.55 37.05
C THR E 29 26.60 2.56 36.06
N ASP E 30 25.68 1.70 36.55
CA ASP E 30 25.07 0.69 35.71
C ASP E 30 23.56 0.81 35.74
N TYR E 31 23.06 1.96 35.35
CA TYR E 31 21.63 2.13 35.25
C TYR E 31 21.39 2.84 33.94
N TRP E 32 21.95 2.30 32.87
CA TRP E 32 21.74 2.87 31.56
C TRP E 32 20.52 2.27 30.91
N LEU E 33 20.23 1.00 31.23
CA LEU E 33 19.15 0.34 30.52
C LEU E 33 18.46 -0.66 31.42
N TYR E 34 17.17 -0.46 31.65
CA TYR E 34 16.37 -1.43 32.38
C TYR E 34 15.80 -2.43 31.40
N SER E 35 16.63 -3.40 31.00
CA SER E 35 16.20 -4.46 30.08
C SER E 35 15.54 -5.60 30.86
N ARG E 36 15.40 -6.77 30.24
CA ARG E 36 14.90 -7.95 30.91
C ARG E 36 15.63 -9.17 30.40
N GLY E 37 16.57 -9.68 31.19
CA GLY E 37 17.35 -10.84 30.77
C GLY E 37 18.07 -11.55 31.91
N VAL E 38 19.04 -12.38 31.56
CA VAL E 38 19.79 -13.16 32.55
C VAL E 38 20.88 -12.31 33.25
N CYS E 39 21.22 -12.70 34.47
CA CYS E 39 22.17 -11.93 35.27
C CYS E 39 23.58 -12.49 35.20
N LYS E 40 23.73 -13.81 35.08
CA LYS E 40 25.07 -14.41 35.11
C LYS E 40 25.07 -15.85 34.63
N THR E 41 26.04 -16.19 33.79
CA THR E 41 26.17 -17.53 33.27
C THR E 41 26.69 -18.45 34.39
N GLU E 54 15.33 -18.62 32.84
CA GLU E 54 14.56 -17.56 33.56
C GLU E 54 15.09 -16.18 33.14
N GLU E 55 14.17 -15.30 32.78
CA GLU E 55 14.50 -13.93 32.39
C GLU E 55 13.95 -12.99 33.44
N VAL E 56 14.85 -12.22 34.04
CA VAL E 56 14.46 -11.25 35.04
C VAL E 56 14.96 -9.89 34.59
N MET E 57 14.41 -8.84 35.19
CA MET E 57 14.84 -7.49 34.88
C MET E 57 16.32 -7.32 35.23
N THR E 58 17.02 -6.53 34.43
CA THR E 58 18.43 -6.31 34.64
C THR E 58 18.74 -4.85 34.39
N HIS E 59 19.30 -4.16 35.36
CA HIS E 59 19.74 -2.79 35.15
C HIS E 59 21.14 -2.87 34.59
N SER E 60 21.29 -2.56 33.31
CA SER E 60 22.57 -2.66 32.63
C SER E 60 23.32 -1.31 32.68
N GLY E 61 24.50 -1.30 32.12
CA GLY E 61 25.32 -0.11 32.04
C GLY E 61 26.23 -0.22 30.82
N LEU E 62 27.29 0.56 30.82
CA LEU E 62 28.19 0.53 29.66
C LEU E 62 29.11 -0.66 29.73
N TRP E 63 29.28 -1.25 30.93
CA TRP E 63 30.23 -2.33 31.12
C TRP E 63 29.62 -3.59 31.73
N ARG E 64 28.72 -3.47 32.71
CA ARG E 64 28.26 -4.65 33.41
C ARG E 64 26.74 -4.72 33.50
N THR E 65 26.19 -5.90 33.25
CA THR E 65 24.73 -6.10 33.33
C THR E 65 24.41 -6.71 34.66
N CYS E 66 23.91 -5.89 35.58
CA CYS E 66 23.66 -6.37 36.93
C CYS E 66 22.23 -6.85 37.09
N CYS E 67 22.05 -7.92 37.84
CA CYS E 67 20.73 -8.50 38.03
C CYS E 67 19.84 -7.66 38.93
N LEU E 68 18.64 -8.15 39.13
CA LEU E 68 17.68 -7.47 39.93
C LEU E 68 16.46 -8.36 40.01
N GLU E 69 15.71 -8.25 41.10
CA GLU E 69 14.44 -8.97 41.21
C GLU E 69 14.56 -10.38 40.61
N GLY E 70 15.52 -11.13 41.10
CA GLY E 70 15.79 -12.48 40.62
C GLY E 70 16.07 -13.43 41.77
N ASN E 71 16.46 -14.67 41.43
CA ASN E 71 16.75 -15.68 42.42
C ASN E 71 17.94 -15.26 43.27
N PHE E 72 19.02 -14.80 42.60
CA PHE E 72 20.24 -14.36 43.27
C PHE E 72 20.58 -12.95 42.80
N LYS E 73 19.60 -12.05 42.93
CA LYS E 73 19.78 -10.68 42.50
C LYS E 73 21.00 -10.04 43.16
N GLY E 74 21.51 -8.97 42.54
CA GLY E 74 22.66 -8.25 43.05
C GLY E 74 23.95 -8.82 42.48
N LEU E 75 23.83 -9.55 41.38
CA LEU E 75 24.99 -10.11 40.73
C LEU E 75 25.15 -9.49 39.35
N CYS E 76 26.34 -8.97 39.07
CA CYS E 76 26.55 -8.33 37.77
C CYS E 76 27.59 -9.10 36.95
N LYS E 77 27.19 -9.52 35.74
CA LYS E 77 28.12 -10.17 34.83
C LYS E 77 28.87 -9.09 34.07
N GLN E 78 29.65 -9.47 33.07
CA GLN E 78 30.32 -8.48 32.25
C GLN E 78 29.77 -8.53 30.83
N ILE E 79 29.03 -7.50 30.45
CA ILE E 79 28.41 -7.48 29.13
C ILE E 79 29.30 -8.15 28.10
N ASP E 80 28.81 -9.25 27.53
CA ASP E 80 29.53 -9.90 26.47
C ASP E 80 29.20 -9.11 25.20
N HIS E 81 30.12 -8.23 24.79
CA HIS E 81 29.85 -7.36 23.65
C HIS E 81 29.65 -8.18 22.38
N PHE E 82 30.60 -9.06 22.08
CA PHE E 82 30.59 -9.78 20.82
C PHE E 82 29.69 -11.01 20.91
N PRO E 83 29.21 -11.54 19.77
CA PRO E 83 28.44 -12.79 19.76
C PRO E 83 28.95 -13.92 20.66
N ASP E 91 31.12 -8.32 6.56
CA ASP E 91 30.36 -7.11 6.95
C ASP E 91 31.13 -6.36 8.03
N THR E 92 32.18 -5.65 7.61
CA THR E 92 33.08 -4.97 8.53
C THR E 92 32.35 -3.91 9.35
N ALA E 93 31.25 -3.34 8.85
CA ALA E 93 30.54 -2.30 9.56
C ALA E 93 30.06 -2.76 10.93
N GLU E 94 29.50 -3.98 10.98
CA GLU E 94 29.03 -4.54 12.23
C GLU E 94 30.18 -4.69 13.23
N TYR E 95 31.31 -5.20 12.74
CA TYR E 95 32.48 -5.38 13.60
C TYR E 95 32.96 -4.02 14.12
N PHE E 96 33.03 -3.01 13.25
CA PHE E 96 33.51 -1.70 13.66
C PHE E 96 32.58 -1.07 14.69
N LEU E 97 31.26 -1.19 14.50
CA LEU E 97 30.33 -0.61 15.46
C LEU E 97 30.43 -1.35 16.78
N ARG E 98 30.54 -2.69 16.73
CA ARG E 98 30.67 -3.47 17.96
C ARG E 98 31.96 -3.11 18.69
N ALA E 99 33.04 -2.89 17.95
CA ALA E 99 34.30 -2.47 18.56
C ALA E 99 34.15 -1.10 19.22
N VAL E 100 33.55 -0.14 18.53
CA VAL E 100 33.42 1.21 19.06
C VAL E 100 32.50 1.23 20.28
N ARG E 101 31.55 0.31 20.34
CA ARG E 101 30.64 0.25 21.47
C ARG E 101 31.19 -0.57 22.62
N ALA E 102 32.10 -1.52 22.33
CA ALA E 102 32.70 -2.33 23.36
C ALA E 102 33.59 -1.47 24.24
N SER E 103 34.51 -0.76 23.60
CA SER E 103 35.39 0.18 24.29
C SER E 103 34.74 1.54 24.26
N SER E 104 34.19 2.00 25.39
CA SER E 104 33.32 3.17 25.35
C SER E 104 34.17 4.39 25.01
N ILE E 105 34.71 4.40 23.80
CA ILE E 105 35.73 5.37 23.43
C ILE E 105 35.14 6.76 23.46
N PHE E 106 33.88 6.88 23.06
CA PHE E 106 33.26 8.19 22.91
C PHE E 106 32.81 8.74 24.24
N PRO E 107 32.11 7.99 25.09
CA PRO E 107 31.86 8.47 26.45
C PRO E 107 33.15 8.78 27.23
N ILE E 108 34.17 7.94 27.06
CA ILE E 108 35.43 8.17 27.75
C ILE E 108 36.09 9.43 27.22
N LEU E 109 36.05 9.61 25.90
CA LEU E 109 36.63 10.81 25.29
C LEU E 109 35.91 12.05 25.76
N SER E 110 34.60 11.95 25.95
CA SER E 110 33.83 13.04 26.52
C SER E 110 34.36 13.38 27.91
N VAL E 111 34.60 12.35 28.72
CA VAL E 111 35.10 12.58 30.07
C VAL E 111 36.46 13.27 30.03
N ILE E 112 37.34 12.79 29.15
CA ILE E 112 38.67 13.36 29.06
C ILE E 112 38.60 14.82 28.62
N LEU E 113 37.78 15.12 27.62
CA LEU E 113 37.71 16.47 27.10
C LEU E 113 37.10 17.41 28.13
N LEU E 114 36.09 16.96 28.87
CA LEU E 114 35.58 17.79 29.96
C LEU E 114 36.66 18.05 30.99
N PHE E 115 37.48 17.03 31.30
CA PHE E 115 38.56 17.23 32.26
C PHE E 115 39.54 18.28 31.76
N MET E 116 39.93 18.19 30.50
CA MET E 116 40.89 19.14 29.94
C MET E 116 40.30 20.55 29.89
N GLY E 117 39.01 20.67 29.59
CA GLY E 117 38.36 21.96 29.61
C GLY E 117 38.41 22.59 31.00
N GLY E 118 38.07 21.76 32.00
CA GLY E 118 38.15 22.22 33.38
C GLY E 118 39.56 22.64 33.76
N LEU E 119 40.55 21.88 33.27
CA LEU E 119 41.94 22.20 33.56
C LEU E 119 42.31 23.55 32.96
N CYS E 120 41.92 23.80 31.72
CA CYS E 120 42.19 25.08 31.09
C CYS E 120 41.52 26.21 31.85
N ILE E 121 40.27 26.01 32.29
CA ILE E 121 39.58 27.05 33.04
C ILE E 121 40.33 27.34 34.33
N ALA E 122 40.80 26.30 35.02
CA ALA E 122 41.57 26.49 36.24
C ALA E 122 42.86 27.27 35.95
N ALA E 123 43.57 26.87 34.90
CA ALA E 123 44.79 27.54 34.48
C ALA E 123 44.54 28.96 33.96
N SER E 124 43.29 29.35 33.80
CA SER E 124 42.97 30.72 33.40
C SER E 124 43.13 31.65 34.58
N GLU E 125 43.29 31.10 35.78
CA GLU E 125 43.52 31.93 36.94
C GLU E 125 44.89 32.59 36.84
N PHE E 126 45.90 31.80 36.50
CA PHE E 126 47.22 32.35 36.27
C PHE E 126 47.25 32.71 34.80
N TYR E 127 48.41 33.23 34.33
CA TYR E 127 48.59 33.53 32.92
C TYR E 127 47.36 34.23 32.37
N LYS E 128 46.69 35.04 33.20
CA LYS E 128 45.49 35.74 32.80
C LYS E 128 45.70 36.45 31.46
N THR E 129 46.95 36.84 31.17
CA THR E 129 47.27 37.54 29.94
C THR E 129 46.91 36.72 28.69
N ARG E 130 47.23 35.43 28.69
CA ARG E 130 47.06 34.60 27.49
C ARG E 130 45.58 34.19 27.38
N HIS E 131 44.77 35.00 26.67
CA HIS E 131 43.34 34.76 26.58
C HIS E 131 43.05 33.47 25.80
N ASN E 132 43.97 33.02 24.95
CA ASN E 132 43.67 31.84 24.14
C ASN E 132 43.30 30.64 25.02
N ILE E 133 43.62 30.66 26.32
CA ILE E 133 43.37 29.50 27.17
C ILE E 133 41.87 29.31 27.41
N ILE E 134 41.15 30.42 27.64
CA ILE E 134 39.69 30.33 27.81
C ILE E 134 39.03 29.87 26.49
N LEU E 135 39.61 30.28 25.35
CA LEU E 135 39.10 29.86 24.07
C LEU E 135 39.26 28.34 23.94
N SER E 136 40.44 27.82 24.31
CA SER E 136 40.67 26.39 24.27
C SER E 136 39.65 25.68 25.16
N ALA E 137 39.36 26.27 26.34
CA ALA E 137 38.37 25.69 27.23
C ALA E 137 37.01 25.56 26.53
N GLY E 138 36.60 26.63 25.85
CA GLY E 138 35.37 26.58 25.07
C GLY E 138 35.40 25.49 23.99
N ILE E 139 36.47 25.47 23.20
CA ILE E 139 36.59 24.49 22.12
C ILE E 139 36.53 23.05 22.67
N PHE E 140 36.95 22.87 23.93
CA PHE E 140 36.96 21.55 24.56
C PHE E 140 35.56 21.18 25.02
N PHE E 141 34.91 22.09 25.75
CA PHE E 141 33.56 21.83 26.19
C PHE E 141 32.60 21.57 25.01
N VAL E 142 32.81 22.23 23.87
CA VAL E 142 32.01 21.95 22.71
C VAL E 142 32.34 20.57 22.16
N SER E 143 33.63 20.27 22.04
CA SER E 143 34.05 18.98 21.52
C SER E 143 33.59 17.84 22.43
N ALA E 144 33.59 18.08 23.75
CA ALA E 144 33.09 17.09 24.68
C ALA E 144 31.63 16.79 24.41
N GLY E 145 30.84 17.84 24.20
CA GLY E 145 29.44 17.63 23.87
C GLY E 145 29.25 16.83 22.59
N LEU E 146 30.05 17.12 21.56
CA LEU E 146 29.90 16.39 20.31
C LEU E 146 30.26 14.91 20.51
N SER E 147 31.35 14.65 21.23
CA SER E 147 31.73 13.28 21.54
C SER E 147 30.61 12.58 22.32
N ASN E 148 30.01 13.29 23.25
CA ASN E 148 28.97 12.72 24.06
C ASN E 148 27.78 12.28 23.20
N ILE E 149 27.37 13.14 22.28
CA ILE E 149 26.24 12.79 21.42
C ILE E 149 26.59 11.59 20.56
N ILE E 150 27.80 11.54 20.00
CA ILE E 150 28.18 10.37 19.22
C ILE E 150 28.12 9.11 20.07
N GLY E 151 28.59 9.22 21.32
CA GLY E 151 28.53 8.08 22.22
C GLY E 151 27.10 7.58 22.45
N ILE E 152 26.18 8.51 22.71
CA ILE E 152 24.78 8.15 22.90
C ILE E 152 24.23 7.46 21.64
N ILE E 153 24.57 7.98 20.48
CA ILE E 153 24.04 7.41 19.26
C ILE E 153 24.59 5.99 19.08
N VAL E 154 25.88 5.77 19.29
CA VAL E 154 26.44 4.42 19.14
C VAL E 154 25.82 3.48 20.19
N TYR E 155 25.64 3.96 21.40
CA TYR E 155 25.02 3.14 22.41
C TYR E 155 23.64 2.67 22.00
N ILE E 156 22.78 3.59 21.60
CA ILE E 156 21.42 3.23 21.25
C ILE E 156 21.40 2.39 19.97
N SER E 157 22.26 2.69 19.00
CA SER E 157 22.36 1.88 17.80
C SER E 157 22.77 0.43 18.12
N ALA E 158 23.75 0.25 18.99
CA ALA E 158 24.24 -1.08 19.32
C ALA E 158 23.21 -1.85 20.16
N ASN E 159 22.39 -1.15 20.93
CA ASN E 159 21.32 -1.80 21.65
C ASN E 159 20.33 -2.47 20.72
N ALA E 160 20.27 -2.07 19.45
CA ALA E 160 19.37 -2.66 18.48
C ALA E 160 19.97 -3.86 17.75
N GLY E 161 21.14 -4.35 18.21
CA GLY E 161 21.72 -5.59 17.69
C GLY E 161 21.33 -6.82 18.51
N SER E 172 10.50 -5.25 25.74
CA SER E 172 10.41 -3.86 26.25
C SER E 172 11.68 -3.51 27.04
N TYR E 173 11.96 -2.22 27.12
CA TYR E 173 13.15 -1.70 27.78
C TYR E 173 12.85 -0.30 28.25
N SER E 174 13.86 0.30 28.88
CA SER E 174 13.78 1.67 29.36
C SER E 174 15.20 2.17 29.63
N TYR E 175 15.31 3.47 29.94
CA TYR E 175 16.59 4.08 30.15
C TYR E 175 16.68 4.56 31.59
N GLY E 176 17.86 4.35 32.18
CA GLY E 176 18.05 4.70 33.57
C GLY E 176 18.65 6.07 33.77
N TRP E 177 18.77 6.46 35.03
CA TRP E 177 19.26 7.79 35.35
C TRP E 177 20.71 7.99 34.97
N SER E 178 21.45 6.93 34.68
CA SER E 178 22.81 7.11 34.19
C SER E 178 22.77 7.69 32.78
N PHE E 179 21.87 7.16 31.94
CA PHE E 179 21.70 7.67 30.61
C PHE E 179 21.37 9.16 30.65
N TYR E 180 20.42 9.53 31.52
CA TYR E 180 20.07 10.93 31.61
C TYR E 180 21.14 11.79 32.26
N PHE E 181 21.99 11.20 33.09
CA PHE E 181 23.15 11.91 33.58
C PHE E 181 24.11 12.24 32.45
N GLY E 182 24.31 11.30 31.55
CA GLY E 182 25.11 11.60 30.37
C GLY E 182 24.47 12.71 29.53
N ALA E 183 23.15 12.64 29.32
CA ALA E 183 22.48 13.65 28.52
C ALA E 183 22.58 15.03 29.17
N LEU E 184 22.37 15.09 30.47
CA LEU E 184 22.45 16.37 31.16
C LEU E 184 23.87 16.91 31.16
N SER E 185 24.86 16.01 31.22
CA SER E 185 26.22 16.44 31.07
C SER E 185 26.43 17.10 29.72
N PHE E 186 25.87 16.50 28.66
CA PHE E 186 25.95 17.11 27.34
C PHE E 186 25.41 18.53 27.33
N ILE E 187 24.21 18.72 27.89
CA ILE E 187 23.60 20.03 27.89
C ILE E 187 24.45 21.04 28.67
N ILE E 188 24.90 20.66 29.86
CA ILE E 188 25.70 21.57 30.67
C ILE E 188 27.02 21.88 29.98
N ALA E 189 27.63 20.87 29.36
CA ALA E 189 28.88 21.10 28.65
C ALA E 189 28.70 22.13 27.53
N GLU E 190 27.60 22.05 26.80
CA GLU E 190 27.38 23.01 25.72
C GLU E 190 27.13 24.42 26.28
N MET E 191 26.39 24.53 27.38
CA MET E 191 26.20 25.84 28.00
C MET E 191 27.54 26.42 28.44
N VAL E 192 28.38 25.60 29.07
CA VAL E 192 29.63 26.09 29.59
C VAL E 192 30.55 26.50 28.45
N GLY E 193 30.51 25.76 27.34
CA GLY E 193 31.28 26.15 26.16
C GLY E 193 30.85 27.52 25.65
N VAL E 194 29.54 27.75 25.62
CA VAL E 194 29.05 29.04 25.16
C VAL E 194 29.56 30.13 26.09
N LEU E 195 29.48 29.90 27.40
CA LEU E 195 30.01 30.88 28.35
C LEU E 195 31.50 31.16 28.11
N ALA E 196 32.29 30.10 27.95
CA ALA E 196 33.71 30.28 27.75
C ALA E 196 34.00 31.12 26.50
N VAL E 197 33.32 30.82 25.40
CA VAL E 197 33.55 31.58 24.17
C VAL E 197 33.10 33.02 24.37
N HIS E 198 32.00 33.23 25.09
CA HIS E 198 31.54 34.58 25.35
C HIS E 198 32.58 35.36 26.14
N MET E 199 33.17 34.72 27.15
CA MET E 199 34.21 35.37 27.95
C MET E 199 35.43 35.70 27.11
N PHE E 200 35.83 34.79 26.23
CA PHE E 200 36.96 35.07 25.35
C PHE E 200 36.68 36.27 24.44
N ILE E 201 35.46 36.33 23.92
CA ILE E 201 35.07 37.45 23.09
C ILE E 201 35.15 38.75 23.89
N ASP E 202 34.62 38.72 25.12
CA ASP E 202 34.64 39.90 25.97
C ASP E 202 36.08 40.32 26.27
N ARG E 203 36.96 39.37 26.50
CA ARG E 203 38.34 39.69 26.81
C ARG E 203 39.01 40.39 25.65
N HIS E 204 38.88 39.86 24.44
CA HIS E 204 39.43 40.56 23.29
C HIS E 204 38.73 41.89 23.03
N LYS E 205 37.46 42.02 23.39
CA LYS E 205 36.78 43.30 23.26
C LYS E 205 37.43 44.34 24.18
N GLN E 206 37.68 43.95 25.43
CA GLN E 206 38.37 44.85 26.35
C GLN E 206 39.76 45.20 25.82
N LEU E 207 40.49 44.19 25.33
CA LEU E 207 41.84 44.43 24.83
C LEU E 207 41.82 45.41 23.65
N ARG E 208 40.86 45.27 22.74
CA ARG E 208 40.81 46.11 21.55
C ARG E 208 40.51 47.58 21.89
N ALA E 209 39.99 47.86 23.10
CA ALA E 209 39.74 49.23 23.51
C ALA E 209 41.04 50.02 23.74
N ASP F 4 48.94 34.11 -8.32
CA ASP F 4 49.73 34.90 -9.30
C ASP F 4 49.43 34.43 -10.72
N ARG F 5 49.74 35.30 -11.70
CA ARG F 5 49.34 35.05 -13.08
C ARG F 5 50.08 33.83 -13.64
N GLY F 6 51.39 33.75 -13.36
CA GLY F 6 52.20 32.66 -13.88
C GLY F 6 51.75 31.30 -13.34
N VAL F 7 51.53 31.24 -12.03
CA VAL F 7 51.08 30.01 -11.39
C VAL F 7 49.69 29.65 -11.90
N GLN F 8 48.81 30.64 -12.05
CA GLN F 8 47.46 30.39 -12.53
C GLN F 8 47.51 29.79 -13.95
N MET F 9 48.35 30.37 -14.81
CA MET F 9 48.41 29.91 -16.18
C MET F 9 48.96 28.48 -16.21
N LEU F 10 50.02 28.22 -15.44
CA LEU F 10 50.59 26.87 -15.42
C LEU F 10 49.55 25.87 -14.94
N LEU F 11 48.84 26.22 -13.87
CA LEU F 11 47.85 25.31 -13.29
C LEU F 11 46.71 25.05 -14.29
N THR F 12 46.25 26.09 -14.98
CA THR F 12 45.26 25.92 -16.02
C THR F 12 45.74 24.97 -17.13
N THR F 13 46.99 25.17 -17.59
CA THR F 13 47.51 24.35 -18.66
C THR F 13 47.63 22.88 -18.24
N VAL F 14 48.18 22.68 -17.04
CA VAL F 14 48.35 21.32 -16.54
C VAL F 14 46.98 20.65 -16.39
N GLY F 15 46.01 21.39 -15.82
CA GLY F 15 44.68 20.85 -15.65
C GLY F 15 44.04 20.49 -16.99
N ALA F 16 44.18 21.37 -17.99
CA ALA F 16 43.62 21.10 -19.31
C ALA F 16 44.22 19.81 -19.89
N PHE F 17 45.55 19.70 -19.80
CA PHE F 17 46.21 18.52 -20.35
C PHE F 17 45.74 17.26 -19.61
N ALA F 18 45.66 17.33 -18.28
CA ALA F 18 45.20 16.18 -17.50
C ALA F 18 43.79 15.77 -17.87
N ALA F 19 42.88 16.74 -18.01
CA ALA F 19 41.50 16.44 -18.35
C ALA F 19 41.42 15.80 -19.73
N PHE F 20 42.15 16.36 -20.70
CA PHE F 20 42.12 15.82 -22.05
C PHE F 20 42.67 14.40 -22.06
N SER F 21 43.79 14.17 -21.38
CA SER F 21 44.38 12.85 -21.34
C SER F 21 43.42 11.84 -20.69
N LEU F 22 42.82 12.23 -19.57
CA LEU F 22 41.91 11.34 -18.87
C LEU F 22 40.73 10.96 -19.75
N MET F 23 40.12 11.94 -20.39
CA MET F 23 38.93 11.63 -21.17
C MET F 23 39.32 10.78 -22.39
N THR F 24 40.47 11.06 -23.03
CA THR F 24 40.88 10.29 -24.18
C THR F 24 41.19 8.85 -23.80
N ILE F 25 41.87 8.65 -22.66
CA ILE F 25 42.09 7.30 -22.19
C ILE F 25 40.74 6.59 -21.97
N ALA F 26 39.83 7.27 -21.26
CA ALA F 26 38.56 6.65 -20.90
C ALA F 26 37.75 6.26 -22.13
N VAL F 27 37.71 7.12 -23.14
CA VAL F 27 36.89 6.88 -24.30
C VAL F 27 37.51 5.83 -25.23
N GLY F 28 38.76 5.42 -24.99
CA GLY F 28 39.42 4.41 -25.81
C GLY F 28 39.61 3.07 -25.09
N THR F 29 39.65 3.10 -23.76
CA THR F 29 39.86 1.90 -22.98
C THR F 29 38.53 1.17 -22.78
N ASP F 30 38.59 -0.04 -22.20
CA ASP F 30 37.46 -0.95 -22.20
C ASP F 30 36.86 -1.27 -20.84
N TYR F 31 37.40 -0.74 -19.74
CA TYR F 31 36.99 -1.20 -18.41
C TYR F 31 35.94 -0.25 -17.83
N TRP F 32 34.82 -0.10 -18.54
CA TRP F 32 33.75 0.76 -18.06
C TRP F 32 32.82 -0.01 -17.14
N LEU F 33 32.46 -1.24 -17.51
CA LEU F 33 31.39 -1.95 -16.82
C LEU F 33 31.79 -3.40 -16.62
N TYR F 34 32.08 -3.76 -15.37
CA TYR F 34 32.30 -5.15 -15.01
C TYR F 34 30.96 -5.86 -14.85
N SER F 35 30.34 -6.20 -15.99
CA SER F 35 29.12 -6.99 -15.99
C SER F 35 29.45 -8.48 -16.14
N ARG F 36 28.42 -9.31 -16.26
CA ARG F 36 28.55 -10.74 -16.46
C ARG F 36 27.84 -11.11 -17.75
N GLY F 37 28.56 -11.00 -18.88
CA GLY F 37 27.93 -11.25 -20.18
C GLY F 37 28.58 -12.39 -20.98
N VAL F 38 28.50 -12.28 -22.31
CA VAL F 38 29.03 -13.30 -23.20
C VAL F 38 30.21 -12.76 -24.00
N CYS F 39 31.35 -13.44 -23.88
CA CYS F 39 32.55 -12.99 -24.58
C CYS F 39 32.39 -13.04 -26.10
N LYS F 40 31.94 -14.18 -26.63
CA LYS F 40 31.71 -14.27 -28.08
C LYS F 40 30.53 -15.19 -28.38
N THR F 41 29.62 -14.73 -29.24
CA THR F 41 28.43 -15.49 -29.56
C THR F 41 28.09 -15.35 -31.03
N LYS F 42 27.38 -16.36 -31.55
CA LYS F 42 26.91 -16.42 -32.93
C LYS F 42 27.99 -15.90 -33.89
N GLU F 54 26.79 -20.31 -21.52
CA GLU F 54 27.94 -20.06 -20.62
C GLU F 54 28.19 -18.55 -20.51
N GLU F 55 27.81 -17.99 -19.36
CA GLU F 55 27.95 -16.58 -19.08
C GLU F 55 29.05 -16.39 -18.05
N VAL F 56 29.91 -15.41 -18.34
CA VAL F 56 31.03 -15.12 -17.45
C VAL F 56 31.27 -13.62 -17.35
N MET F 57 32.16 -13.23 -16.44
CA MET F 57 32.55 -11.84 -16.28
C MET F 57 33.06 -11.23 -17.58
N THR F 58 33.00 -9.89 -17.69
CA THR F 58 33.38 -9.20 -18.91
C THR F 58 34.00 -7.84 -18.57
N HIS F 59 34.54 -7.18 -19.61
CA HIS F 59 35.04 -5.83 -19.51
C HIS F 59 33.98 -4.83 -19.95
N SER F 60 33.44 -5.00 -21.17
CA SER F 60 32.33 -4.19 -21.64
C SER F 60 32.66 -2.71 -21.56
N GLY F 61 33.59 -2.28 -22.37
CA GLY F 61 33.92 -0.87 -22.48
C GLY F 61 32.88 -0.09 -23.29
N LEU F 62 33.33 1.00 -23.90
CA LEU F 62 32.45 1.82 -24.71
C LEU F 62 32.24 1.21 -26.09
N TRP F 63 33.25 0.49 -26.61
CA TRP F 63 33.22 -0.02 -27.97
C TRP F 63 33.28 -1.54 -28.05
N ARG F 64 34.17 -2.18 -27.28
CA ARG F 64 34.40 -3.61 -27.39
C ARG F 64 34.22 -4.24 -26.01
N THR F 65 33.51 -5.38 -25.98
CA THR F 65 33.25 -6.10 -24.73
C THR F 65 34.18 -7.30 -24.58
N CYS F 66 35.43 -7.05 -24.21
CA CYS F 66 36.36 -8.14 -23.95
C CYS F 66 35.85 -9.02 -22.80
N CYS F 67 36.32 -10.26 -22.80
CA CYS F 67 35.89 -11.22 -21.81
C CYS F 67 37.00 -11.40 -20.78
N LEU F 68 36.65 -12.10 -19.71
CA LEU F 68 37.61 -12.30 -18.65
C LEU F 68 37.15 -13.46 -17.78
N GLU F 69 38.13 -14.14 -17.15
CA GLU F 69 37.85 -15.17 -16.17
C GLU F 69 37.14 -16.38 -16.78
N GLY F 70 36.90 -16.39 -18.09
CA GLY F 70 36.27 -17.49 -18.79
C GLY F 70 37.29 -18.50 -19.32
N ASN F 71 36.78 -19.54 -19.95
CA ASN F 71 37.61 -20.53 -20.63
C ASN F 71 38.60 -19.87 -21.59
N PHE F 72 38.15 -18.80 -22.26
CA PHE F 72 39.00 -18.01 -23.13
C PHE F 72 38.87 -16.54 -22.74
N LYS F 73 40.00 -15.90 -22.41
CA LYS F 73 40.04 -14.51 -21.99
C LYS F 73 40.55 -13.66 -23.14
N GLY F 74 40.45 -12.33 -22.96
CA GLY F 74 41.09 -11.38 -23.84
C GLY F 74 40.36 -11.19 -25.18
N LEU F 75 39.43 -12.10 -25.51
CA LEU F 75 38.66 -11.99 -26.74
C LEU F 75 37.67 -10.83 -26.60
N CYS F 76 37.59 -10.02 -27.66
CA CYS F 76 36.75 -8.84 -27.66
C CYS F 76 35.93 -8.83 -28.95
N LYS F 77 34.66 -8.44 -28.81
CA LYS F 77 33.78 -8.28 -29.96
C LYS F 77 33.03 -6.97 -29.79
N GLN F 78 32.80 -6.26 -30.90
CA GLN F 78 32.11 -4.98 -30.85
C GLN F 78 30.72 -5.18 -30.26
N ILE F 79 30.37 -4.37 -29.24
CA ILE F 79 29.10 -4.55 -28.55
C ILE F 79 27.97 -4.47 -29.57
N ASP F 80 26.96 -5.32 -29.38
CA ASP F 80 25.88 -5.48 -30.32
C ASP F 80 24.84 -4.37 -30.11
N HIS F 81 25.22 -3.17 -30.52
CA HIS F 81 24.26 -2.08 -30.61
C HIS F 81 23.20 -2.48 -31.62
N PHE F 82 21.93 -2.22 -31.29
CA PHE F 82 20.83 -2.57 -32.16
C PHE F 82 20.81 -4.08 -32.41
N PRO F 83 20.50 -4.92 -31.40
CA PRO F 83 20.43 -6.37 -31.59
C PRO F 83 19.50 -6.79 -32.76
N ASP F 91 10.08 2.09 -31.43
CA ASP F 91 10.26 2.91 -30.19
C ASP F 91 11.25 4.04 -30.45
N THR F 92 10.81 5.07 -31.17
CA THR F 92 11.71 6.13 -31.59
C THR F 92 12.40 6.81 -30.40
N ALA F 93 11.69 6.92 -29.27
CA ALA F 93 12.29 7.43 -28.05
C ALA F 93 13.49 6.59 -27.62
N GLU F 94 13.34 5.27 -27.67
CA GLU F 94 14.44 4.36 -27.38
C GLU F 94 15.41 4.32 -28.55
N TYR F 95 14.93 4.47 -29.78
CA TYR F 95 15.81 4.41 -30.94
C TYR F 95 16.87 5.52 -30.90
N PHE F 96 16.45 6.73 -30.54
CA PHE F 96 17.37 7.86 -30.49
C PHE F 96 18.43 7.65 -29.42
N LEU F 97 18.03 7.15 -28.24
CA LEU F 97 19.00 6.88 -27.19
C LEU F 97 19.96 5.78 -27.63
N ARG F 98 19.44 4.75 -28.29
CA ARG F 98 20.29 3.68 -28.79
C ARG F 98 21.31 4.23 -29.79
N ALA F 99 20.87 5.13 -30.68
CA ALA F 99 21.77 5.72 -31.66
C ALA F 99 22.84 6.56 -30.97
N VAL F 100 22.47 7.36 -29.98
CA VAL F 100 23.42 8.25 -29.32
C VAL F 100 24.46 7.46 -28.53
N ARG F 101 24.08 6.33 -27.94
CA ARG F 101 25.04 5.52 -27.22
C ARG F 101 25.98 4.84 -28.19
N ALA F 102 25.44 4.45 -29.36
CA ALA F 102 26.22 3.77 -30.37
C ALA F 102 27.42 4.59 -30.81
N SER F 103 27.15 5.86 -31.15
CA SER F 103 28.20 6.74 -31.62
C SER F 103 29.05 7.27 -30.47
N SER F 104 28.49 7.27 -29.26
CA SER F 104 29.19 7.88 -28.15
C SER F 104 29.60 9.27 -28.60
N ILE F 105 28.64 10.00 -29.16
CA ILE F 105 28.90 11.34 -29.65
C ILE F 105 29.32 12.20 -28.49
N PHE F 106 28.62 12.08 -27.37
CA PHE F 106 28.86 12.98 -26.25
C PHE F 106 30.23 12.79 -25.62
N PRO F 107 30.66 11.56 -25.31
CA PRO F 107 32.06 11.40 -24.91
C PRO F 107 33.07 11.92 -25.94
N ILE F 108 32.81 11.64 -27.22
CA ILE F 108 33.74 12.09 -28.25
C ILE F 108 33.69 13.62 -28.34
N LEU F 109 32.49 14.20 -28.23
CA LEU F 109 32.36 15.64 -28.32
C LEU F 109 33.02 16.31 -27.12
N SER F 110 32.96 15.65 -25.95
CA SER F 110 33.69 16.12 -24.79
C SER F 110 35.19 16.18 -25.11
N VAL F 111 35.70 15.11 -25.72
CA VAL F 111 37.13 15.06 -26.05
C VAL F 111 37.48 16.18 -27.02
N ILE F 112 36.65 16.38 -28.03
CA ILE F 112 36.93 17.41 -29.02
C ILE F 112 36.93 18.80 -28.37
N LEU F 113 35.93 19.07 -27.52
CA LEU F 113 35.85 20.37 -26.88
C LEU F 113 37.06 20.60 -25.96
N LEU F 114 37.50 19.56 -25.26
CA LEU F 114 38.70 19.70 -24.44
C LEU F 114 39.90 20.02 -25.32
N PHE F 115 40.01 19.37 -26.48
CA PHE F 115 41.11 19.66 -27.39
C PHE F 115 41.08 21.10 -27.87
N MET F 116 39.89 21.59 -28.21
CA MET F 116 39.76 22.96 -28.71
C MET F 116 40.09 23.96 -27.60
N GLY F 117 39.69 23.65 -26.36
CA GLY F 117 40.08 24.48 -25.23
C GLY F 117 41.58 24.50 -25.03
N GLY F 118 42.23 23.35 -25.25
CA GLY F 118 43.68 23.28 -25.20
C GLY F 118 44.30 24.18 -26.26
N LEU F 119 43.73 24.17 -27.46
CA LEU F 119 44.24 25.03 -28.53
C LEU F 119 44.11 26.50 -28.13
N CYS F 120 42.97 26.87 -27.54
CA CYS F 120 42.76 28.23 -27.09
C CYS F 120 43.81 28.63 -26.06
N ILE F 121 44.05 27.75 -25.08
CA ILE F 121 44.98 28.10 -24.02
C ILE F 121 46.37 28.23 -24.62
N ALA F 122 46.73 27.39 -25.58
CA ALA F 122 48.03 27.48 -26.22
C ALA F 122 48.17 28.81 -26.96
N ALA F 123 47.13 29.20 -27.71
CA ALA F 123 47.11 30.49 -28.38
C ALA F 123 47.07 31.66 -27.39
N SER F 124 46.79 31.40 -26.11
CA SER F 124 46.82 32.43 -25.09
C SER F 124 48.19 33.10 -25.01
N GLU F 125 49.25 32.29 -24.87
CA GLU F 125 50.58 32.83 -24.66
C GLU F 125 51.04 33.60 -25.89
N PHE F 126 50.90 32.98 -27.07
CA PHE F 126 51.20 33.68 -28.31
C PHE F 126 50.04 34.57 -28.69
N TYR F 127 50.28 35.50 -29.62
CA TYR F 127 49.23 36.33 -30.17
C TYR F 127 48.30 36.86 -29.07
N LYS F 128 48.90 37.23 -27.92
CA LYS F 128 48.16 37.54 -26.72
C LYS F 128 47.61 38.97 -26.76
N THR F 129 47.08 39.45 -25.62
CA THR F 129 46.41 40.74 -25.49
C THR F 129 45.06 40.75 -26.19
N ARG F 130 44.60 39.62 -26.73
CA ARG F 130 43.27 39.53 -27.32
C ARG F 130 42.21 39.44 -26.23
N HIS F 131 42.50 38.69 -25.15
CA HIS F 131 41.65 38.63 -23.97
C HIS F 131 40.37 37.84 -24.19
N ASN F 132 40.03 37.47 -25.41
CA ASN F 132 38.81 36.74 -25.68
C ASN F 132 39.08 35.27 -26.01
N ILE F 133 40.34 34.87 -26.17
CA ILE F 133 40.67 33.48 -26.38
C ILE F 133 40.75 32.77 -25.04
N ILE F 134 41.08 33.48 -23.96
CA ILE F 134 41.03 32.88 -22.65
C ILE F 134 39.57 32.60 -22.26
N LEU F 135 38.69 33.55 -22.56
CA LEU F 135 37.26 33.32 -22.36
C LEU F 135 36.80 32.12 -23.19
N SER F 136 37.31 31.99 -24.42
CA SER F 136 36.96 30.87 -25.26
C SER F 136 37.39 29.56 -24.61
N ALA F 137 38.59 29.55 -24.03
CA ALA F 137 39.06 28.35 -23.34
C ALA F 137 38.12 27.99 -22.20
N GLY F 138 37.73 28.99 -21.41
CA GLY F 138 36.79 28.75 -20.33
C GLY F 138 35.48 28.16 -20.83
N ILE F 139 34.93 28.74 -21.87
CA ILE F 139 33.66 28.27 -22.41
C ILE F 139 33.79 26.85 -22.94
N PHE F 140 34.90 26.55 -23.59
CA PHE F 140 35.11 25.22 -24.12
C PHE F 140 35.23 24.18 -23.02
N PHE F 141 35.93 24.52 -21.94
CA PHE F 141 36.07 23.57 -20.84
C PHE F 141 34.75 23.33 -20.16
N VAL F 142 33.96 24.39 -19.94
CA VAL F 142 32.66 24.20 -19.32
C VAL F 142 31.75 23.36 -20.20
N SER F 143 31.74 23.65 -21.49
CA SER F 143 30.94 22.89 -22.44
C SER F 143 31.40 21.43 -22.51
N ALA F 144 32.71 21.19 -22.40
CA ALA F 144 33.21 19.84 -22.38
C ALA F 144 32.68 19.09 -21.16
N GLY F 145 32.68 19.76 -20.00
CA GLY F 145 32.08 19.15 -18.83
C GLY F 145 30.62 18.80 -19.02
N LEU F 146 29.84 19.71 -19.60
CA LEU F 146 28.42 19.45 -19.82
C LEU F 146 28.23 18.28 -20.78
N SER F 147 29.03 18.23 -21.84
CA SER F 147 28.97 17.12 -22.78
C SER F 147 29.27 15.80 -22.08
N ASN F 148 30.30 15.83 -21.22
CA ASN F 148 30.68 14.63 -20.49
C ASN F 148 29.55 14.13 -19.60
N ILE F 149 28.89 15.03 -18.88
CA ILE F 149 27.81 14.61 -17.99
C ILE F 149 26.65 14.02 -18.81
N ILE F 150 26.33 14.64 -19.95
CA ILE F 150 25.26 14.07 -20.78
C ILE F 150 25.66 12.67 -21.23
N GLY F 151 26.93 12.52 -21.63
CA GLY F 151 27.39 11.21 -22.05
C GLY F 151 27.26 10.16 -20.97
N ILE F 152 27.62 10.51 -19.73
CA ILE F 152 27.52 9.58 -18.62
C ILE F 152 26.07 9.18 -18.42
N ILE F 153 25.16 10.15 -18.44
CA ILE F 153 23.77 9.79 -18.21
C ILE F 153 23.28 8.88 -19.32
N VAL F 154 23.59 9.21 -20.58
CA VAL F 154 23.17 8.38 -21.71
C VAL F 154 23.71 6.95 -21.58
N TYR F 155 24.98 6.83 -21.25
CA TYR F 155 25.56 5.51 -21.08
C TYR F 155 24.84 4.72 -19.98
N ILE F 156 24.68 5.31 -18.80
CA ILE F 156 24.08 4.57 -17.69
C ILE F 156 22.63 4.22 -18.05
N SER F 157 21.92 5.08 -18.78
CA SER F 157 20.55 4.79 -19.16
C SER F 157 20.49 3.65 -20.18
N ALA F 158 21.46 3.59 -21.09
CA ALA F 158 21.46 2.57 -22.14
C ALA F 158 21.65 1.16 -21.56
N ASN F 159 22.30 1.05 -20.40
CA ASN F 159 22.58 -0.24 -19.79
C ASN F 159 21.50 -0.69 -18.81
N ALA F 160 20.34 -0.01 -18.77
CA ALA F 160 19.20 -0.44 -18.00
C ALA F 160 18.25 -1.26 -18.90
N GLY F 161 18.78 -2.34 -19.47
CA GLY F 161 17.99 -3.22 -20.32
C GLY F 161 18.84 -4.30 -20.96
N SER F 172 24.21 -8.69 -11.20
CA SER F 172 24.79 -7.42 -10.71
C SER F 172 25.85 -6.92 -11.69
N TYR F 173 26.44 -5.78 -11.35
CA TYR F 173 27.45 -5.14 -12.19
C TYR F 173 28.28 -4.21 -11.33
N SER F 174 29.26 -3.58 -11.95
CA SER F 174 30.07 -2.57 -11.30
C SER F 174 30.70 -1.70 -12.39
N TYR F 175 31.23 -0.55 -11.98
CA TYR F 175 31.85 0.38 -12.91
C TYR F 175 33.36 0.31 -12.74
N GLY F 176 34.07 0.29 -13.88
CA GLY F 176 35.51 0.15 -13.88
C GLY F 176 36.22 1.49 -13.80
N TRP F 177 37.54 1.43 -13.86
CA TRP F 177 38.36 2.61 -13.67
C TRP F 177 38.28 3.55 -14.86
N SER F 178 37.86 3.08 -16.04
CA SER F 178 37.74 3.99 -17.16
C SER F 178 36.53 4.92 -16.99
N PHE F 179 35.44 4.37 -16.46
CA PHE F 179 34.29 5.20 -16.13
C PHE F 179 34.69 6.29 -15.13
N TYR F 180 35.43 5.90 -14.08
CA TYR F 180 35.84 6.91 -13.13
C TYR F 180 36.87 7.87 -13.70
N PHE F 181 37.63 7.44 -14.70
CA PHE F 181 38.46 8.36 -15.43
C PHE F 181 37.64 9.43 -16.13
N GLY F 182 36.56 9.01 -16.75
CA GLY F 182 35.64 9.98 -17.34
C GLY F 182 35.08 10.96 -16.30
N ALA F 183 34.69 10.44 -15.13
CA ALA F 183 34.15 11.28 -14.08
C ALA F 183 35.19 12.30 -13.59
N LEU F 184 36.41 11.83 -13.35
CA LEU F 184 37.46 12.71 -12.89
C LEU F 184 37.78 13.76 -13.95
N SER F 185 37.70 13.35 -15.23
CA SER F 185 37.85 14.30 -16.30
C SER F 185 36.82 15.41 -16.19
N PHE F 186 35.56 15.05 -15.91
CA PHE F 186 34.52 16.05 -15.78
C PHE F 186 34.84 17.07 -14.68
N ILE F 187 35.25 16.57 -13.52
CA ILE F 187 35.53 17.48 -12.41
C ILE F 187 36.72 18.38 -12.73
N ILE F 188 37.77 17.82 -13.29
CA ILE F 188 38.94 18.63 -13.63
C ILE F 188 38.60 19.66 -14.70
N ALA F 189 37.80 19.26 -15.68
CA ALA F 189 37.41 20.20 -16.73
C ALA F 189 36.64 21.38 -16.13
N GLU F 190 35.74 21.11 -15.18
CA GLU F 190 35.02 22.19 -14.55
C GLU F 190 35.93 23.10 -13.74
N MET F 191 36.90 22.54 -13.03
CA MET F 191 37.84 23.37 -12.27
C MET F 191 38.65 24.24 -13.23
N VAL F 192 39.12 23.67 -14.34
CA VAL F 192 39.94 24.43 -15.26
C VAL F 192 39.10 25.53 -15.93
N GLY F 193 37.84 25.25 -16.20
CA GLY F 193 36.97 26.28 -16.71
C GLY F 193 36.79 27.43 -15.74
N VAL F 194 36.65 27.12 -14.45
CA VAL F 194 36.55 28.16 -13.46
C VAL F 194 37.82 28.99 -13.48
N LEU F 195 38.98 28.31 -13.51
CA LEU F 195 40.25 29.02 -13.55
C LEU F 195 40.32 29.96 -14.76
N ALA F 196 39.94 29.47 -15.94
CA ALA F 196 40.00 30.28 -17.13
C ALA F 196 39.11 31.51 -17.01
N VAL F 197 37.89 31.34 -16.54
CA VAL F 197 36.98 32.47 -16.46
C VAL F 197 37.52 33.49 -15.46
N HIS F 198 38.02 33.01 -14.32
CA HIS F 198 38.53 33.92 -13.31
C HIS F 198 39.75 34.66 -13.84
N MET F 199 40.58 33.97 -14.60
CA MET F 199 41.78 34.56 -15.18
C MET F 199 41.43 35.64 -16.20
N PHE F 200 40.43 35.38 -17.02
CA PHE F 200 39.94 36.39 -17.95
C PHE F 200 39.40 37.61 -17.20
N ILE F 201 38.65 37.38 -16.12
CA ILE F 201 38.14 38.49 -15.33
C ILE F 201 39.30 39.30 -14.78
N ASP F 202 40.32 38.64 -14.24
CA ASP F 202 41.46 39.35 -13.70
C ASP F 202 42.14 40.17 -14.78
N ARG F 203 42.25 39.62 -15.98
CA ARG F 203 42.86 40.35 -17.08
C ARG F 203 42.07 41.63 -17.40
N HIS F 204 40.76 41.54 -17.52
CA HIS F 204 39.95 42.73 -17.75
C HIS F 204 39.94 43.68 -16.56
N LYS F 205 40.17 43.19 -15.33
CA LYS F 205 40.27 44.08 -14.18
C LYS F 205 41.58 44.86 -14.23
N GLN F 206 42.68 44.19 -14.60
CA GLN F 206 43.96 44.85 -14.76
C GLN F 206 43.87 45.88 -15.88
N LEU F 207 43.24 45.52 -17.01
CA LEU F 207 43.16 46.41 -18.15
C LEU F 207 42.45 47.71 -17.79
N ARG F 208 41.36 47.64 -17.01
CA ARG F 208 40.61 48.81 -16.63
C ARG F 208 41.30 49.60 -15.50
N ALA F 209 42.55 49.28 -15.18
CA ALA F 209 43.30 50.03 -14.18
C ALA F 209 44.78 50.18 -14.58
N ASP G 4 11.26 51.39 -27.51
CA ASP G 4 10.90 52.54 -28.37
C ASP G 4 9.40 52.81 -28.29
N ARG G 5 8.97 53.87 -28.98
CA ARG G 5 7.58 54.31 -28.99
C ARG G 5 7.14 54.53 -30.42
N GLY G 6 5.82 54.49 -30.64
CA GLY G 6 5.25 54.57 -31.97
C GLY G 6 4.98 53.17 -32.52
N VAL G 7 5.98 52.28 -32.39
CA VAL G 7 5.78 50.88 -32.68
C VAL G 7 4.80 50.26 -31.70
N GLN G 8 4.85 50.65 -30.43
CA GLN G 8 4.14 49.94 -29.39
C GLN G 8 2.63 49.98 -29.64
N MET G 9 2.11 51.12 -30.10
CA MET G 9 0.69 51.23 -30.34
C MET G 9 0.25 50.28 -31.46
N LEU G 10 1.05 50.23 -32.53
CA LEU G 10 0.75 49.32 -33.64
C LEU G 10 0.82 47.88 -33.16
N LEU G 11 1.82 47.56 -32.34
CA LEU G 11 2.00 46.19 -31.88
C LEU G 11 0.84 45.76 -30.98
N THR G 12 0.41 46.63 -30.07
CA THR G 12 -0.75 46.32 -29.25
C THR G 12 -2.01 46.17 -30.09
N THR G 13 -2.19 47.02 -31.09
CA THR G 13 -3.37 46.91 -31.95
C THR G 13 -3.37 45.59 -32.71
N VAL G 14 -2.23 45.24 -33.30
CA VAL G 14 -2.10 44.01 -34.04
C VAL G 14 -2.37 42.82 -33.12
N GLY G 15 -1.78 42.84 -31.92
CA GLY G 15 -1.98 41.77 -30.97
C GLY G 15 -3.44 41.65 -30.58
N ALA G 16 -4.11 42.77 -30.34
CA ALA G 16 -5.52 42.75 -29.96
C ALA G 16 -6.33 42.11 -31.07
N PHE G 17 -6.07 42.49 -32.32
CA PHE G 17 -6.81 41.92 -33.43
C PHE G 17 -6.52 40.41 -33.53
N ALA G 18 -5.26 40.02 -33.39
CA ALA G 18 -4.90 38.61 -33.49
C ALA G 18 -5.59 37.78 -32.41
N ALA G 19 -5.57 38.27 -31.17
CA ALA G 19 -6.22 37.58 -30.07
C ALA G 19 -7.73 37.47 -30.31
N PHE G 20 -8.35 38.58 -30.74
CA PHE G 20 -9.79 38.56 -30.97
C PHE G 20 -10.14 37.59 -32.08
N SER G 21 -9.39 37.62 -33.19
CA SER G 21 -9.67 36.73 -34.30
C SER G 21 -9.52 35.27 -33.89
N LEU G 22 -8.42 34.96 -33.18
CA LEU G 22 -8.16 33.59 -32.77
C LEU G 22 -9.28 33.09 -31.86
N MET G 23 -9.69 33.91 -30.90
CA MET G 23 -10.68 33.44 -29.94
C MET G 23 -12.03 33.29 -30.63
N THR G 24 -12.38 34.22 -31.53
CA THR G 24 -13.66 34.12 -32.22
C THR G 24 -13.71 32.88 -33.11
N ILE G 25 -12.62 32.64 -33.85
CA ILE G 25 -12.54 31.42 -34.66
C ILE G 25 -12.71 30.19 -33.76
N ALA G 26 -11.97 30.15 -32.65
CA ALA G 26 -12.00 29.00 -31.76
C ALA G 26 -13.40 28.74 -31.25
N VAL G 27 -14.13 29.79 -30.84
CA VAL G 27 -15.48 29.59 -30.38
C VAL G 27 -16.37 29.10 -31.54
N GLY G 28 -16.08 29.59 -32.75
CA GLY G 28 -16.90 29.25 -33.90
C GLY G 28 -16.69 27.82 -34.38
N THR G 29 -15.43 27.45 -34.62
CA THR G 29 -15.12 26.17 -35.22
C THR G 29 -15.47 25.03 -34.27
N ASP G 30 -15.23 23.80 -34.71
CA ASP G 30 -15.63 22.62 -33.95
C ASP G 30 -14.53 21.59 -33.76
N TYR G 31 -13.28 21.90 -34.14
CA TYR G 31 -12.18 20.98 -33.92
C TYR G 31 -11.58 21.16 -32.52
N TRP G 32 -12.41 21.12 -31.48
CA TRP G 32 -11.89 21.16 -30.12
C TRP G 32 -11.40 19.79 -29.68
N LEU G 33 -12.18 18.75 -29.95
CA LEU G 33 -11.88 17.43 -29.43
C LEU G 33 -12.07 16.37 -30.51
N TYR G 34 -11.04 15.54 -30.70
CA TYR G 34 -11.14 14.36 -31.53
C TYR G 34 -11.43 13.15 -30.65
N SER G 35 -12.67 12.66 -30.67
CA SER G 35 -13.06 11.51 -29.87
C SER G 35 -13.82 10.49 -30.72
N ARG G 36 -13.97 9.27 -30.21
CA ARG G 36 -14.71 8.21 -30.88
C ARG G 36 -16.14 8.18 -30.33
N GLY G 37 -16.96 9.08 -30.85
CA GLY G 37 -18.36 9.16 -30.48
C GLY G 37 -19.28 8.58 -31.55
N VAL G 38 -20.49 9.13 -31.67
CA VAL G 38 -21.46 8.71 -32.65
C VAL G 38 -21.93 9.92 -33.43
N CYS G 39 -21.93 9.82 -34.76
CA CYS G 39 -22.22 10.98 -35.63
C CYS G 39 -23.67 11.47 -35.56
N LYS G 40 -24.63 10.55 -35.73
CA LYS G 40 -26.01 10.98 -35.83
C LYS G 40 -26.95 10.14 -35.01
N THR G 41 -27.96 10.77 -34.44
CA THR G 41 -28.95 10.06 -33.65
C THR G 41 -30.18 10.94 -33.49
N GLU G 54 -22.55 2.08 -33.75
CA GLU G 54 -21.12 2.00 -34.14
C GLU G 54 -20.35 3.18 -33.56
N GLU G 55 -19.03 3.19 -33.78
CA GLU G 55 -18.14 4.24 -33.31
C GLU G 55 -17.27 4.72 -34.46
N VAL G 56 -16.95 6.02 -34.43
CA VAL G 56 -16.07 6.61 -35.43
C VAL G 56 -15.60 7.98 -34.94
N MET G 57 -14.46 8.43 -35.45
CA MET G 57 -13.86 9.66 -34.96
C MET G 57 -14.77 10.85 -35.24
N THR G 58 -14.71 11.87 -34.37
CA THR G 58 -15.63 12.99 -34.39
C THR G 58 -14.92 14.35 -34.30
N HIS G 59 -15.70 15.43 -34.22
CA HIS G 59 -15.21 16.79 -34.19
C HIS G 59 -15.94 17.54 -33.07
N SER G 60 -16.03 16.95 -31.91
CA SER G 60 -16.71 17.62 -30.80
C SER G 60 -16.14 19.02 -30.64
N GLY G 61 -16.99 20.02 -30.83
CA GLY G 61 -16.63 21.42 -30.60
C GLY G 61 -17.33 21.95 -29.35
N LEU G 62 -17.51 23.27 -29.29
CA LEU G 62 -18.26 23.82 -28.18
C LEU G 62 -19.74 23.53 -28.32
N TRP G 63 -20.24 23.42 -29.56
CA TRP G 63 -21.67 23.23 -29.82
C TRP G 63 -21.96 21.96 -30.60
N ARG G 64 -21.21 21.69 -31.68
CA ARG G 64 -21.57 20.67 -32.64
C ARG G 64 -20.55 19.54 -32.62
N THR G 65 -21.02 18.33 -32.35
CA THR G 65 -20.24 17.12 -32.53
C THR G 65 -20.53 16.59 -33.93
N CYS G 66 -19.47 16.36 -34.70
CA CYS G 66 -19.65 16.12 -36.12
C CYS G 66 -18.75 14.97 -36.53
N CYS G 67 -19.18 14.29 -37.60
CA CYS G 67 -18.66 12.98 -37.96
C CYS G 67 -17.59 13.10 -39.04
N LEU G 68 -16.52 12.32 -38.90
CA LEU G 68 -15.45 12.30 -39.88
C LEU G 68 -14.98 10.87 -40.10
N GLU G 69 -14.38 10.64 -41.27
CA GLU G 69 -13.88 9.33 -41.67
C GLU G 69 -14.92 8.25 -41.35
N GLY G 70 -16.09 8.39 -41.96
CA GLY G 70 -17.14 7.40 -41.87
C GLY G 70 -17.92 7.31 -43.18
N ASN G 71 -18.96 6.47 -43.17
CA ASN G 71 -19.83 6.34 -44.33
C ASN G 71 -20.52 7.67 -44.64
N PHE G 72 -20.90 8.41 -43.59
CA PHE G 72 -21.58 9.69 -43.74
C PHE G 72 -20.82 10.80 -43.00
N LYS G 73 -19.52 10.86 -43.19
CA LYS G 73 -18.74 11.99 -42.69
C LYS G 73 -19.36 13.31 -43.12
N GLY G 74 -19.12 14.35 -42.33
CA GLY G 74 -19.64 15.68 -42.60
C GLY G 74 -21.03 15.92 -42.03
N LEU G 75 -21.57 14.95 -41.28
CA LEU G 75 -22.85 15.13 -40.62
C LEU G 75 -22.57 15.69 -39.23
N CYS G 76 -23.24 16.77 -38.87
CA CYS G 76 -22.95 17.47 -37.63
C CYS G 76 -24.23 17.59 -36.81
N LYS G 77 -24.13 17.31 -35.51
CA LYS G 77 -25.29 17.36 -34.64
C LYS G 77 -25.00 18.16 -33.37
N GLN G 78 -26.03 18.86 -32.87
CA GLN G 78 -25.92 19.65 -31.67
C GLN G 78 -25.70 18.74 -30.47
N ILE G 79 -24.70 19.08 -29.64
CA ILE G 79 -24.36 18.27 -28.48
C ILE G 79 -25.42 18.51 -27.39
N ASP G 80 -25.86 17.42 -26.77
CA ASP G 80 -26.81 17.48 -25.68
C ASP G 80 -26.00 17.40 -24.39
N HIS G 81 -26.05 18.48 -23.59
CA HIS G 81 -25.18 18.60 -22.43
C HIS G 81 -25.79 18.00 -21.17
N PHE G 82 -26.95 17.36 -21.29
CA PHE G 82 -27.65 16.79 -20.16
C PHE G 82 -28.09 15.36 -20.49
N PRO G 83 -28.34 14.50 -19.47
CA PRO G 83 -29.09 13.26 -19.69
C PRO G 83 -30.29 13.35 -20.65
N ASP G 91 -25.88 16.01 -8.34
CA ASP G 91 -25.53 17.03 -7.31
C ASP G 91 -25.56 18.42 -7.96
N THR G 92 -25.82 19.44 -7.14
CA THR G 92 -25.97 20.79 -7.63
C THR G 92 -24.74 21.26 -8.40
N ALA G 93 -23.54 20.82 -7.96
CA ALA G 93 -22.31 21.15 -8.66
C ALA G 93 -22.33 20.59 -10.08
N GLU G 94 -22.82 19.36 -10.25
CA GLU G 94 -22.89 18.75 -11.57
C GLU G 94 -23.83 19.56 -12.47
N TYR G 95 -24.99 19.95 -11.93
CA TYR G 95 -25.95 20.72 -12.72
C TYR G 95 -25.35 22.06 -13.12
N PHE G 96 -24.71 22.74 -12.18
CA PHE G 96 -24.17 24.07 -12.46
C PHE G 96 -23.03 23.98 -13.46
N LEU G 97 -22.18 22.96 -13.34
CA LEU G 97 -21.09 22.79 -14.31
C LEU G 97 -21.67 22.48 -15.68
N ARG G 98 -22.70 21.63 -15.74
CA ARG G 98 -23.34 21.32 -17.02
C ARG G 98 -23.91 22.59 -17.65
N ALA G 99 -24.53 23.45 -16.83
CA ALA G 99 -25.05 24.71 -17.34
C ALA G 99 -23.92 25.59 -17.86
N VAL G 100 -22.88 25.79 -17.05
CA VAL G 100 -21.81 26.71 -17.38
C VAL G 100 -21.05 26.24 -18.62
N ARG G 101 -21.06 24.94 -18.87
CA ARG G 101 -20.37 24.41 -20.04
C ARG G 101 -21.26 24.37 -21.26
N ALA G 102 -22.57 24.12 -21.07
CA ALA G 102 -23.51 24.12 -22.17
C ALA G 102 -23.56 25.50 -22.82
N SER G 103 -23.80 26.52 -21.98
CA SER G 103 -23.62 27.89 -22.41
C SER G 103 -22.15 28.25 -22.27
N SER G 104 -21.42 28.33 -23.37
CA SER G 104 -20.01 28.64 -23.28
C SER G 104 -19.85 30.09 -22.81
N ILE G 105 -20.28 30.35 -21.58
CA ILE G 105 -20.37 31.70 -21.07
C ILE G 105 -18.97 32.29 -20.96
N PHE G 106 -18.00 31.48 -20.57
CA PHE G 106 -16.67 31.99 -20.28
C PHE G 106 -15.89 32.25 -21.55
N PRO G 107 -15.85 31.32 -22.53
CA PRO G 107 -15.30 31.67 -23.83
C PRO G 107 -15.99 32.86 -24.51
N ILE G 108 -17.32 32.95 -24.38
CA ILE G 108 -18.04 34.06 -24.99
C ILE G 108 -17.67 35.37 -24.29
N LEU G 109 -17.60 35.31 -22.94
CA LEU G 109 -17.23 36.50 -22.19
C LEU G 109 -15.81 36.93 -22.52
N SER G 110 -14.93 35.95 -22.77
CA SER G 110 -13.58 36.24 -23.23
C SER G 110 -13.63 37.02 -24.55
N VAL G 111 -14.46 36.55 -25.48
CA VAL G 111 -14.57 37.22 -26.77
C VAL G 111 -15.08 38.65 -26.59
N ILE G 112 -16.10 38.82 -25.76
CA ILE G 112 -16.68 40.14 -25.57
C ILE G 112 -15.64 41.08 -24.94
N LEU G 113 -14.92 40.62 -23.92
CA LEU G 113 -13.92 41.46 -23.27
C LEU G 113 -12.82 41.81 -24.23
N LEU G 114 -12.39 40.87 -25.08
CA LEU G 114 -11.39 41.19 -26.07
C LEU G 114 -11.91 42.26 -27.02
N PHE G 115 -13.18 42.17 -27.42
CA PHE G 115 -13.74 43.19 -28.29
C PHE G 115 -13.75 44.57 -27.61
N MET G 116 -14.15 44.61 -26.34
CA MET G 116 -14.15 45.88 -25.62
C MET G 116 -12.74 46.45 -25.47
N GLY G 117 -11.76 45.59 -25.24
CA GLY G 117 -10.38 46.03 -25.21
C GLY G 117 -9.93 46.59 -26.55
N GLY G 118 -10.35 45.94 -27.64
CA GLY G 118 -10.07 46.45 -28.97
C GLY G 118 -10.67 47.84 -29.16
N LEU G 119 -11.90 48.03 -28.70
CA LEU G 119 -12.53 49.34 -28.81
C LEU G 119 -11.73 50.39 -28.01
N CYS G 120 -11.30 50.03 -26.81
CA CYS G 120 -10.54 50.96 -25.99
C CYS G 120 -9.23 51.34 -26.68
N ILE G 121 -8.55 50.37 -27.27
CA ILE G 121 -7.31 50.67 -27.97
C ILE G 121 -7.60 51.59 -29.15
N ALA G 122 -8.67 51.30 -29.89
CA ALA G 122 -9.01 52.11 -31.06
C ALA G 122 -9.31 53.56 -30.65
N ALA G 123 -10.11 53.72 -29.59
CA ALA G 123 -10.47 55.06 -29.11
C ALA G 123 -9.28 55.78 -28.50
N SER G 124 -8.17 55.09 -28.24
CA SER G 124 -6.98 55.73 -27.71
C SER G 124 -6.46 56.83 -28.63
N GLU G 125 -6.47 56.58 -29.94
CA GLU G 125 -5.93 57.54 -30.90
C GLU G 125 -6.65 58.88 -30.80
N PHE G 126 -7.97 58.85 -30.73
CA PHE G 126 -8.73 60.02 -30.33
C PHE G 126 -8.72 60.12 -28.82
N TYR G 127 -9.26 61.23 -28.29
CA TYR G 127 -9.38 61.40 -26.85
C TYR G 127 -8.07 61.07 -26.13
N LYS G 128 -6.94 61.19 -26.81
CA LYS G 128 -5.67 60.83 -26.21
C LYS G 128 -5.46 61.48 -24.85
N THR G 129 -5.93 62.71 -24.67
CA THR G 129 -5.73 63.43 -23.42
C THR G 129 -5.97 62.55 -22.20
N ARG G 130 -7.10 61.84 -22.17
CA ARG G 130 -7.41 60.97 -21.06
C ARG G 130 -6.67 59.65 -21.24
N HIS G 131 -5.82 59.30 -20.28
CA HIS G 131 -5.03 58.09 -20.41
C HIS G 131 -5.60 56.92 -19.62
N ASN G 132 -6.77 57.09 -19.03
CA ASN G 132 -7.39 56.00 -18.30
C ASN G 132 -8.26 55.15 -19.23
N ILE G 133 -8.18 55.40 -20.53
CA ILE G 133 -8.93 54.61 -21.48
C ILE G 133 -8.03 53.48 -21.92
N ILE G 134 -6.72 53.74 -21.93
CA ILE G 134 -5.78 52.70 -22.29
C ILE G 134 -5.58 51.72 -21.13
N LEU G 135 -5.60 52.22 -19.89
CA LEU G 135 -5.59 51.33 -18.75
C LEU G 135 -6.82 50.42 -18.78
N SER G 136 -7.97 50.95 -19.20
CA SER G 136 -9.15 50.12 -19.36
C SER G 136 -8.89 49.02 -20.38
N ALA G 137 -8.17 49.36 -21.46
CA ALA G 137 -7.81 48.36 -22.45
C ALA G 137 -6.99 47.24 -21.81
N GLY G 138 -6.01 47.62 -21.01
CA GLY G 138 -5.20 46.63 -20.33
C GLY G 138 -6.02 45.72 -19.40
N ILE G 139 -6.89 46.33 -18.61
CA ILE G 139 -7.72 45.55 -17.71
C ILE G 139 -8.64 44.61 -18.49
N PHE G 140 -9.19 45.06 -19.60
CA PHE G 140 -10.04 44.21 -20.42
C PHE G 140 -9.27 43.03 -20.99
N PHE G 141 -8.07 43.26 -21.49
CA PHE G 141 -7.29 42.16 -22.05
C PHE G 141 -6.91 41.14 -20.98
N VAL G 142 -6.51 41.60 -19.80
CA VAL G 142 -6.15 40.67 -18.74
C VAL G 142 -7.37 39.88 -18.29
N SER G 143 -8.52 40.56 -18.15
CA SER G 143 -9.75 39.88 -17.77
C SER G 143 -10.16 38.85 -18.84
N ALA G 144 -9.92 39.19 -20.11
CA ALA G 144 -10.17 38.24 -21.18
C ALA G 144 -9.35 36.98 -20.99
N GLY G 145 -8.06 37.15 -20.67
CA GLY G 145 -7.23 35.99 -20.39
C GLY G 145 -7.78 35.14 -19.23
N LEU G 146 -8.21 35.79 -18.16
CA LEU G 146 -8.72 35.03 -17.03
C LEU G 146 -10.00 34.26 -17.40
N SER G 147 -10.89 34.92 -18.14
CA SER G 147 -12.09 34.24 -18.61
C SER G 147 -11.72 33.03 -19.49
N ASN G 148 -10.71 33.20 -20.34
CA ASN G 148 -10.28 32.11 -21.18
C ASN G 148 -9.80 30.91 -20.36
N ILE G 149 -9.00 31.16 -19.32
CA ILE G 149 -8.55 30.09 -18.44
C ILE G 149 -9.76 29.36 -17.83
N ILE G 150 -10.72 30.11 -17.29
CA ILE G 150 -11.84 29.45 -16.64
C ILE G 150 -12.61 28.63 -17.69
N GLY G 151 -12.71 29.15 -18.91
CA GLY G 151 -13.38 28.41 -19.95
C GLY G 151 -12.70 27.08 -20.27
N ILE G 152 -11.39 27.11 -20.42
CA ILE G 152 -10.65 25.88 -20.65
C ILE G 152 -10.83 24.89 -19.48
N ILE G 153 -10.80 25.37 -18.27
CA ILE G 153 -10.93 24.48 -17.13
C ILE G 153 -12.34 23.84 -17.14
N VAL G 154 -13.39 24.63 -17.36
CA VAL G 154 -14.74 24.07 -17.35
C VAL G 154 -14.92 23.11 -18.52
N TYR G 155 -14.37 23.45 -19.68
CA TYR G 155 -14.46 22.56 -20.81
C TYR G 155 -13.86 21.20 -20.52
N ILE G 156 -12.62 21.21 -20.04
CA ILE G 156 -11.95 19.95 -19.77
C ILE G 156 -12.67 19.17 -18.66
N SER G 157 -13.07 19.87 -17.59
CA SER G 157 -13.73 19.22 -16.49
C SER G 157 -15.04 18.56 -16.92
N ALA G 158 -15.83 19.27 -17.72
CA ALA G 158 -17.10 18.72 -18.19
C ALA G 158 -16.87 17.51 -19.09
N ASN G 159 -15.83 17.58 -19.93
CA ASN G 159 -15.49 16.42 -20.73
C ASN G 159 -15.16 15.22 -19.86
N ALA G 160 -14.41 15.45 -18.78
CA ALA G 160 -14.02 14.35 -17.90
C ALA G 160 -15.21 13.76 -17.14
N GLY G 161 -16.37 14.42 -17.16
CA GLY G 161 -17.58 13.87 -16.55
C GLY G 161 -18.77 13.88 -17.49
N SER G 172 -9.55 6.84 -25.54
CA SER G 172 -8.54 7.76 -26.13
C SER G 172 -9.25 8.96 -26.75
N TYR G 173 -8.57 10.12 -26.70
CA TYR G 173 -9.07 11.36 -27.27
C TYR G 173 -7.88 12.27 -27.55
N SER G 174 -8.17 13.49 -27.96
CA SER G 174 -7.15 14.43 -28.37
C SER G 174 -7.79 15.81 -28.53
N TYR G 175 -6.94 16.83 -28.63
CA TYR G 175 -7.41 18.20 -28.78
C TYR G 175 -7.02 18.71 -30.15
N GLY G 176 -7.99 19.37 -30.81
CA GLY G 176 -7.77 19.87 -32.15
C GLY G 176 -7.35 21.32 -32.13
N TRP G 177 -7.12 21.86 -33.32
CA TRP G 177 -6.57 23.19 -33.46
C TRP G 177 -7.48 24.27 -32.92
N SER G 178 -8.76 24.02 -32.73
CA SER G 178 -9.62 25.03 -32.13
C SER G 178 -9.23 25.28 -30.67
N PHE G 179 -8.98 24.19 -29.95
CA PHE G 179 -8.57 24.30 -28.57
C PHE G 179 -7.27 25.08 -28.47
N TYR G 180 -6.30 24.74 -29.34
CA TYR G 180 -5.05 25.45 -29.29
C TYR G 180 -5.15 26.90 -29.78
N PHE G 181 -6.11 27.19 -30.63
CA PHE G 181 -6.39 28.57 -30.95
C PHE G 181 -6.91 29.33 -29.75
N GLY G 182 -7.76 28.70 -28.96
CA GLY G 182 -8.18 29.31 -27.70
C GLY G 182 -6.99 29.57 -26.77
N ALA G 183 -6.08 28.58 -26.66
CA ALA G 183 -4.93 28.72 -25.82
C ALA G 183 -4.03 29.87 -26.29
N LEU G 184 -3.76 29.91 -27.58
CA LEU G 184 -2.92 30.97 -28.13
C LEU G 184 -3.58 32.34 -27.97
N SER G 185 -4.91 32.38 -28.07
CA SER G 185 -5.61 33.62 -27.81
C SER G 185 -5.35 34.09 -26.38
N PHE G 186 -5.39 33.15 -25.43
CA PHE G 186 -5.09 33.51 -24.05
C PHE G 186 -3.70 34.11 -23.91
N ILE G 187 -2.71 33.45 -24.52
CA ILE G 187 -1.34 33.90 -24.39
C ILE G 187 -1.18 35.31 -24.96
N ILE G 188 -1.71 35.52 -26.17
CA ILE G 188 -1.56 36.81 -26.82
C ILE G 188 -2.35 37.87 -26.05
N ALA G 189 -3.50 37.53 -25.52
CA ALA G 189 -4.27 38.49 -24.75
C ALA G 189 -3.47 38.97 -23.54
N GLU G 190 -2.78 38.03 -22.87
CA GLU G 190 -2.03 38.39 -21.68
C GLU G 190 -0.81 39.25 -22.06
N MET G 191 -0.15 38.95 -23.18
CA MET G 191 0.95 39.78 -23.65
C MET G 191 0.46 41.18 -23.98
N VAL G 192 -0.67 41.28 -24.68
CA VAL G 192 -1.18 42.58 -25.10
C VAL G 192 -1.59 43.39 -23.88
N GLY G 193 -2.16 42.75 -22.87
CA GLY G 193 -2.48 43.46 -21.64
C GLY G 193 -1.23 44.01 -20.98
N VAL G 194 -0.15 43.23 -20.97
CA VAL G 194 1.09 43.70 -20.40
C VAL G 194 1.55 44.93 -21.14
N LEU G 195 1.50 44.88 -22.48
CA LEU G 195 1.92 46.03 -23.29
C LEU G 195 1.04 47.25 -23.05
N ALA G 196 -0.26 47.06 -22.92
CA ALA G 196 -1.17 48.15 -22.66
C ALA G 196 -0.83 48.83 -21.34
N VAL G 197 -0.61 48.04 -20.29
CA VAL G 197 -0.28 48.62 -19.00
C VAL G 197 1.08 49.31 -19.08
N HIS G 198 2.01 48.73 -19.82
CA HIS G 198 3.34 49.33 -19.97
C HIS G 198 3.23 50.72 -20.59
N MET G 199 2.42 50.85 -21.63
CA MET G 199 2.31 52.14 -22.28
C MET G 199 1.49 53.12 -21.43
N PHE G 200 0.53 52.65 -20.67
CA PHE G 200 -0.12 53.53 -19.69
C PHE G 200 0.87 54.08 -18.66
N ILE G 201 1.76 53.23 -18.19
CA ILE G 201 2.77 53.66 -17.23
C ILE G 201 3.67 54.70 -17.88
N ASP G 202 4.09 54.45 -19.12
CA ASP G 202 4.94 55.41 -19.81
C ASP G 202 4.24 56.75 -20.00
N ARG G 203 2.96 56.72 -20.31
CA ARG G 203 2.24 57.97 -20.53
C ARG G 203 2.15 58.78 -19.24
N HIS G 204 1.81 58.15 -18.13
CA HIS G 204 1.80 58.88 -16.87
C HIS G 204 3.20 59.29 -16.43
N LYS G 205 4.23 58.53 -16.80
CA LYS G 205 5.60 58.94 -16.49
C LYS G 205 5.94 60.22 -17.23
N GLN G 206 5.56 60.29 -18.52
CA GLN G 206 5.79 61.51 -19.29
C GLN G 206 4.99 62.67 -18.68
N LEU G 207 3.73 62.42 -18.33
CA LEU G 207 2.89 63.48 -17.80
C LEU G 207 3.45 64.06 -16.50
N ARG G 208 3.91 63.18 -15.61
CA ARG G 208 4.49 63.65 -14.34
C ARG G 208 5.86 64.28 -14.57
N ALA G 209 6.62 63.77 -15.56
CA ALA G 209 7.94 64.29 -15.87
C ALA G 209 7.85 65.72 -16.46
N ASP H 4 -11.82 57.58 12.83
CA ASP H 4 -11.36 58.60 13.82
C ASP H 4 -11.29 57.99 15.21
N ARG H 5 -10.70 58.72 16.15
CA ARG H 5 -10.46 58.23 17.50
C ARG H 5 -11.77 58.04 18.27
N GLY H 6 -12.75 58.93 18.05
CA GLY H 6 -13.98 58.93 18.83
C GLY H 6 -14.80 57.65 18.70
N VAL H 7 -14.82 57.09 17.49
CA VAL H 7 -15.65 55.93 17.20
C VAL H 7 -14.97 54.66 17.70
N GLN H 8 -13.64 54.67 17.88
CA GLN H 8 -12.93 53.45 18.23
C GLN H 8 -13.41 52.91 19.57
N MET H 9 -13.69 53.80 20.54
CA MET H 9 -14.20 53.35 21.83
C MET H 9 -15.56 52.67 21.64
N LEU H 10 -16.44 53.24 20.81
CA LEU H 10 -17.74 52.63 20.58
C LEU H 10 -17.56 51.26 19.95
N LEU H 11 -16.68 51.16 18.93
CA LEU H 11 -16.49 49.89 18.25
C LEU H 11 -15.94 48.83 19.22
N THR H 12 -14.96 49.21 20.04
CA THR H 12 -14.40 48.28 21.01
C THR H 12 -15.46 47.82 22.01
N THR H 13 -16.24 48.75 22.54
CA THR H 13 -17.21 48.41 23.58
C THR H 13 -18.33 47.55 23.00
N VAL H 14 -18.84 47.94 21.84
CA VAL H 14 -19.96 47.19 21.28
C VAL H 14 -19.48 45.81 20.84
N GLY H 15 -18.27 45.71 20.29
CA GLY H 15 -17.70 44.41 19.98
C GLY H 15 -17.54 43.55 21.23
N ALA H 16 -17.06 44.14 22.32
CA ALA H 16 -16.91 43.39 23.57
C ALA H 16 -18.26 42.86 24.04
N PHE H 17 -19.28 43.70 23.99
CA PHE H 17 -20.60 43.28 24.41
C PHE H 17 -21.11 42.16 23.50
N ALA H 18 -20.94 42.31 22.19
CA ALA H 18 -21.38 41.28 21.25
C ALA H 18 -20.69 39.95 21.52
N ALA H 19 -19.38 39.98 21.75
CA ALA H 19 -18.63 38.76 22.02
C ALA H 19 -19.14 38.11 23.31
N PHE H 20 -19.34 38.91 24.36
CA PHE H 20 -19.78 38.38 25.63
C PHE H 20 -21.15 37.74 25.50
N SER H 21 -22.08 38.45 24.83
CA SER H 21 -23.43 37.94 24.66
C SER H 21 -23.42 36.64 23.87
N LEU H 22 -22.65 36.61 22.77
CA LEU H 22 -22.60 35.42 21.93
C LEU H 22 -22.03 34.22 22.71
N MET H 23 -20.95 34.45 23.46
CA MET H 23 -20.35 33.34 24.18
C MET H 23 -21.29 32.84 25.28
N THR H 24 -21.99 33.76 25.97
CA THR H 24 -22.90 33.36 27.02
C THR H 24 -24.06 32.56 26.44
N ILE H 25 -24.62 33.04 25.32
CA ILE H 25 -25.71 32.31 24.68
C ILE H 25 -25.23 30.92 24.29
N ALA H 26 -24.04 30.82 23.68
CA ALA H 26 -23.53 29.54 23.26
C ALA H 26 -23.33 28.59 24.43
N VAL H 27 -22.80 29.08 25.55
CA VAL H 27 -22.62 28.23 26.71
C VAL H 27 -23.97 27.79 27.28
N GLY H 28 -25.00 28.64 27.11
CA GLY H 28 -26.33 28.35 27.63
C GLY H 28 -27.14 27.42 26.75
N THR H 29 -27.28 27.78 25.47
CA THR H 29 -28.16 27.06 24.57
C THR H 29 -27.66 25.65 24.33
N ASP H 30 -28.49 24.84 23.67
CA ASP H 30 -28.26 23.41 23.55
C ASP H 30 -27.97 22.91 22.13
N TYR H 31 -27.85 23.80 21.15
CA TYR H 31 -27.74 23.39 19.76
C TYR H 31 -26.27 23.42 19.35
N TRP H 32 -25.48 22.55 19.95
CA TRP H 32 -24.10 22.38 19.57
C TRP H 32 -23.93 21.29 18.53
N LEU H 33 -24.66 20.17 18.67
CA LEU H 33 -24.37 19.00 17.88
C LEU H 33 -25.66 18.26 17.57
N TYR H 34 -26.10 18.32 16.31
CA TYR H 34 -27.26 17.57 15.88
C TYR H 34 -26.89 16.10 15.65
N SER H 35 -26.85 15.33 16.74
CA SER H 35 -26.42 13.94 16.69
C SER H 35 -27.63 13.01 16.53
N ARG H 36 -27.34 11.72 16.33
CA ARG H 36 -28.36 10.68 16.32
C ARG H 36 -28.21 9.88 17.61
N GLY H 37 -28.85 10.36 18.68
CA GLY H 37 -28.69 9.74 19.99
C GLY H 37 -29.99 9.43 20.73
N VAL H 38 -29.87 9.25 22.06
CA VAL H 38 -31.01 8.85 22.88
C VAL H 38 -31.47 9.98 23.79
N CYS H 39 -32.78 10.09 23.94
CA CYS H 39 -33.37 11.10 24.80
C CYS H 39 -33.16 10.76 26.28
N LYS H 40 -33.39 9.49 26.65
CA LYS H 40 -33.26 9.06 28.03
C LYS H 40 -32.79 7.60 28.09
N THR H 41 -32.24 7.20 29.24
CA THR H 41 -31.69 5.85 29.38
C THR H 41 -32.53 4.93 30.27
N LYS H 42 -32.86 3.74 29.76
CA LYS H 42 -33.65 2.76 30.51
C LYS H 42 -34.90 3.42 31.12
N GLU H 54 -35.35 4.95 20.77
CA GLU H 54 -34.26 4.08 20.24
C GLU H 54 -33.11 4.96 19.78
N GLU H 55 -33.31 5.68 18.67
CA GLU H 55 -32.32 6.57 18.10
C GLU H 55 -33.07 7.65 17.34
N VAL H 56 -32.78 8.91 17.63
CA VAL H 56 -33.45 10.04 16.99
C VAL H 56 -32.57 11.28 17.08
N MET H 57 -32.82 12.25 16.20
CA MET H 57 -32.05 13.48 16.18
C MET H 57 -32.10 14.16 17.54
N THR H 58 -30.95 14.70 17.97
CA THR H 58 -30.82 15.25 19.31
C THR H 58 -29.96 16.51 19.26
N HIS H 59 -30.31 17.48 20.10
CA HIS H 59 -29.56 18.72 20.22
C HIS H 59 -28.17 18.46 20.78
N SER H 60 -28.06 17.74 21.90
CA SER H 60 -26.78 17.48 22.53
C SER H 60 -25.97 18.76 22.64
N GLY H 61 -26.45 19.70 23.44
CA GLY H 61 -25.72 20.93 23.74
C GLY H 61 -24.46 20.65 24.56
N LEU H 62 -23.98 21.68 25.26
CA LEU H 62 -22.76 21.49 26.05
C LEU H 62 -23.04 20.69 27.32
N TRP H 63 -24.21 20.95 27.94
CA TRP H 63 -24.59 20.30 29.18
C TRP H 63 -25.69 19.24 28.99
N ARG H 64 -26.81 19.62 28.36
CA ARG H 64 -27.97 18.75 28.29
C ARG H 64 -28.23 18.35 26.84
N THR H 65 -28.39 17.05 26.62
CA THR H 65 -28.83 16.51 25.34
C THR H 65 -30.33 16.37 25.36
N CYS H 66 -31.00 16.95 24.36
CA CYS H 66 -32.43 17.11 24.40
C CYS H 66 -33.02 16.49 23.14
N CYS H 67 -34.00 15.63 23.35
CA CYS H 67 -34.55 14.86 22.26
C CYS H 67 -35.48 15.68 21.38
N LEU H 68 -35.46 15.33 20.10
CA LEU H 68 -36.36 15.92 19.15
C LEU H 68 -36.69 14.89 18.08
N GLU H 69 -37.84 15.07 17.43
CA GLU H 69 -38.31 14.16 16.40
C GLU H 69 -38.21 12.72 16.94
N GLY H 70 -39.10 12.41 17.87
CA GLY H 70 -39.10 11.11 18.51
C GLY H 70 -40.45 10.79 19.11
N ASN H 71 -40.50 9.71 19.88
CA ASN H 71 -41.73 9.27 20.53
C ASN H 71 -42.30 10.38 21.41
N PHE H 72 -41.43 11.05 22.18
CA PHE H 72 -41.80 12.17 23.02
C PHE H 72 -40.83 13.31 22.77
N LYS H 73 -41.03 14.02 21.66
CA LYS H 73 -40.19 15.17 21.32
C LYS H 73 -40.13 16.16 22.49
N GLY H 74 -38.93 16.71 22.72
CA GLY H 74 -38.76 17.80 23.67
C GLY H 74 -38.13 17.37 25.00
N LEU H 75 -37.99 16.06 25.25
CA LEU H 75 -37.38 15.62 26.50
C LEU H 75 -35.90 15.99 26.53
N CYS H 76 -35.48 16.70 27.57
CA CYS H 76 -34.09 17.12 27.71
C CYS H 76 -33.49 16.49 28.96
N LYS H 77 -32.33 15.84 28.80
CA LYS H 77 -31.66 15.20 29.91
C LYS H 77 -30.21 15.65 30.00
N GLN H 78 -29.58 15.41 31.15
CA GLN H 78 -28.18 15.74 31.34
C GLN H 78 -27.34 14.67 30.65
N ILE H 79 -26.29 15.12 29.94
CA ILE H 79 -25.36 14.19 29.32
C ILE H 79 -24.63 13.41 30.41
N ASP H 80 -24.49 12.10 30.18
CA ASP H 80 -23.70 11.25 31.05
C ASP H 80 -22.27 11.25 30.53
N HIS H 81 -21.49 12.24 30.96
CA HIS H 81 -20.12 12.38 30.47
C HIS H 81 -19.28 11.15 30.78
N PHE H 82 -19.40 10.65 32.00
CA PHE H 82 -18.68 9.46 32.42
C PHE H 82 -19.56 8.24 32.16
N PRO H 83 -19.00 7.01 32.16
CA PRO H 83 -19.77 5.81 31.86
C PRO H 83 -20.56 5.33 33.09
N THR H 92 -5.55 7.39 31.20
CA THR H 92 -5.69 8.51 32.17
C THR H 92 -5.75 9.85 31.44
N ALA H 93 -5.11 9.96 30.28
CA ALA H 93 -5.28 11.12 29.40
C ALA H 93 -6.74 11.26 28.99
N GLU H 94 -7.39 10.15 28.64
CA GLU H 94 -8.80 10.16 28.31
C GLU H 94 -9.62 10.59 29.53
N TYR H 95 -9.24 10.13 30.72
CA TYR H 95 -9.94 10.55 31.92
C TYR H 95 -9.82 12.06 32.13
N PHE H 96 -8.61 12.60 31.96
CA PHE H 96 -8.41 14.03 32.13
C PHE H 96 -9.18 14.83 31.06
N LEU H 97 -9.23 14.32 29.83
CA LEU H 97 -10.04 14.95 28.80
C LEU H 97 -11.52 14.93 29.20
N ARG H 98 -12.00 13.81 29.75
CA ARG H 98 -13.37 13.74 30.23
C ARG H 98 -13.60 14.78 31.33
N ALA H 99 -12.63 14.93 32.23
CA ALA H 99 -12.74 15.92 33.29
C ALA H 99 -12.84 17.34 32.72
N VAL H 100 -12.02 17.64 31.73
CA VAL H 100 -11.98 18.97 31.13
C VAL H 100 -13.21 19.22 30.25
N ARG H 101 -13.84 18.18 29.73
CA ARG H 101 -14.96 18.33 28.82
C ARG H 101 -16.28 18.33 29.57
N ALA H 102 -16.47 17.43 30.54
CA ALA H 102 -17.68 17.38 31.33
C ALA H 102 -17.91 18.70 32.06
N SER H 103 -16.89 19.14 32.79
CA SER H 103 -16.78 20.56 33.10
C SER H 103 -16.49 21.31 31.80
N SER H 104 -16.97 22.54 31.70
CA SER H 104 -16.70 23.37 30.55
C SER H 104 -15.76 24.50 30.96
N ILE H 105 -14.67 24.14 31.64
CA ILE H 105 -13.75 25.12 32.19
C ILE H 105 -13.32 26.11 31.13
N PHE H 106 -13.15 25.66 29.89
CA PHE H 106 -12.58 26.52 28.87
C PHE H 106 -13.62 27.46 28.29
N PRO H 107 -14.78 27.00 27.84
CA PRO H 107 -15.84 27.95 27.46
C PRO H 107 -16.26 28.90 28.58
N ILE H 108 -16.35 28.37 29.80
CA ILE H 108 -16.72 29.21 30.93
C ILE H 108 -15.63 30.24 31.21
N LEU H 109 -14.37 29.81 31.10
CA LEU H 109 -13.26 30.73 31.28
C LEU H 109 -13.25 31.82 30.21
N SER H 110 -13.65 31.44 28.99
CA SER H 110 -13.80 32.41 27.93
C SER H 110 -14.82 33.47 28.32
N VAL H 111 -15.95 33.02 28.87
CA VAL H 111 -16.98 33.97 29.26
C VAL H 111 -16.46 34.89 30.37
N ILE H 112 -15.77 34.31 31.35
CA ILE H 112 -15.24 35.10 32.45
C ILE H 112 -14.28 36.19 31.93
N LEU H 113 -13.36 35.77 31.05
CA LEU H 113 -12.36 36.70 30.56
C LEU H 113 -13.00 37.79 29.70
N LEU H 114 -14.00 37.43 28.91
CA LEU H 114 -14.72 38.45 28.16
C LEU H 114 -15.38 39.44 29.10
N PHE H 115 -15.97 38.94 30.20
CA PHE H 115 -16.60 39.83 31.16
C PHE H 115 -15.58 40.81 31.77
N MET H 116 -14.42 40.29 32.16
CA MET H 116 -13.40 41.16 32.74
C MET H 116 -12.88 42.16 31.70
N GLY H 117 -12.76 41.76 30.44
CA GLY H 117 -12.38 42.68 29.39
C GLY H 117 -13.39 43.82 29.23
N GLY H 118 -14.67 43.45 29.28
CA GLY H 118 -15.74 44.45 29.25
C GLY H 118 -15.63 45.41 30.44
N LEU H 119 -15.31 44.85 31.61
CA LEU H 119 -15.14 45.69 32.80
C LEU H 119 -14.00 46.68 32.60
N CYS H 120 -12.89 46.21 32.06
CA CYS H 120 -11.73 47.08 31.85
C CYS H 120 -12.10 48.20 30.87
N ILE H 121 -12.82 47.87 29.80
CA ILE H 121 -13.22 48.89 28.85
C ILE H 121 -14.10 49.92 29.54
N ALA H 122 -15.06 49.45 30.35
CA ALA H 122 -15.95 50.36 31.05
C ALA H 122 -15.15 51.29 31.99
N ALA H 123 -14.22 50.72 32.75
CA ALA H 123 -13.50 51.49 33.76
C ALA H 123 -12.48 52.45 33.13
N SER H 124 -12.12 52.27 31.85
CA SER H 124 -11.12 53.13 31.25
C SER H 124 -11.54 54.61 31.31
N GLU H 125 -12.83 54.86 31.11
CA GLU H 125 -13.37 56.21 31.17
C GLU H 125 -13.21 56.78 32.58
N PHE H 126 -13.55 55.98 33.59
CA PHE H 126 -13.49 56.44 34.98
C PHE H 126 -12.10 56.98 35.33
N TYR H 127 -11.05 56.29 34.88
CA TYR H 127 -9.68 56.72 35.21
C TYR H 127 -8.88 56.90 33.92
N LYS H 128 -9.11 58.01 33.21
CA LYS H 128 -8.45 58.28 31.94
C LYS H 128 -6.99 58.71 32.16
N THR H 129 -6.20 57.90 32.85
CA THR H 129 -4.83 58.24 33.21
C THR H 129 -3.99 56.97 33.35
N ARG H 130 -4.63 55.84 33.68
CA ARG H 130 -3.94 54.57 33.83
C ARG H 130 -4.07 53.79 32.52
N HIS H 131 -3.34 54.22 31.50
CA HIS H 131 -3.47 53.58 30.20
C HIS H 131 -3.42 52.05 30.28
N ASN H 132 -2.79 51.48 31.33
CA ASN H 132 -2.67 50.05 31.39
C ASN H 132 -4.05 49.36 31.48
N ILE H 133 -5.12 50.10 31.76
CA ILE H 133 -6.42 49.47 31.93
C ILE H 133 -6.90 49.00 30.55
N ILE H 134 -6.59 49.78 29.51
CA ILE H 134 -6.88 49.42 28.13
C ILE H 134 -6.03 48.24 27.68
N LEU H 135 -4.76 48.22 28.08
CA LEU H 135 -3.92 47.08 27.77
C LEU H 135 -4.50 45.81 28.40
N SER H 136 -4.99 45.91 29.63
CA SER H 136 -5.59 44.75 30.26
C SER H 136 -6.81 44.28 29.47
N ALA H 137 -7.57 45.24 28.92
CA ALA H 137 -8.73 44.89 28.11
C ALA H 137 -8.28 44.07 26.90
N GLY H 138 -7.24 44.55 26.22
CA GLY H 138 -6.72 43.85 25.06
C GLY H 138 -6.26 42.45 25.42
N ILE H 139 -5.50 42.33 26.50
CA ILE H 139 -4.98 41.03 26.90
C ILE H 139 -6.11 40.08 27.28
N PHE H 140 -7.12 40.58 27.97
CA PHE H 140 -8.26 39.76 28.34
C PHE H 140 -9.02 39.26 27.11
N PHE H 141 -9.23 40.12 26.12
CA PHE H 141 -9.95 39.68 24.94
C PHE H 141 -9.16 38.64 24.16
N VAL H 142 -7.86 38.86 24.00
CA VAL H 142 -7.05 37.89 23.28
C VAL H 142 -7.03 36.54 24.01
N SER H 143 -6.90 36.60 25.34
CA SER H 143 -6.89 35.37 26.13
C SER H 143 -8.24 34.67 26.05
N ALA H 144 -9.34 35.44 26.01
CA ALA H 144 -10.65 34.82 25.87
C ALA H 144 -10.72 34.07 24.54
N GLY H 145 -10.20 34.67 23.48
CA GLY H 145 -10.13 33.97 22.21
C GLY H 145 -9.35 32.65 22.29
N LEU H 146 -8.19 32.68 22.94
CA LEU H 146 -7.37 31.48 23.03
C LEU H 146 -8.11 30.40 23.86
N SER H 147 -8.73 30.80 24.96
CA SER H 147 -9.50 29.87 25.77
C SER H 147 -10.64 29.27 24.94
N ASN H 148 -11.29 30.11 24.15
CA ASN H 148 -12.39 29.65 23.32
C ASN H 148 -11.91 28.56 22.35
N ILE H 149 -10.79 28.79 21.69
CA ILE H 149 -10.30 27.80 20.74
C ILE H 149 -9.94 26.50 21.47
N ILE H 150 -9.30 26.59 22.62
CA ILE H 150 -8.99 25.35 23.35
C ILE H 150 -10.28 24.60 23.69
N GLY H 151 -11.29 25.34 24.12
CA GLY H 151 -12.57 24.73 24.42
C GLY H 151 -13.19 24.02 23.23
N ILE H 152 -13.17 24.68 22.07
CA ILE H 152 -13.71 24.07 20.85
C ILE H 152 -12.95 22.77 20.54
N ILE H 153 -11.63 22.80 20.65
CA ILE H 153 -10.87 21.62 20.31
C ILE H 153 -11.20 20.50 21.27
N VAL H 154 -11.29 20.79 22.56
CA VAL H 154 -11.63 19.78 23.56
C VAL H 154 -13.01 19.19 23.26
N TYR H 155 -13.97 20.05 22.93
CA TYR H 155 -15.29 19.55 22.58
C TYR H 155 -15.26 18.57 21.41
N ILE H 156 -14.67 19.01 20.30
CA ILE H 156 -14.69 18.20 19.10
C ILE H 156 -13.88 16.91 19.31
N SER H 157 -12.79 16.98 20.04
CA SER H 157 -12.01 15.79 20.32
C SER H 157 -12.79 14.81 21.18
N ALA H 158 -13.52 15.32 22.18
CA ALA H 158 -14.27 14.47 23.09
C ALA H 158 -15.38 13.73 22.35
N ASN H 159 -16.05 14.43 21.43
CA ASN H 159 -17.21 13.84 20.80
C ASN H 159 -16.82 12.60 20.01
N ALA H 160 -16.03 12.78 18.95
CA ALA H 160 -15.73 11.69 18.04
C ALA H 160 -14.84 10.66 18.73
N GLY H 161 -15.26 9.40 18.70
CA GLY H 161 -14.52 8.31 19.35
C GLY H 161 -14.69 8.32 20.86
N SER H 172 -23.70 9.83 11.29
CA SER H 172 -23.35 11.22 10.92
C SER H 172 -23.58 12.15 12.11
N TYR H 173 -23.35 13.44 11.86
CA TYR H 173 -23.62 14.50 12.83
C TYR H 173 -23.60 15.82 12.09
N SER H 174 -23.72 16.92 12.85
CA SER H 174 -23.60 18.27 12.35
C SER H 174 -23.51 19.20 13.55
N TYR H 175 -23.16 20.46 13.26
CA TYR H 175 -22.95 21.43 14.33
C TYR H 175 -24.08 22.44 14.31
N GLY H 176 -24.68 22.65 15.49
CA GLY H 176 -25.81 23.55 15.60
C GLY H 176 -25.36 24.99 15.47
N TRP H 177 -26.20 25.90 15.97
CA TRP H 177 -25.93 27.32 15.85
C TRP H 177 -25.24 27.87 17.07
N SER H 178 -25.34 27.21 18.22
CA SER H 178 -24.59 27.66 19.39
C SER H 178 -23.09 27.44 19.18
N PHE H 179 -22.71 26.35 18.51
CA PHE H 179 -21.32 26.16 18.18
C PHE H 179 -20.80 27.32 17.34
N TYR H 180 -21.55 27.71 16.31
CA TYR H 180 -21.11 28.81 15.49
C TYR H 180 -21.21 30.15 16.21
N PHE H 181 -22.09 30.25 17.20
CA PHE H 181 -22.05 31.43 18.07
C PHE H 181 -20.75 31.50 18.84
N GLY H 182 -20.27 30.36 19.33
CA GLY H 182 -18.96 30.32 19.96
C GLY H 182 -17.85 30.73 18.98
N ALA H 183 -17.91 30.21 17.75
CA ALA H 183 -16.89 30.54 16.77
C ALA H 183 -16.90 32.04 16.46
N LEU H 184 -18.09 32.58 16.24
CA LEU H 184 -18.20 34.01 15.97
C LEU H 184 -17.73 34.84 17.15
N SER H 185 -17.97 34.34 18.37
CA SER H 185 -17.48 34.99 19.56
C SER H 185 -15.97 35.07 19.52
N PHE H 186 -15.31 33.97 19.14
CA PHE H 186 -13.86 33.98 19.06
C PHE H 186 -13.37 35.05 18.09
N ILE H 187 -13.98 35.10 16.91
CA ILE H 187 -13.52 36.04 15.89
C ILE H 187 -13.71 37.48 16.37
N ILE H 188 -14.88 37.77 16.93
CA ILE H 188 -15.15 39.12 17.38
C ILE H 188 -14.23 39.50 18.52
N ALA H 189 -13.99 38.56 19.45
CA ALA H 189 -13.12 38.85 20.57
C ALA H 189 -11.71 39.19 20.08
N GLU H 190 -11.22 38.48 19.06
CA GLU H 190 -9.89 38.73 18.54
C GLU H 190 -9.83 40.09 17.84
N MET H 191 -10.88 40.47 17.11
CA MET H 191 -10.93 41.80 16.50
C MET H 191 -10.91 42.89 17.59
N VAL H 192 -11.71 42.69 18.63
CA VAL H 192 -11.80 43.70 19.67
C VAL H 192 -10.47 43.82 20.40
N GLY H 193 -9.78 42.70 20.60
CA GLY H 193 -8.46 42.73 21.20
C GLY H 193 -7.50 43.57 20.38
N VAL H 194 -7.55 43.40 19.07
CA VAL H 194 -6.67 44.18 18.20
C VAL H 194 -6.99 45.65 18.33
N LEU H 195 -8.28 45.99 18.36
CA LEU H 195 -8.67 47.39 18.54
C LEU H 195 -8.17 47.95 19.88
N ALA H 196 -8.34 47.19 20.96
CA ALA H 196 -7.88 47.65 22.25
C ALA H 196 -6.37 47.93 22.25
N VAL H 197 -5.59 47.02 21.70
CA VAL H 197 -4.15 47.23 21.67
C VAL H 197 -3.81 48.45 20.81
N HIS H 198 -4.52 48.62 19.70
CA HIS H 198 -4.29 49.78 18.85
C HIS H 198 -4.55 51.07 19.60
N MET H 199 -5.63 51.10 20.39
CA MET H 199 -5.97 52.28 21.18
C MET H 199 -4.90 52.58 22.22
N PHE H 200 -4.40 51.53 22.89
CA PHE H 200 -3.32 51.72 23.84
C PHE H 200 -2.07 52.30 23.17
N ILE H 201 -1.74 51.79 21.99
CA ILE H 201 -0.58 52.28 21.25
C ILE H 201 -0.78 53.75 20.91
N ASP H 202 -1.96 54.11 20.43
CA ASP H 202 -2.20 55.50 20.08
C ASP H 202 -2.11 56.42 21.29
N ARG H 203 -2.62 55.94 22.43
CA ARG H 203 -2.56 56.74 23.64
C ARG H 203 -1.12 57.03 24.05
N HIS H 204 -0.24 56.04 24.02
CA HIS H 204 1.16 56.31 24.32
C HIS H 204 1.83 57.13 23.23
N LYS H 205 1.43 57.00 21.96
CA LYS H 205 2.02 57.87 20.95
C LYS H 205 1.68 59.35 21.25
N GLN H 206 0.41 59.60 21.59
CA GLN H 206 0.03 60.95 21.97
C GLN H 206 0.77 61.43 23.21
N LEU H 207 0.85 60.56 24.22
CA LEU H 207 1.57 60.91 25.44
C LEU H 207 3.03 61.26 25.16
N ARG H 208 3.65 60.58 24.17
CA ARG H 208 5.05 60.79 23.83
C ARG H 208 5.24 61.83 22.72
N ALA H 209 4.16 62.42 22.21
CA ALA H 209 4.23 63.42 21.15
C ALA H 209 4.65 64.78 21.77
#